data_6NZ7
#
_entry.id   6NZ7
#
_cell.length_a   91.769
_cell.length_b   123.905
_cell.length_c   119.338
_cell.angle_alpha   90.000
_cell.angle_beta   112.000
_cell.angle_gamma   90.000
#
_symmetry.space_group_name_H-M   'P 1 21 1'
#
loop_
_entity.id
_entity.type
_entity.pdbx_description
1 polymer 'Hemagglutinin HA1 chain'
2 polymer 'Hemagglutinin HA2 chain'
3 polymer '429 B01 FAB heavy chain'
4 polymer '429 B01 FAB light chain'
5 non-polymer 2-acetamido-2-deoxy-beta-D-glucopyranose
6 water water
#
loop_
_entity_poly.entity_id
_entity_poly.type
_entity_poly.pdbx_seq_one_letter_code
_entity_poly.pdbx_strand_id
1 'polypeptide(L)'
;NSTATLCLGHHAVPNGTLVKTITDDQIEVTNATELVQSSSTGKICNNPHRILDGIDCTLIDALLGDPHCDVFQNETWDLF
VERSKAFSNCYPYDVPDYASLRSLVASSGTLEFITEGFTWTGVTQNGGSNACKRGPGSGFFSRLNWLTKSGSTYPVLNVT
MPNNDNFDKLYIWGVHHPSTNQEQTSLYVQASGRVTVSTRRSQQTIIPNIESRPWVRGLSSRISIYWTIVKPGDVLVINS
NGNLIAPRGYFKMRTGKSSIMRSDAPIDTCISECITPNGSIPNDKPFQNVNKITYGACPKYVKQNTLKLATGMRNVPEK
;
A,E
2 'polypeptide(L)'
;GAIAGFIENGWEGMIDGWYGFRHQNSEGTGQAADLKSTQAAIDQINGKLNRVIEKTNEKFHQIEKEFSEVEGRIQDLEKY
VEDTKIDLWSYNAELLVALENQHTIDLTDSEMNKLFEKTRRQLRENAEDMGNGCFKIYHKCDNACIESIRNGTYDHDVYR
DEALNNRFQIKGV
;
B,F
3 'polypeptide(L)'
;QVQLVESGGGVVQPGRSLRLSCAASGFSFSTSVIHWVRQTPGKGLEWLAVISYDGSNKYYADSVQGRFTISRDNSNNTLY
LQVNSLRPEDTAVYYCARGITVFGLLIINSAMDVWGQGTTVTVSSASTKGPSVFPLAPSSKSTSGGTAALGCLVKDYFPE
PVTVSWNSGALTSGVHTFPAVLQSSGLYSLSSVVTVPSSSLGTQTYICNVNHKPSNTKVDKKVEPKSC
;
H,G
4 'polypeptide(L)'
;DIQMTQSPSSLSASVGDRVTITCRASQGISYNLAWYQQKPGRVPNLLIHAASRLQSGAPFRFSGSGSGTDFTLTISSLQP
EDVATYYCQKYDSVPLTFGQGTKVEIKRTVAAPSVFIFPPSDEQLKSGTASVVCLLNNFYPREAKVQWKVDNALQSGNSQ
ESVTEQDSKDSTYSLSSTLTLSKADYEKHKVYACEVTHQGLSSPVTKSFNRGEC
;
L,I
#
# COMPACT_ATOMS: atom_id res chain seq x y z
N ASN A 1 -7.24 -6.90 -50.93
CA ASN A 1 -7.06 -7.59 -52.21
C ASN A 1 -6.12 -6.85 -53.19
N SER A 2 -6.73 -6.21 -54.20
CA SER A 2 -6.03 -5.46 -55.25
C SER A 2 -5.47 -4.12 -54.80
N THR A 3 -5.98 -3.54 -53.71
CA THR A 3 -5.51 -2.27 -53.14
C THR A 3 -5.40 -2.41 -51.63
N ALA A 4 -4.89 -1.35 -51.00
CA ALA A 4 -4.74 -1.31 -49.54
C ALA A 4 -4.78 0.12 -49.03
N THR A 5 -5.10 0.22 -47.74
CA THR A 5 -5.20 1.48 -47.01
C THR A 5 -4.14 1.56 -45.93
N LEU A 6 -3.50 2.73 -45.82
CA LEU A 6 -2.45 3.03 -44.85
C LEU A 6 -2.82 4.34 -44.15
N CYS A 7 -3.29 4.23 -42.92
CA CYS A 7 -3.74 5.34 -42.10
C CYS A 7 -2.68 5.82 -41.11
N LEU A 8 -2.70 7.13 -40.88
CA LEU A 8 -1.82 7.80 -39.93
C LEU A 8 -2.66 8.33 -38.78
N GLY A 9 -2.15 8.14 -37.56
CA GLY A 9 -2.88 8.52 -36.38
C GLY A 9 -1.91 8.86 -35.25
N HIS A 10 -2.49 9.25 -34.12
CA HIS A 10 -1.72 9.60 -32.93
C HIS A 10 -2.31 8.90 -31.72
N HIS A 11 -1.52 8.86 -30.64
CA HIS A 11 -2.05 8.11 -29.53
C HIS A 11 -3.08 8.96 -28.78
N ALA A 12 -3.87 8.29 -27.93
CA ALA A 12 -4.88 8.97 -27.13
C ALA A 12 -5.08 8.24 -25.82
N VAL A 13 -5.71 8.93 -24.86
CA VAL A 13 -5.93 8.37 -23.54
C VAL A 13 -7.43 8.42 -23.29
N PRO A 14 -8.01 7.45 -22.58
CA PRO A 14 -9.46 7.51 -22.36
C PRO A 14 -9.88 8.77 -21.61
N ASN A 15 -9.10 9.18 -20.61
CA ASN A 15 -9.36 10.41 -19.87
C ASN A 15 -8.03 11.09 -19.58
N GLY A 16 -7.83 12.27 -20.18
CA GLY A 16 -6.60 13.01 -20.05
C GLY A 16 -6.71 14.16 -19.05
N THR A 17 -5.60 14.88 -18.88
CA THR A 17 -5.51 15.99 -17.94
C THR A 17 -5.73 17.32 -18.64
N LEU A 18 -6.37 18.26 -17.94
CA LEU A 18 -6.61 19.61 -18.46
C LEU A 18 -5.47 20.57 -18.11
N VAL A 19 -5.02 21.32 -19.12
CA VAL A 19 -3.99 22.34 -18.97
C VAL A 19 -4.46 23.60 -19.69
N LYS A 20 -3.71 24.69 -19.56
CA LYS A 20 -4.12 25.94 -20.20
C LYS A 20 -3.09 26.32 -21.25
N THR A 21 -3.58 26.90 -22.35
CA THR A 21 -2.67 27.39 -23.36
C THR A 21 -2.99 28.82 -23.75
N ILE A 22 -2.32 29.31 -24.79
CA ILE A 22 -2.50 30.68 -25.26
C ILE A 22 -3.86 30.86 -25.94
N THR A 23 -4.42 29.79 -26.52
CA THR A 23 -5.69 29.87 -27.23
C THR A 23 -6.85 29.26 -26.46
N ASP A 24 -6.59 28.30 -25.59
CA ASP A 24 -7.61 27.54 -24.89
C ASP A 24 -7.40 27.69 -23.40
N ASP A 25 -8.50 27.86 -22.64
CA ASP A 25 -8.37 27.93 -21.20
C ASP A 25 -8.28 26.53 -20.59
N GLN A 26 -8.86 25.54 -21.26
CA GLN A 26 -8.85 24.18 -20.74
C GLN A 26 -8.84 23.27 -21.97
N ILE A 27 -7.67 22.72 -22.27
CA ILE A 27 -7.52 21.77 -23.36
C ILE A 27 -6.93 20.50 -22.78
N GLU A 28 -7.61 19.38 -23.03
CA GLU A 28 -7.24 18.08 -22.51
C GLU A 28 -6.02 17.55 -23.23
N VAL A 29 -5.04 17.04 -22.48
CA VAL A 29 -3.79 16.54 -23.05
C VAL A 29 -3.50 15.12 -22.53
N THR A 30 -2.65 14.38 -23.27
CA THR A 30 -2.38 12.97 -22.94
C THR A 30 -1.57 12.83 -21.66
N ASN A 31 -0.77 13.84 -21.32
CA ASN A 31 0.10 13.84 -20.16
C ASN A 31 0.44 15.28 -19.81
N ALA A 32 0.67 15.49 -18.51
CA ALA A 32 1.06 16.77 -17.96
C ALA A 32 1.72 16.50 -16.62
N THR A 33 2.51 17.45 -16.14
CA THR A 33 3.13 17.26 -14.84
C THR A 33 2.78 18.44 -13.92
N GLU A 34 2.53 18.13 -12.65
CA GLU A 34 2.19 19.15 -11.66
C GLU A 34 3.45 19.88 -11.24
N LEU A 35 3.40 21.20 -11.24
CA LEU A 35 4.52 22.02 -10.84
C LEU A 35 4.32 22.71 -9.51
N VAL A 36 3.17 22.52 -8.86
CA VAL A 36 2.87 23.18 -7.59
C VAL A 36 2.65 22.19 -6.45
N GLN A 37 3.54 22.25 -5.46
CA GLN A 37 3.39 21.48 -4.23
C GLN A 37 2.27 22.12 -3.42
N SER A 38 1.24 21.34 -3.08
CA SER A 38 0.11 21.91 -2.35
C SER A 38 -0.23 21.18 -1.07
N SER A 39 0.55 20.19 -0.67
CA SER A 39 0.25 19.41 0.51
C SER A 39 1.44 19.45 1.46
N SER A 40 1.14 19.30 2.76
CA SER A 40 2.17 19.28 3.78
C SER A 40 1.87 18.17 4.77
N THR A 41 2.92 17.67 5.42
CA THR A 41 2.74 16.63 6.41
C THR A 41 2.10 17.13 7.70
N GLY A 42 2.20 18.43 7.97
CA GLY A 42 1.66 19.06 9.16
C GLY A 42 2.61 19.12 10.34
N LYS A 43 3.80 18.55 10.21
CA LYS A 43 4.81 18.52 11.27
C LYS A 43 6.09 19.13 10.71
N ILE A 44 6.93 19.64 11.61
CA ILE A 44 8.19 20.25 11.22
C ILE A 44 9.30 19.27 11.51
N CYS A 45 10.09 18.95 10.50
CA CYS A 45 11.17 17.98 10.64
C CYS A 45 12.36 18.59 11.37
N ASN A 46 12.76 17.94 12.47
CA ASN A 46 13.86 18.42 13.30
C ASN A 46 15.21 18.27 12.62
N ASN A 47 15.28 17.57 11.50
CA ASN A 47 16.52 17.46 10.74
C ASN A 47 16.30 17.92 9.29
N PRO A 48 17.36 18.40 8.64
CA PRO A 48 18.72 18.53 9.20
C PRO A 48 18.92 19.79 10.02
N HIS A 49 17.97 20.73 9.94
CA HIS A 49 18.10 22.01 10.62
C HIS A 49 17.84 21.90 12.12
N ARG A 50 18.63 22.60 12.91
CA ARG A 50 18.45 22.63 14.36
C ARG A 50 17.27 23.53 14.71
N ILE A 51 16.13 22.92 15.05
CA ILE A 51 14.91 23.64 15.36
C ILE A 51 14.78 23.77 16.87
N LEU A 52 14.48 24.98 17.34
CA LEU A 52 14.35 25.30 18.75
C LEU A 52 12.91 25.74 19.02
N ASP A 53 12.18 24.93 19.79
CA ASP A 53 10.78 25.21 20.09
C ASP A 53 10.69 26.23 21.24
N GLY A 54 10.10 27.39 20.94
CA GLY A 54 9.92 28.43 21.95
C GLY A 54 8.90 28.08 23.01
N ILE A 55 7.85 27.35 22.62
CA ILE A 55 6.79 26.93 23.53
C ILE A 55 6.07 28.14 24.10
N ASP A 56 6.34 28.50 25.34
CA ASP A 56 5.66 29.64 25.96
C ASP A 56 6.44 30.94 25.83
N CYS A 57 7.63 30.93 25.26
CA CYS A 57 8.47 32.12 25.18
C CYS A 57 8.63 32.60 23.75
N THR A 58 8.76 33.92 23.59
CA THR A 58 9.08 34.53 22.31
C THR A 58 10.59 34.80 22.26
N LEU A 59 11.10 35.09 21.07
CA LEU A 59 12.53 35.38 20.98
C LEU A 59 12.92 36.58 21.81
N ILE A 60 12.06 37.61 21.85
CA ILE A 60 12.37 38.81 22.62
C ILE A 60 12.29 38.56 24.11
N ASP A 61 11.27 37.82 24.56
CA ASP A 61 11.20 37.51 25.99
C ASP A 61 12.43 36.76 26.45
N ALA A 62 12.96 35.86 25.62
CA ALA A 62 14.17 35.13 25.99
C ALA A 62 15.38 36.05 25.97
N LEU A 63 15.42 36.95 24.98
CA LEU A 63 16.53 37.90 24.87
C LEU A 63 16.66 38.76 26.12
N LEU A 64 15.56 39.39 26.54
CA LEU A 64 15.59 40.27 27.70
C LEU A 64 15.81 39.50 28.99
N GLY A 65 15.31 38.28 29.09
CA GLY A 65 15.47 37.48 30.27
C GLY A 65 14.25 37.48 31.17
N ASP A 66 13.10 37.26 30.55
CA ASP A 66 11.86 37.13 31.29
C ASP A 66 11.98 35.92 32.21
N PRO A 67 11.65 36.05 33.50
CA PRO A 67 11.80 34.94 34.45
C PRO A 67 11.48 33.54 33.93
N HIS A 68 10.35 33.34 33.26
CA HIS A 68 10.00 32.01 32.77
C HIS A 68 10.73 31.60 31.49
N CYS A 69 11.59 32.47 30.94
CA CYS A 69 12.39 32.18 29.75
C CYS A 69 13.88 32.07 30.06
N ASP A 70 14.25 31.73 31.30
CA ASP A 70 15.66 31.65 31.66
C ASP A 70 16.32 30.40 31.08
N VAL A 71 15.53 29.39 30.69
CA VAL A 71 16.11 28.17 30.12
C VAL A 71 16.73 28.41 28.75
N PHE A 72 16.38 29.50 28.06
CA PHE A 72 16.92 29.79 26.73
C PHE A 72 18.22 30.57 26.78
N GLN A 73 18.79 30.77 27.97
CA GLN A 73 20.05 31.49 28.11
C GLN A 73 21.18 30.73 27.43
N ASN A 74 21.97 31.45 26.63
CA ASN A 74 23.05 30.86 25.85
C ASN A 74 22.57 29.74 24.93
N GLU A 75 21.33 29.83 24.46
CA GLU A 75 20.77 28.83 23.58
C GLU A 75 20.99 29.21 22.12
N THR A 76 21.17 28.20 21.26
CA THR A 76 21.41 28.45 19.85
C THR A 76 20.38 27.70 19.01
N TRP A 77 20.25 28.14 17.75
CA TRP A 77 19.26 27.56 16.84
C TRP A 77 19.63 27.89 15.40
N ASP A 78 18.96 27.18 14.49
CA ASP A 78 18.91 27.45 13.06
C ASP A 78 17.58 28.10 12.71
N LEU A 79 16.49 27.55 13.24
CA LEU A 79 15.16 28.10 13.10
C LEU A 79 14.53 28.18 14.49
N PHE A 80 14.12 29.38 14.89
CA PHE A 80 13.41 29.55 16.15
C PHE A 80 11.92 29.47 15.85
N VAL A 81 11.20 28.59 16.54
CA VAL A 81 9.77 28.43 16.30
C VAL A 81 9.00 29.11 17.43
N GLU A 82 8.21 30.13 17.06
CA GLU A 82 7.44 30.92 18.01
C GLU A 82 6.00 30.45 17.99
N ARG A 83 5.44 30.17 19.17
CA ARG A 83 4.07 29.67 19.27
C ARG A 83 3.10 30.79 19.59
N SER A 84 1.85 30.61 19.18
CA SER A 84 0.84 31.63 19.44
C SER A 84 0.50 31.69 20.93
N LYS A 85 0.68 30.58 21.64
CA LYS A 85 0.39 30.55 23.07
C LYS A 85 1.43 31.31 23.89
N ALA A 86 2.56 31.68 23.28
CA ALA A 86 3.61 32.37 24.00
C ALA A 86 3.05 33.64 24.65
N PHE A 87 3.58 33.98 25.81
CA PHE A 87 3.11 35.15 26.55
C PHE A 87 4.29 35.79 27.28
N SER A 88 4.09 37.04 27.69
CA SER A 88 5.05 37.79 28.49
C SER A 88 4.59 37.79 29.93
N ASN A 89 5.55 37.70 30.86
CA ASN A 89 5.22 37.65 32.27
C ASN A 89 6.18 38.48 33.12
N CYS A 90 6.77 39.53 32.53
CA CYS A 90 7.67 40.43 33.24
C CYS A 90 7.12 41.85 33.28
N TYR A 91 8.01 42.84 33.36
CA TYR A 91 7.57 44.23 33.35
C TYR A 91 7.02 44.61 31.98
N PRO A 92 5.89 45.31 31.92
CA PRO A 92 5.30 45.67 30.63
C PRO A 92 6.24 46.55 29.82
N TYR A 93 6.43 46.18 28.55
CA TYR A 93 7.37 46.88 27.69
C TYR A 93 6.83 46.99 26.27
N ASP A 94 7.46 47.88 25.51
CA ASP A 94 7.24 48.08 24.09
C ASP A 94 8.60 48.19 23.42
N VAL A 95 8.66 47.86 22.13
CA VAL A 95 9.93 47.98 21.43
C VAL A 95 9.75 48.75 20.13
N PRO A 96 10.12 50.02 20.07
CA PRO A 96 10.10 50.73 18.79
C PRO A 96 11.03 50.00 17.84
N ASP A 97 10.51 49.63 16.67
CA ASP A 97 11.25 48.81 15.70
C ASP A 97 11.44 47.40 16.25
N TYR A 98 10.33 46.81 16.72
CA TYR A 98 10.32 45.45 17.23
C TYR A 98 10.74 44.45 16.15
N ALA A 99 10.13 44.56 14.97
CA ALA A 99 10.42 43.62 13.88
C ALA A 99 11.91 43.56 13.61
N SER A 100 12.57 44.73 13.56
CA SER A 100 14.00 44.78 13.26
C SER A 100 14.83 44.11 14.35
N LEU A 101 14.50 44.32 15.62
CA LEU A 101 15.30 43.68 16.64
C LEU A 101 15.09 42.17 16.61
N ARG A 102 13.83 41.74 16.43
CA ARG A 102 13.54 40.32 16.31
C ARG A 102 14.27 39.72 15.13
N SER A 103 14.15 40.36 13.96
CA SER A 103 14.85 39.88 12.78
C SER A 103 16.36 39.88 12.98
N LEU A 104 16.90 40.93 13.60
CA LEU A 104 18.34 41.03 13.81
C LEU A 104 18.85 39.88 14.69
N VAL A 105 18.19 39.66 15.82
CA VAL A 105 18.60 38.59 16.73
C VAL A 105 18.38 37.23 16.08
N ALA A 106 17.24 37.08 15.39
CA ALA A 106 16.97 35.82 14.71
C ALA A 106 18.09 35.45 13.75
N SER A 107 18.60 36.44 12.99
CA SER A 107 19.68 36.17 12.04
C SER A 107 20.95 35.73 12.75
N SER A 108 21.20 36.26 13.93
CA SER A 108 22.40 35.87 14.67
C SER A 108 22.34 34.41 15.07
N GLY A 109 21.15 33.92 15.42
CA GLY A 109 20.98 32.52 15.74
C GLY A 109 21.56 32.10 17.07
N THR A 110 21.78 33.03 17.99
CA THR A 110 22.34 32.71 19.28
C THR A 110 22.00 33.80 20.29
N LEU A 111 21.92 33.41 21.56
CA LEU A 111 21.67 34.32 22.66
C LEU A 111 22.85 34.37 23.61
N GLU A 112 24.06 34.19 23.08
CA GLU A 112 25.28 34.19 23.89
C GLU A 112 25.51 35.53 24.55
N PHE A 113 25.27 35.63 25.86
CA PHE A 113 25.42 36.90 26.58
C PHE A 113 26.70 36.86 27.41
N ILE A 114 27.54 37.87 27.25
CA ILE A 114 28.78 38.02 28.03
C ILE A 114 28.60 39.21 28.96
N THR A 115 28.70 38.98 30.26
CA THR A 115 28.53 40.05 31.23
C THR A 115 29.78 40.93 31.31
N GLU A 116 29.55 42.22 31.46
CA GLU A 116 30.59 43.23 31.56
C GLU A 116 30.42 43.96 32.88
N GLY A 117 31.50 44.59 33.36
CA GLY A 117 31.46 45.15 34.69
C GLY A 117 30.61 46.40 34.84
N PHE A 118 30.72 47.35 33.91
CA PHE A 118 29.98 48.61 33.98
C PHE A 118 29.97 49.20 35.39
N THR A 119 30.70 50.29 35.61
CA THR A 119 30.70 50.97 36.91
C THR A 119 29.58 52.00 36.94
N TRP A 120 28.57 51.77 37.77
CA TRP A 120 27.46 52.72 37.94
C TRP A 120 27.62 53.37 39.31
N THR A 121 28.28 54.54 39.33
CA THR A 121 28.57 55.21 40.58
C THR A 121 27.43 56.17 40.93
N GLY A 122 27.07 56.22 42.22
CA GLY A 122 26.04 57.12 42.70
C GLY A 122 24.62 56.71 42.40
N VAL A 123 24.38 55.45 42.05
CA VAL A 123 23.04 54.95 41.76
C VAL A 123 22.85 53.58 42.38
N THR A 124 21.59 53.22 42.63
CA THR A 124 21.26 51.91 43.17
C THR A 124 21.00 50.95 42.02
N GLN A 125 21.68 49.82 42.04
CA GLN A 125 21.58 48.83 40.97
C GLN A 125 20.58 47.73 41.32
N ASN A 126 20.35 46.86 40.34
CA ASN A 126 19.55 45.66 40.51
C ASN A 126 18.14 45.96 41.02
N GLY A 127 17.48 46.91 40.38
CA GLY A 127 16.11 47.22 40.72
C GLY A 127 15.16 46.16 40.20
N GLY A 128 14.03 45.99 40.90
CA GLY A 128 13.07 44.97 40.52
C GLY A 128 11.64 45.44 40.74
N SER A 129 10.71 44.55 40.44
CA SER A 129 9.29 44.88 40.53
C SER A 129 8.47 43.64 40.83
N ASN A 130 7.28 43.86 41.39
CA ASN A 130 6.37 42.76 41.68
C ASN A 130 5.70 42.22 40.42
N ALA A 131 5.73 42.96 39.31
CA ALA A 131 5.20 42.46 38.05
C ALA A 131 6.08 41.41 37.41
N CYS A 132 7.38 41.37 37.76
CA CYS A 132 8.32 40.42 37.19
C CYS A 132 9.03 39.58 38.24
N LYS A 133 8.25 38.79 38.99
CA LYS A 133 8.82 37.99 40.07
C LYS A 133 9.65 36.84 39.53
N ARG A 134 10.80 36.61 40.15
CA ARG A 134 11.67 35.45 39.91
C ARG A 134 11.89 34.68 41.19
N GLY A 135 11.24 33.52 41.32
CA GLY A 135 11.23 32.78 42.56
C GLY A 135 10.21 33.37 43.52
N PRO A 136 10.42 33.20 44.82
CA PRO A 136 9.47 33.79 45.78
C PRO A 136 9.58 35.31 45.86
N GLY A 137 10.77 35.88 45.63
CA GLY A 137 10.96 37.31 45.72
C GLY A 137 10.71 38.02 44.39
N SER A 138 10.70 39.34 44.46
CA SER A 138 10.52 40.17 43.27
C SER A 138 11.75 40.09 42.37
N GLY A 139 11.60 40.53 41.13
CA GLY A 139 12.72 40.47 40.20
C GLY A 139 12.58 41.37 39.00
N PHE A 140 13.40 41.08 37.98
CA PHE A 140 13.46 41.91 36.79
C PHE A 140 14.11 41.11 35.67
N PHE A 141 14.14 41.71 34.47
CA PHE A 141 14.83 41.10 33.35
C PHE A 141 16.27 40.80 33.71
N SER A 142 16.66 39.54 33.55
CA SER A 142 17.99 39.10 33.95
C SER A 142 19.10 39.84 33.21
N ARG A 143 18.84 40.26 31.98
CA ARG A 143 19.83 40.93 31.14
C ARG A 143 19.78 42.44 31.24
N LEU A 144 18.95 42.99 32.14
CA LEU A 144 18.84 44.44 32.34
C LEU A 144 19.04 44.79 33.80
N ASN A 145 19.57 46.00 34.01
CA ASN A 145 19.88 46.49 35.34
C ASN A 145 19.10 47.78 35.58
N TRP A 146 18.13 47.73 36.47
CA TRP A 146 17.29 48.89 36.77
C TRP A 146 17.97 49.79 37.79
N LEU A 147 18.45 50.94 37.34
CA LEU A 147 19.15 51.87 38.22
C LEU A 147 18.20 52.92 38.79
N THR A 148 18.30 53.16 40.10
CA THR A 148 17.51 54.18 40.78
C THR A 148 18.43 55.05 41.63
N LYS A 149 17.83 56.07 42.25
CA LYS A 149 18.60 57.03 43.04
C LYS A 149 19.26 56.36 44.25
N SER A 150 20.36 56.95 44.72
CA SER A 150 21.04 56.53 45.94
C SER A 150 20.94 57.65 46.96
N GLY A 151 20.14 57.43 48.00
CA GLY A 151 19.91 58.46 49.00
C GLY A 151 18.93 59.50 48.52
N SER A 152 19.43 60.66 48.11
CA SER A 152 18.59 61.73 47.59
C SER A 152 19.14 62.35 46.32
N THR A 153 19.98 61.62 45.58
CA THR A 153 20.58 62.13 44.36
C THR A 153 20.70 61.05 43.31
N TYR A 154 20.45 61.42 42.05
CA TYR A 154 20.71 60.56 40.90
C TYR A 154 21.68 61.32 40.00
N PRO A 155 22.98 61.05 40.07
CA PRO A 155 23.94 61.85 39.32
C PRO A 155 23.89 61.56 37.83
N VAL A 156 24.59 62.38 37.06
CA VAL A 156 24.68 62.19 35.63
C VAL A 156 25.69 61.07 35.39
N LEU A 157 25.19 59.92 34.94
CA LEU A 157 26.05 58.77 34.69
C LEU A 157 26.82 58.97 33.39
N ASN A 158 28.09 58.59 33.39
CA ASN A 158 28.95 58.85 32.24
C ASN A 158 29.98 57.73 32.14
N VAL A 159 29.51 56.53 31.80
CA VAL A 159 30.31 55.33 31.77
C VAL A 159 30.64 54.97 30.34
N THR A 160 31.78 54.31 30.13
CA THR A 160 32.23 53.91 28.80
C THR A 160 32.68 52.46 28.83
N MET A 161 32.34 51.73 27.77
CA MET A 161 32.70 50.32 27.64
C MET A 161 33.18 50.10 26.21
N PRO A 162 34.49 50.00 26.01
CA PRO A 162 35.02 49.88 24.67
C PRO A 162 34.92 48.45 24.14
N ASN A 163 34.86 48.33 22.81
CA ASN A 163 34.82 47.04 22.12
C ASN A 163 36.18 46.77 21.51
N ASN A 164 36.97 45.96 22.22
CA ASN A 164 38.31 45.61 21.79
C ASN A 164 38.38 44.23 21.14
N ASP A 165 37.25 43.54 20.99
CA ASP A 165 37.20 42.22 20.39
C ASP A 165 37.04 42.37 18.88
N ASN A 166 37.07 41.24 18.17
CA ASN A 166 36.99 41.21 16.71
C ASN A 166 35.61 40.84 16.19
N PHE A 167 34.55 41.29 16.86
CA PHE A 167 33.19 41.00 16.42
C PHE A 167 32.27 42.13 16.88
N ASP A 168 31.05 42.15 16.32
CA ASP A 168 30.06 43.13 16.72
C ASP A 168 29.35 42.72 18.01
N LYS A 169 29.20 43.69 18.92
CA LYS A 169 28.50 43.49 20.18
C LYS A 169 27.12 44.14 20.11
N LEU A 170 26.10 43.41 20.54
CA LEU A 170 24.74 43.92 20.62
C LEU A 170 24.39 44.18 22.07
N TYR A 171 24.07 45.44 22.39
CA TYR A 171 23.72 45.86 23.73
C TYR A 171 22.23 46.17 23.76
N ILE A 172 21.53 45.66 24.77
CA ILE A 172 20.11 45.92 24.97
C ILE A 172 19.93 46.76 26.22
N TRP A 173 19.25 47.91 26.07
CA TRP A 173 19.00 48.84 27.15
C TRP A 173 17.59 49.39 27.00
N GLY A 174 17.13 50.15 28.00
CA GLY A 174 15.79 50.70 27.95
C GLY A 174 15.66 52.02 28.68
N VAL A 175 14.45 52.57 28.62
CA VAL A 175 14.13 53.85 29.24
C VAL A 175 12.80 53.69 29.95
N HIS A 176 12.78 53.96 31.25
CA HIS A 176 11.56 53.81 32.04
C HIS A 176 10.64 55.01 31.86
N HIS A 177 9.35 54.73 31.68
CA HIS A 177 8.34 55.77 31.52
C HIS A 177 7.36 55.70 32.69
N PRO A 178 7.57 56.50 33.74
CA PRO A 178 6.67 56.46 34.89
C PRO A 178 5.29 56.97 34.56
N SER A 179 4.32 56.55 35.36
CA SER A 179 2.93 56.94 35.16
C SER A 179 2.59 58.26 35.84
N THR A 180 3.34 58.66 36.87
CA THR A 180 3.05 59.90 37.56
C THR A 180 4.34 60.64 37.85
N ASN A 181 4.20 61.95 38.08
CA ASN A 181 5.33 62.81 38.38
C ASN A 181 5.95 62.51 39.75
N GLN A 182 5.14 61.99 40.69
CA GLN A 182 5.70 61.62 41.99
C GLN A 182 6.60 60.40 41.86
N GLU A 183 6.16 59.42 41.07
CA GLU A 183 6.98 58.24 40.79
C GLU A 183 8.31 58.64 40.17
N GLN A 184 8.26 59.52 39.17
CA GLN A 184 9.47 60.01 38.51
C GLN A 184 10.47 60.59 39.51
N THR A 185 10.01 61.49 40.39
CA THR A 185 10.94 62.13 41.33
C THR A 185 11.39 61.17 42.42
N SER A 186 10.50 60.30 42.89
CA SER A 186 10.87 59.35 43.94
C SER A 186 11.96 58.37 43.47
N LEU A 187 11.98 58.04 42.18
CA LEU A 187 12.95 57.09 41.62
C LEU A 187 14.22 57.78 41.13
N TYR A 188 14.08 58.88 40.38
CA TYR A 188 15.21 59.48 39.68
C TYR A 188 15.48 60.91 40.15
N VAL A 189 14.78 61.38 41.18
CA VAL A 189 14.91 62.71 41.78
C VAL A 189 14.57 63.82 40.79
N GLN A 190 15.24 63.86 39.64
CA GLN A 190 14.97 64.94 38.70
C GLN A 190 13.62 64.79 38.04
N ALA A 191 12.91 65.92 37.90
CA ALA A 191 11.56 65.91 37.36
C ALA A 191 11.50 65.44 35.92
N SER A 192 12.61 65.54 35.19
CA SER A 192 12.65 65.10 33.80
C SER A 192 13.98 64.42 33.55
N GLY A 193 13.94 63.13 33.25
CA GLY A 193 15.14 62.37 32.97
C GLY A 193 15.59 62.49 31.52
N ARG A 194 16.69 61.79 31.22
CA ARG A 194 17.22 61.74 29.87
C ARG A 194 18.20 60.58 29.77
N VAL A 195 18.12 59.86 28.65
CA VAL A 195 19.02 58.73 28.39
C VAL A 195 19.56 58.88 26.99
N THR A 196 20.87 58.83 26.85
CA THR A 196 21.51 58.90 25.54
C THR A 196 22.62 57.86 25.46
N VAL A 197 22.60 57.04 24.42
CA VAL A 197 23.69 56.09 24.21
C VAL A 197 24.25 56.35 22.84
N SER A 198 25.57 56.36 22.74
CA SER A 198 26.19 56.72 21.49
C SER A 198 27.43 55.89 21.26
N THR A 199 27.88 55.89 20.02
CA THR A 199 29.12 55.29 19.63
C THR A 199 29.79 56.25 18.67
N ARG A 200 30.93 55.83 18.17
CA ARG A 200 31.67 56.67 17.24
C ARG A 200 30.88 56.79 15.94
N ARG A 201 30.02 55.81 15.66
CA ARG A 201 29.23 55.81 14.42
C ARG A 201 27.76 56.13 14.63
N SER A 202 27.21 55.90 15.81
CA SER A 202 25.79 56.08 16.06
C SER A 202 25.55 56.95 17.29
N GLN A 203 24.30 57.38 17.46
CA GLN A 203 23.92 58.13 18.65
C GLN A 203 22.40 58.01 18.79
N GLN A 204 21.94 57.82 20.01
CA GLN A 204 20.51 57.78 20.33
C GLN A 204 20.16 58.64 21.54
N THR A 205 19.42 59.73 21.34
CA THR A 205 18.99 60.53 22.48
C THR A 205 17.48 60.37 22.62
N ILE A 206 17.02 60.09 23.84
CA ILE A 206 15.59 59.95 24.11
C ILE A 206 15.26 60.60 25.45
N ILE A 207 14.23 61.44 25.44
CA ILE A 207 13.70 62.06 26.65
C ILE A 207 12.44 61.31 27.05
N PRO A 208 12.40 60.63 28.19
CA PRO A 208 11.21 59.86 28.55
C PRO A 208 9.99 60.76 28.73
N ASN A 209 8.83 60.23 28.35
CA ASN A 209 7.58 60.96 28.50
C ASN A 209 6.80 60.34 29.65
N ILE A 210 6.27 61.18 30.53
CA ILE A 210 5.52 60.73 31.71
C ILE A 210 4.04 60.65 31.33
N GLU A 211 3.49 59.44 31.33
CA GLU A 211 2.13 59.18 30.87
C GLU A 211 1.67 57.84 31.40
N SER A 212 0.39 57.77 31.76
CA SER A 212 -0.24 56.54 32.22
C SER A 212 -0.72 55.76 31.01
N ARG A 213 -0.47 54.46 31.03
CA ARG A 213 -0.88 53.57 29.95
C ARG A 213 -1.86 52.54 30.48
N PRO A 214 -2.55 51.80 29.61
CA PRO A 214 -3.44 50.73 30.08
C PRO A 214 -2.75 49.73 30.98
N TRP A 215 -3.48 49.31 32.01
CA TRP A 215 -2.94 48.45 33.06
C TRP A 215 -2.52 47.08 32.54
N VAL A 216 -1.24 46.76 32.71
CA VAL A 216 -0.72 45.46 32.33
C VAL A 216 -0.03 44.85 33.54
N ARG A 217 -0.56 43.74 34.05
CA ARG A 217 -0.01 43.14 35.27
C ARG A 217 0.06 44.13 36.42
N GLY A 218 -1.05 44.82 36.67
CA GLY A 218 -1.11 45.78 37.75
C GLY A 218 -0.21 46.99 37.62
N LEU A 219 0.22 47.34 36.41
CA LEU A 219 1.10 48.48 36.21
C LEU A 219 0.59 49.35 35.07
N SER A 220 0.73 50.65 35.24
CA SER A 220 0.39 51.66 34.25
C SER A 220 1.60 52.17 33.51
N SER A 221 2.79 51.80 33.95
CA SER A 221 4.05 52.22 33.37
C SER A 221 4.54 51.19 32.35
N ARG A 222 5.56 51.59 31.60
CA ARG A 222 6.14 50.78 30.54
C ARG A 222 7.63 51.03 30.51
N ILE A 223 8.30 50.25 29.67
CA ILE A 223 9.72 50.44 29.36
C ILE A 223 9.85 50.36 27.85
N SER A 224 10.65 51.26 27.29
CA SER A 224 10.93 51.26 25.86
C SER A 224 12.31 50.62 25.67
N ILE A 225 12.35 49.55 24.87
CA ILE A 225 13.58 48.79 24.64
C ILE A 225 14.29 49.35 23.41
N TYR A 226 15.59 49.53 23.51
CA TYR A 226 16.39 50.02 22.41
C TYR A 226 17.62 49.13 22.32
N TRP A 227 18.32 49.22 21.19
CA TRP A 227 19.49 48.39 20.99
C TRP A 227 20.56 49.17 20.26
N THR A 228 21.80 48.81 20.54
CA THR A 228 22.95 49.45 19.92
C THR A 228 23.97 48.38 19.56
N ILE A 229 24.58 48.53 18.39
CA ILE A 229 25.64 47.65 17.94
C ILE A 229 26.93 48.47 17.94
N VAL A 230 27.99 47.88 18.47
CA VAL A 230 29.29 48.52 18.56
C VAL A 230 30.27 47.68 17.76
N LYS A 231 30.82 48.27 16.72
CA LYS A 231 31.79 47.56 15.90
C LYS A 231 33.16 47.55 16.56
N PRO A 232 34.05 46.66 16.14
CA PRO A 232 35.41 46.66 16.70
C PRO A 232 36.08 48.00 16.50
N GLY A 233 36.81 48.43 17.53
CA GLY A 233 37.48 49.72 17.54
C GLY A 233 36.56 50.87 17.89
N ASP A 234 35.29 50.60 18.12
CA ASP A 234 34.31 51.59 18.50
C ASP A 234 34.10 51.48 20.01
N VAL A 235 33.40 52.45 20.58
CA VAL A 235 33.17 52.48 22.02
C VAL A 235 31.72 52.81 22.32
N LEU A 236 31.18 52.17 23.36
CA LEU A 236 29.83 52.45 23.82
C LEU A 236 29.91 53.49 24.92
N VAL A 237 29.19 54.60 24.75
CA VAL A 237 29.13 55.67 25.75
C VAL A 237 27.69 55.82 26.20
N ILE A 238 27.46 55.74 27.51
CA ILE A 238 26.13 55.88 28.07
C ILE A 238 26.14 57.09 29.00
N ASN A 239 25.26 58.04 28.72
CA ASN A 239 25.12 59.23 29.55
C ASN A 239 23.66 59.32 29.95
N SER A 240 23.40 59.46 31.24
CA SER A 240 22.02 59.47 31.69
C SER A 240 21.90 60.22 33.00
N ASN A 241 20.92 61.10 33.08
CA ASN A 241 20.59 61.77 34.33
C ASN A 241 19.37 61.16 35.00
N GLY A 242 18.74 60.16 34.37
CA GLY A 242 17.59 59.46 34.94
C GLY A 242 16.89 58.49 34.00
N ASN A 243 16.11 57.58 34.58
CA ASN A 243 15.25 56.63 33.85
C ASN A 243 16.01 55.61 33.03
N LEU A 244 17.31 55.44 33.26
CA LEU A 244 18.09 54.49 32.49
C LEU A 244 17.86 53.06 32.98
N ILE A 245 17.57 52.16 32.05
CA ILE A 245 17.53 50.72 32.33
C ILE A 245 18.81 50.17 31.72
N ALA A 246 19.87 50.11 32.52
CA ALA A 246 21.20 49.84 32.00
C ALA A 246 21.36 48.40 31.49
N PRO A 247 22.25 48.19 30.53
CA PRO A 247 22.58 46.84 30.09
C PRO A 247 23.58 46.18 31.04
N ARG A 248 23.54 44.86 31.08
CA ARG A 248 24.45 44.10 31.92
C ARG A 248 25.66 43.58 31.14
N GLY A 249 25.64 43.69 29.81
CA GLY A 249 26.70 43.16 28.97
C GLY A 249 26.29 43.19 27.51
N TYR A 250 26.82 42.24 26.74
CA TYR A 250 26.53 42.21 25.32
C TYR A 250 26.18 40.81 24.86
N PHE A 251 25.58 40.76 23.68
CA PHE A 251 25.28 39.53 22.96
C PHE A 251 26.25 39.42 21.79
N LYS A 252 26.86 38.25 21.62
CA LYS A 252 27.80 38.11 20.51
C LYS A 252 27.02 37.91 19.22
N MET A 253 27.23 38.79 18.26
CA MET A 253 26.50 38.74 17.00
C MET A 253 27.21 37.82 16.00
N ARG A 254 26.42 37.07 15.25
CA ARG A 254 26.93 36.20 14.20
C ARG A 254 26.11 36.46 12.94
N THR A 255 26.73 36.22 11.79
CA THR A 255 26.05 36.28 10.51
C THR A 255 25.94 34.88 9.94
N GLY A 256 24.70 34.40 9.81
CA GLY A 256 24.46 33.05 9.37
C GLY A 256 23.13 32.89 8.66
N LYS A 257 22.73 31.63 8.45
CA LYS A 257 21.51 31.29 7.75
C LYS A 257 20.33 31.03 8.70
N SER A 258 20.33 31.66 9.88
CA SER A 258 19.29 31.42 10.86
C SER A 258 18.14 32.37 10.67
N SER A 259 16.98 31.97 11.19
CA SER A 259 15.82 32.82 11.05
C SER A 259 14.79 32.43 12.12
N ILE A 260 13.60 33.02 12.02
CA ILE A 260 12.52 32.76 12.97
C ILE A 260 11.24 32.58 12.18
N MET A 261 10.34 31.77 12.73
CA MET A 261 9.07 31.49 12.06
C MET A 261 7.97 31.38 13.10
N ARG A 262 6.80 31.92 12.76
CA ARG A 262 5.63 31.78 13.62
C ARG A 262 4.81 30.59 13.15
N SER A 263 4.68 29.58 14.01
CA SER A 263 3.94 28.36 13.67
C SER A 263 3.44 27.68 14.92
N ASP A 264 2.35 26.91 14.76
CA ASP A 264 1.77 26.11 15.83
C ASP A 264 1.81 24.63 15.47
N ALA A 265 2.65 24.26 14.53
CA ALA A 265 2.77 22.88 14.08
C ALA A 265 3.70 22.11 15.02
N PRO A 266 3.40 20.86 15.31
CA PRO A 266 4.26 20.06 16.17
C PRO A 266 5.53 19.70 15.43
N ILE A 267 6.56 19.40 16.20
CA ILE A 267 7.84 19.01 15.62
C ILE A 267 7.93 17.50 15.65
N ASP A 268 8.57 16.93 14.62
CA ASP A 268 8.66 15.50 14.42
C ASP A 268 10.04 15.13 13.92
N THR A 269 10.37 13.85 14.11
CA THR A 269 11.66 13.26 13.72
C THR A 269 11.61 12.82 12.25
N CYS A 270 12.19 13.64 11.37
CA CYS A 270 12.22 13.38 9.94
C CYS A 270 13.15 14.41 9.31
N ILE A 271 13.37 14.25 8.01
CA ILE A 271 14.33 15.06 7.27
C ILE A 271 13.58 15.86 6.22
N SER A 272 13.80 17.18 6.19
CA SER A 272 13.22 18.01 5.15
C SER A 272 13.96 19.33 5.09
N GLU A 273 14.51 19.66 3.92
CA GLU A 273 15.23 20.91 3.78
C GLU A 273 14.29 22.10 3.91
N CYS A 274 13.08 21.99 3.36
CA CYS A 274 12.11 23.08 3.33
C CYS A 274 11.15 22.98 4.51
N ILE A 275 10.95 24.11 5.20
CA ILE A 275 10.05 24.22 6.33
C ILE A 275 9.12 25.42 6.13
N THR A 276 7.85 25.23 6.43
CA THR A 276 6.86 26.28 6.37
C THR A 276 6.09 26.24 7.67
N PRO A 277 5.37 27.31 8.01
CA PRO A 277 4.56 27.28 9.25
C PRO A 277 3.59 26.12 9.29
N ASN A 278 3.11 25.65 8.14
CA ASN A 278 2.21 24.51 8.04
C ASN A 278 2.91 23.18 8.20
N GLY A 279 4.23 23.19 8.28
CA GLY A 279 5.04 21.99 8.37
C GLY A 279 6.03 21.90 7.23
N SER A 280 6.77 20.80 7.23
CA SER A 280 7.74 20.56 6.18
C SER A 280 7.04 20.14 4.90
N ILE A 281 7.66 20.46 3.77
CA ILE A 281 7.15 20.06 2.46
C ILE A 281 8.30 19.57 1.60
N PRO A 282 8.01 18.64 0.68
CA PRO A 282 9.08 18.19 -0.22
C PRO A 282 9.41 19.30 -1.20
N ASN A 283 10.70 19.42 -1.53
CA ASN A 283 11.18 20.45 -2.44
C ASN A 283 11.48 19.94 -3.84
N ASP A 284 10.81 18.86 -4.26
CA ASP A 284 11.04 18.29 -5.59
C ASP A 284 10.45 19.17 -6.70
N LYS A 285 9.27 19.87 -6.44
CA LYS A 285 8.60 20.72 -7.41
C LYS A 285 9.12 22.15 -7.36
N PRO A 286 9.04 22.87 -8.48
CA PRO A 286 9.58 24.23 -8.53
C PRO A 286 8.75 25.27 -7.79
N PHE A 287 7.45 25.04 -7.63
CA PHE A 287 6.61 26.01 -6.96
C PHE A 287 5.86 25.35 -5.82
N GLN A 288 5.22 26.18 -4.99
CA GLN A 288 4.47 25.65 -3.85
C GLN A 288 3.38 26.64 -3.47
N ASN A 289 2.33 26.08 -2.86
CA ASN A 289 1.12 26.79 -2.49
C ASN A 289 0.83 26.74 -0.99
N VAL A 290 1.74 26.19 -0.19
CA VAL A 290 1.44 25.98 1.22
C VAL A 290 1.53 27.28 2.02
N ASN A 291 2.62 28.04 1.84
CA ASN A 291 2.81 29.27 2.60
C ASN A 291 3.90 30.12 1.96
N LYS A 292 3.68 31.44 1.92
CA LYS A 292 4.71 32.33 1.35
C LYS A 292 5.93 32.41 2.26
N ILE A 293 5.74 32.18 3.56
CA ILE A 293 6.84 32.11 4.50
C ILE A 293 7.47 30.73 4.42
N THR A 294 8.79 30.68 4.23
CA THR A 294 9.49 29.40 4.04
C THR A 294 10.87 29.49 4.67
N TYR A 295 11.51 28.34 4.80
CA TYR A 295 12.89 28.27 5.27
C TYR A 295 13.60 27.07 4.69
N GLY A 296 14.78 27.34 4.13
CA GLY A 296 15.61 26.34 3.52
C GLY A 296 15.45 26.37 2.01
N ALA A 297 15.90 25.29 1.37
CA ALA A 297 15.77 25.22 -0.08
C ALA A 297 14.33 24.92 -0.46
N CYS A 298 13.54 25.98 -0.70
CA CYS A 298 12.12 25.83 -0.91
C CYS A 298 11.71 26.23 -2.33
N PRO A 299 10.63 25.64 -2.84
CA PRO A 299 10.05 26.14 -4.09
C PRO A 299 9.46 27.51 -3.88
N LYS A 300 9.42 28.29 -4.96
CA LYS A 300 8.89 29.65 -4.89
C LYS A 300 7.39 29.63 -4.66
N TYR A 301 6.93 30.50 -3.76
CA TYR A 301 5.50 30.57 -3.46
C TYR A 301 4.71 31.13 -4.63
N VAL A 302 3.57 30.50 -4.90
CA VAL A 302 2.67 30.86 -5.98
C VAL A 302 1.26 30.76 -5.41
N LYS A 303 0.30 31.52 -5.95
CA LYS A 303 -1.04 31.47 -5.40
C LYS A 303 -1.84 30.29 -5.90
N GLN A 304 -1.52 29.81 -7.09
CA GLN A 304 -2.21 28.69 -7.70
C GLN A 304 -1.93 27.39 -6.95
N ASN A 305 -2.94 26.54 -6.88
CA ASN A 305 -2.83 25.23 -6.27
C ASN A 305 -2.41 24.18 -7.28
N THR A 306 -2.47 24.51 -8.58
CA THR A 306 -2.06 23.63 -9.66
C THR A 306 -1.59 24.45 -10.85
N LEU A 307 -0.48 24.01 -11.44
CA LEU A 307 0.05 24.57 -12.68
C LEU A 307 0.55 23.37 -13.45
N LYS A 308 -0.21 22.98 -14.45
CA LYS A 308 0.04 21.79 -15.23
C LYS A 308 0.88 22.15 -16.45
N LEU A 309 1.98 21.44 -16.65
CA LEU A 309 2.83 21.68 -17.81
C LEU A 309 2.56 20.57 -18.80
N ALA A 310 2.12 20.95 -20.00
CA ALA A 310 1.78 19.95 -21.00
C ALA A 310 2.98 19.08 -21.27
N THR A 311 2.77 17.77 -21.18
CA THR A 311 3.78 16.76 -21.39
C THR A 311 3.34 15.78 -22.48
N GLY A 312 2.50 16.22 -23.39
CA GLY A 312 2.03 15.33 -24.42
C GLY A 312 1.26 16.10 -25.46
N MET A 313 0.85 15.38 -26.50
CA MET A 313 0.04 16.00 -27.53
C MET A 313 -1.40 16.09 -27.04
N ARG A 314 -2.24 16.77 -27.82
CA ARG A 314 -3.62 16.90 -27.36
C ARG A 314 -4.36 15.57 -27.46
N ASN A 315 -5.15 15.31 -26.43
CA ASN A 315 -5.88 14.05 -26.28
C ASN A 315 -7.29 14.18 -26.83
N VAL A 316 -7.61 13.40 -27.87
CA VAL A 316 -8.96 13.37 -28.42
C VAL A 316 -9.41 11.92 -28.31
N PRO A 317 -10.61 11.64 -27.82
CA PRO A 317 -11.00 10.24 -27.64
C PRO A 317 -11.29 9.61 -28.99
N GLU A 318 -11.09 8.31 -29.09
CA GLU A 318 -11.38 7.71 -30.38
C GLU A 318 -12.89 7.62 -30.52
N LYS A 319 -13.37 7.65 -31.75
CA LYS A 319 -14.81 7.58 -31.98
C LYS A 319 -15.27 6.18 -32.43
N GLY B 1 -15.02 -3.00 -39.53
CA GLY B 1 -13.90 -2.46 -38.77
C GLY B 1 -12.89 -1.68 -39.59
N ALA B 2 -13.37 -0.68 -40.32
CA ALA B 2 -12.47 0.14 -41.14
C ALA B 2 -11.58 1.01 -40.25
N ILE B 3 -10.37 1.25 -40.71
CA ILE B 3 -9.41 2.06 -39.97
C ILE B 3 -9.59 3.53 -40.35
N ALA B 4 -9.29 4.41 -39.40
CA ALA B 4 -9.42 5.85 -39.58
C ALA B 4 -8.13 6.55 -39.17
N GLY B 5 -7.87 7.71 -39.76
CA GLY B 5 -6.66 8.47 -39.52
C GLY B 5 -6.81 9.48 -38.40
N PHE B 6 -5.92 10.48 -38.42
CA PHE B 6 -5.79 11.45 -37.34
C PHE B 6 -6.75 12.63 -37.45
N ILE B 7 -7.49 12.75 -38.55
CA ILE B 7 -8.24 13.99 -38.82
C ILE B 7 -9.12 14.34 -37.63
N GLU B 8 -10.03 13.46 -37.27
CA GLU B 8 -10.89 13.68 -36.12
C GLU B 8 -10.95 12.42 -35.26
N ASN B 9 -9.80 11.79 -35.07
CA ASN B 9 -9.78 10.50 -34.39
C ASN B 9 -8.40 10.30 -33.78
N GLY B 10 -8.38 9.71 -32.58
CA GLY B 10 -7.14 9.36 -31.91
C GLY B 10 -7.14 7.86 -31.70
N TRP B 11 -5.99 7.25 -31.48
CA TRP B 11 -5.91 5.80 -31.33
C TRP B 11 -5.70 5.45 -29.87
N GLU B 12 -6.77 4.98 -29.22
CA GLU B 12 -6.67 4.57 -27.83
C GLU B 12 -5.71 3.41 -27.68
N GLY B 13 -5.85 2.40 -28.55
CA GLY B 13 -4.99 1.24 -28.53
C GLY B 13 -3.68 1.45 -29.25
N MET B 14 -2.92 2.43 -28.79
CA MET B 14 -1.59 2.71 -29.30
C MET B 14 -0.80 3.29 -28.13
N ILE B 15 0.03 2.46 -27.53
CA ILE B 15 0.76 2.85 -26.34
C ILE B 15 2.26 2.82 -26.54
N ASP B 16 2.74 2.28 -27.67
CA ASP B 16 4.17 2.23 -27.93
C ASP B 16 4.72 3.57 -28.39
N GLY B 17 3.87 4.46 -28.87
CA GLY B 17 4.33 5.78 -29.27
C GLY B 17 3.19 6.76 -29.43
N TRP B 18 3.52 7.95 -29.92
CA TRP B 18 2.54 9.02 -30.11
C TRP B 18 1.96 9.05 -31.51
N TYR B 19 2.78 8.74 -32.51
CA TYR B 19 2.37 8.68 -33.91
C TYR B 19 2.64 7.28 -34.43
N GLY B 20 1.84 6.85 -35.39
CA GLY B 20 2.03 5.52 -35.93
C GLY B 20 1.20 5.29 -37.16
N PHE B 21 1.26 4.04 -37.65
CA PHE B 21 0.55 3.63 -38.85
C PHE B 21 -0.42 2.52 -38.54
N ARG B 22 -1.47 2.44 -39.35
CA ARG B 22 -2.45 1.38 -39.24
C ARG B 22 -2.88 1.01 -40.66
N HIS B 23 -2.90 -0.29 -40.99
CA HIS B 23 -3.10 -0.68 -42.38
C HIS B 23 -4.15 -1.77 -42.54
N GLN B 24 -4.62 -1.92 -43.78
CA GLN B 24 -5.57 -2.96 -44.17
C GLN B 24 -5.14 -3.49 -45.54
N ASN B 25 -4.68 -4.72 -45.59
CA ASN B 25 -4.21 -5.29 -46.85
C ASN B 25 -4.69 -6.74 -46.95
N SER B 26 -4.11 -7.45 -47.93
CA SER B 26 -4.49 -8.82 -48.20
C SER B 26 -4.23 -9.74 -47.01
N GLU B 27 -3.18 -9.47 -46.22
CA GLU B 27 -2.81 -10.32 -45.11
C GLU B 27 -3.49 -9.93 -43.80
N GLY B 28 -4.50 -9.05 -43.86
CA GLY B 28 -5.22 -8.59 -42.69
C GLY B 28 -4.74 -7.24 -42.19
N THR B 29 -5.32 -6.83 -41.07
CA THR B 29 -5.04 -5.53 -40.48
C THR B 29 -3.79 -5.56 -39.61
N GLY B 30 -3.28 -4.37 -39.30
CA GLY B 30 -2.09 -4.26 -38.47
C GLY B 30 -1.89 -2.84 -37.98
N GLN B 31 -0.95 -2.70 -37.05
CA GLN B 31 -0.63 -1.42 -36.44
C GLN B 31 0.84 -1.38 -36.03
N ALA B 32 1.42 -0.19 -36.05
CA ALA B 32 2.81 -0.01 -35.68
C ALA B 32 3.06 1.44 -35.31
N ALA B 33 3.93 1.65 -34.34
CA ALA B 33 4.25 3.01 -33.91
C ALA B 33 5.45 3.52 -34.71
N ASP B 34 5.50 4.83 -34.89
CA ASP B 34 6.61 5.49 -35.57
C ASP B 34 7.53 6.11 -34.52
N LEU B 35 8.72 5.53 -34.36
CA LEU B 35 9.63 5.94 -33.30
C LEU B 35 10.37 7.22 -33.62
N LYS B 36 10.72 7.45 -34.90
CA LYS B 36 11.47 8.66 -35.22
C LYS B 36 10.66 9.92 -34.95
N SER B 37 9.39 9.94 -35.38
CA SER B 37 8.57 11.11 -35.12
C SER B 37 8.20 11.19 -33.64
N THR B 38 7.94 10.06 -32.99
CA THR B 38 7.68 10.11 -31.56
C THR B 38 8.90 10.61 -30.80
N GLN B 39 10.07 10.07 -31.10
CA GLN B 39 11.26 10.45 -30.36
C GLN B 39 11.62 11.93 -30.58
N ALA B 40 11.29 12.48 -31.75
CA ALA B 40 11.54 13.90 -32.03
C ALA B 40 10.74 14.81 -31.09
N ALA B 41 9.47 14.48 -30.89
CA ALA B 41 8.66 15.25 -29.95
C ALA B 41 9.18 15.10 -28.53
N ILE B 42 9.50 13.88 -28.12
CA ILE B 42 9.97 13.66 -26.76
C ILE B 42 11.23 14.47 -26.47
N ASP B 43 12.16 14.54 -27.43
CA ASP B 43 13.38 15.31 -27.20
C ASP B 43 13.08 16.77 -26.92
N GLN B 44 12.07 17.33 -27.59
CA GLN B 44 11.70 18.73 -27.33
C GLN B 44 11.05 18.90 -25.96
N ILE B 45 10.17 17.97 -25.59
CA ILE B 45 9.49 18.08 -24.30
C ILE B 45 10.47 17.92 -23.15
N ASN B 46 11.48 17.04 -23.30
CA ASN B 46 12.51 16.98 -22.26
C ASN B 46 13.13 18.35 -22.02
N GLY B 47 13.44 19.08 -23.11
CA GLY B 47 14.00 20.42 -22.97
C GLY B 47 13.12 21.38 -22.17
N LYS B 48 11.80 21.25 -22.30
CA LYS B 48 10.89 22.28 -21.79
C LYS B 48 10.85 22.36 -20.27
N LEU B 49 11.00 21.25 -19.55
CA LEU B 49 10.95 21.35 -18.10
C LEU B 49 12.07 22.23 -17.55
N ASN B 50 13.29 22.08 -18.06
CA ASN B 50 14.37 22.95 -17.62
C ASN B 50 14.12 24.39 -18.05
N ARG B 51 13.67 24.59 -19.29
CA ARG B 51 13.43 25.93 -19.81
C ARG B 51 12.31 26.64 -19.04
N VAL B 52 11.26 25.91 -18.67
CA VAL B 52 10.19 26.51 -17.89
C VAL B 52 10.67 26.91 -16.50
N ILE B 53 11.73 26.28 -16.00
CA ILE B 53 12.26 26.64 -14.69
C ILE B 53 13.46 27.57 -14.78
N GLU B 54 14.15 27.62 -15.92
CA GLU B 54 15.24 28.55 -16.08
C GLU B 54 14.76 29.97 -16.29
N LYS B 55 13.52 30.13 -16.74
CA LYS B 55 12.93 31.44 -16.97
C LYS B 55 12.01 31.88 -15.84
N THR B 56 11.25 30.97 -15.25
CA THR B 56 10.52 31.32 -14.04
C THR B 56 11.47 31.76 -12.95
N ASN B 57 12.70 31.23 -12.96
CA ASN B 57 13.70 31.68 -12.00
C ASN B 57 14.28 33.03 -12.38
N GLU B 58 14.00 33.51 -13.59
CA GLU B 58 14.46 34.80 -14.06
C GLU B 58 13.46 35.90 -13.74
N LYS B 59 12.17 35.62 -13.87
CA LYS B 59 11.16 36.62 -13.54
C LYS B 59 11.07 36.81 -12.03
N PHE B 60 11.15 35.72 -11.27
CA PHE B 60 11.05 35.82 -9.82
C PHE B 60 12.05 36.82 -9.27
N HIS B 61 13.29 36.78 -9.75
CA HIS B 61 14.27 37.77 -9.31
C HIS B 61 13.97 39.14 -9.89
N GLN B 62 13.61 39.18 -11.19
CA GLN B 62 13.29 40.46 -11.82
C GLN B 62 12.22 41.21 -11.05
N ILE B 63 11.12 40.53 -10.72
CA ILE B 63 10.04 41.16 -9.96
C ILE B 63 10.55 41.65 -8.62
N GLU B 64 11.31 40.81 -7.91
CA GLU B 64 11.78 41.22 -6.59
C GLU B 64 12.71 42.43 -6.67
N LYS B 65 13.50 42.54 -7.75
CA LYS B 65 14.39 43.69 -7.89
C LYS B 65 13.58 44.97 -7.99
N GLU B 66 12.47 44.94 -8.72
CA GLU B 66 11.64 46.14 -8.85
C GLU B 66 11.03 46.54 -7.52
N PHE B 67 10.49 45.56 -6.78
CA PHE B 67 9.92 45.86 -5.47
C PHE B 67 11.00 46.20 -4.45
N SER B 68 12.19 45.62 -4.58
CA SER B 68 13.29 46.00 -3.70
C SER B 68 13.66 47.46 -3.87
N GLU B 69 13.63 47.97 -5.12
CA GLU B 69 13.87 49.38 -5.35
C GLU B 69 12.83 50.24 -4.63
N VAL B 70 11.56 49.84 -4.71
CA VAL B 70 10.48 50.57 -4.06
C VAL B 70 10.68 50.61 -2.55
N GLU B 71 11.12 49.50 -1.96
CA GLU B 71 11.29 49.41 -0.50
C GLU B 71 12.01 50.62 0.10
N LEU B 77 8.60 44.89 3.80
CA LEU B 77 7.55 45.28 2.86
C LEU B 77 6.15 45.14 3.47
N GLU B 78 5.37 46.22 3.40
CA GLU B 78 4.00 46.21 3.89
C GLU B 78 3.23 45.05 3.29
N LYS B 79 2.11 44.66 3.91
CA LYS B 79 1.43 43.47 3.43
C LYS B 79 0.69 43.70 2.13
N TYR B 80 0.16 44.91 1.91
CA TYR B 80 -0.47 45.18 0.62
C TYR B 80 0.55 45.30 -0.50
N VAL B 81 1.78 45.71 -0.18
CA VAL B 81 2.84 45.73 -1.19
C VAL B 81 3.26 44.32 -1.55
N GLU B 82 3.40 43.45 -0.55
CA GLU B 82 3.88 42.09 -0.83
C GLU B 82 2.85 41.28 -1.60
N ASP B 83 1.58 41.32 -1.17
CA ASP B 83 0.56 40.56 -1.86
C ASP B 83 0.42 40.97 -3.32
N THR B 84 0.62 42.27 -3.63
CA THR B 84 0.65 42.71 -5.02
C THR B 84 1.78 42.02 -5.76
N LYS B 85 2.98 42.00 -5.16
CA LYS B 85 4.12 41.31 -5.74
C LYS B 85 3.81 39.85 -6.04
N ILE B 86 3.22 39.14 -5.08
CA ILE B 86 2.89 37.73 -5.28
C ILE B 86 1.84 37.58 -6.38
N ASP B 87 0.85 38.46 -6.42
CA ASP B 87 -0.17 38.39 -7.48
C ASP B 87 0.46 38.61 -8.85
N LEU B 88 1.39 39.55 -8.94
CA LEU B 88 2.08 39.80 -10.21
C LEU B 88 2.99 38.64 -10.59
N TRP B 89 3.68 38.05 -9.61
CA TRP B 89 4.54 36.92 -9.91
C TRP B 89 3.73 35.67 -10.23
N SER B 90 2.63 35.45 -9.52
CA SER B 90 1.79 34.30 -9.83
C SER B 90 1.15 34.43 -11.20
N TYR B 91 0.85 35.65 -11.64
CA TYR B 91 0.31 35.81 -12.98
C TYR B 91 1.38 35.51 -14.02
N ASN B 92 2.60 36.01 -13.80
CA ASN B 92 3.69 35.75 -14.74
C ASN B 92 4.00 34.27 -14.85
N ALA B 93 3.92 33.55 -13.74
CA ALA B 93 4.24 32.13 -13.77
C ALA B 93 3.22 31.38 -14.63
N GLU B 94 1.93 31.63 -14.42
CA GLU B 94 0.91 30.97 -15.23
C GLU B 94 1.09 31.29 -16.72
N LEU B 95 1.43 32.55 -17.04
CA LEU B 95 1.56 32.90 -18.44
C LEU B 95 2.70 32.13 -19.10
N LEU B 96 3.85 32.01 -18.44
CA LEU B 96 4.96 31.24 -19.01
C LEU B 96 4.54 29.79 -19.27
N VAL B 97 3.93 29.15 -18.27
CA VAL B 97 3.50 27.77 -18.43
C VAL B 97 2.46 27.66 -19.54
N ALA B 98 1.55 28.63 -19.61
CA ALA B 98 0.56 28.63 -20.68
C ALA B 98 1.23 28.73 -22.05
N LEU B 99 2.26 29.57 -22.16
CA LEU B 99 2.95 29.73 -23.44
C LEU B 99 3.66 28.45 -23.84
N GLU B 100 4.31 27.79 -22.89
CA GLU B 100 4.96 26.52 -23.18
C GLU B 100 3.94 25.48 -23.59
N ASN B 101 2.80 25.45 -22.87
CA ASN B 101 1.77 24.48 -23.23
C ASN B 101 1.29 24.72 -24.66
N GLN B 102 1.10 25.98 -25.03
CA GLN B 102 0.75 26.28 -26.42
C GLN B 102 1.81 25.75 -27.37
N HIS B 103 3.09 25.92 -27.01
CA HIS B 103 4.16 25.43 -27.86
C HIS B 103 4.18 23.91 -27.92
N THR B 104 3.94 23.24 -26.79
CA THR B 104 3.92 21.79 -26.80
C THR B 104 2.82 21.26 -27.69
N ILE B 105 1.64 21.87 -27.64
CA ILE B 105 0.55 21.43 -28.51
C ILE B 105 0.87 21.76 -29.95
N ASP B 106 1.57 22.85 -30.21
CA ASP B 106 1.89 23.17 -31.59
C ASP B 106 2.92 22.22 -32.15
N LEU B 107 3.98 21.93 -31.38
CA LEU B 107 5.02 21.04 -31.92
C LEU B 107 4.55 19.59 -32.03
N THR B 108 3.63 19.15 -31.16
CA THR B 108 3.12 17.79 -31.30
C THR B 108 2.16 17.69 -32.48
N ASP B 109 1.33 18.70 -32.69
CA ASP B 109 0.48 18.67 -33.89
C ASP B 109 1.32 18.82 -35.15
N SER B 110 2.38 19.63 -35.07
CA SER B 110 3.28 19.79 -36.21
C SER B 110 3.93 18.48 -36.62
N GLU B 111 4.35 17.68 -35.63
CA GLU B 111 5.04 16.43 -35.95
C GLU B 111 4.13 15.47 -36.70
N MET B 112 2.84 15.50 -36.41
CA MET B 112 1.88 14.65 -37.11
C MET B 112 1.82 15.01 -38.59
N ASN B 113 1.74 16.30 -38.90
CA ASN B 113 1.67 16.71 -40.29
C ASN B 113 2.93 16.34 -41.05
N LYS B 114 4.09 16.52 -40.44
CA LYS B 114 5.33 16.15 -41.10
C LYS B 114 5.34 14.67 -41.47
N LEU B 115 4.82 13.82 -40.59
CA LEU B 115 4.75 12.39 -40.88
C LEU B 115 3.77 12.11 -42.01
N PHE B 116 2.63 12.81 -42.03
CA PHE B 116 1.68 12.61 -43.11
C PHE B 116 2.27 13.04 -44.45
N GLU B 117 2.99 14.16 -44.46
CA GLU B 117 3.59 14.61 -45.71
C GLU B 117 4.75 13.73 -46.14
N LYS B 118 5.57 13.26 -45.18
CA LYS B 118 6.63 12.33 -45.54
C LYS B 118 6.06 11.10 -46.24
N THR B 119 4.95 10.57 -45.73
CA THR B 119 4.33 9.41 -46.36
C THR B 119 3.75 9.75 -47.72
N ARG B 120 3.10 10.90 -47.85
CA ARG B 120 2.57 11.30 -49.15
C ARG B 120 3.67 11.38 -50.20
N ARG B 121 4.82 11.97 -49.84
CA ARG B 121 5.93 12.05 -50.77
C ARG B 121 6.42 10.67 -51.20
N GLN B 122 6.43 9.72 -50.27
CA GLN B 122 6.86 8.37 -50.61
C GLN B 122 5.94 7.77 -51.66
N LEU B 123 4.63 7.80 -51.42
CA LEU B 123 3.69 7.18 -52.33
C LEU B 123 3.60 7.94 -53.65
N ARG B 124 3.95 9.22 -53.67
CA ARG B 124 3.95 10.03 -54.88
C ARG B 124 2.62 9.92 -55.60
N GLU B 125 2.62 9.36 -56.80
CA GLU B 125 1.42 9.26 -57.61
C GLU B 125 0.80 7.87 -57.56
N ASN B 126 1.28 6.99 -56.68
CA ASN B 126 0.78 5.63 -56.58
C ASN B 126 -0.38 5.51 -55.58
N ALA B 127 -0.76 6.59 -54.90
CA ALA B 127 -1.80 6.56 -53.89
C ALA B 127 -2.52 7.89 -53.89
N GLU B 128 -3.69 7.91 -53.26
CA GLU B 128 -4.48 9.12 -53.14
C GLU B 128 -4.84 9.36 -51.69
N ASP B 129 -4.87 10.63 -51.31
CA ASP B 129 -5.25 11.06 -49.98
C ASP B 129 -6.76 10.92 -49.83
N MET B 130 -7.19 9.99 -48.96
CA MET B 130 -8.62 9.76 -48.79
C MET B 130 -9.31 10.90 -48.03
N GLY B 131 -8.56 11.73 -47.31
CA GLY B 131 -9.11 12.89 -46.65
C GLY B 131 -9.33 12.74 -45.17
N ASN B 132 -9.26 11.52 -44.63
CA ASN B 132 -9.41 11.29 -43.20
C ASN B 132 -8.10 10.93 -42.54
N GLY B 133 -6.98 11.31 -43.14
CA GLY B 133 -5.67 10.92 -42.65
C GLY B 133 -5.20 9.57 -43.11
N CYS B 134 -5.76 9.03 -44.18
CA CYS B 134 -5.35 7.75 -44.74
C CYS B 134 -4.99 7.92 -46.20
N PHE B 135 -4.20 6.98 -46.70
CA PHE B 135 -3.88 6.90 -48.12
C PHE B 135 -4.49 5.62 -48.65
N LYS B 136 -5.14 5.70 -49.80
CA LYS B 136 -5.56 4.47 -50.46
C LYS B 136 -4.48 4.14 -51.49
N ILE B 137 -3.64 3.17 -51.14
CA ILE B 137 -2.55 2.75 -52.02
C ILE B 137 -3.12 1.79 -53.06
N TYR B 138 -2.96 2.16 -54.33
CA TYR B 138 -3.63 1.50 -55.45
C TYR B 138 -2.84 0.32 -56.02
N HIS B 139 -2.25 -0.50 -55.17
CA HIS B 139 -1.61 -1.73 -55.60
C HIS B 139 -1.52 -2.69 -54.42
N LYS B 140 -1.31 -3.97 -54.72
CA LYS B 140 -1.20 -4.98 -53.67
C LYS B 140 0.01 -4.68 -52.79
N CYS B 141 -0.24 -4.21 -51.57
CA CYS B 141 0.85 -3.86 -50.65
C CYS B 141 0.74 -4.79 -49.44
N ASP B 142 1.51 -5.89 -49.49
CA ASP B 142 1.52 -6.85 -48.38
C ASP B 142 2.27 -6.27 -47.19
N ASN B 143 2.39 -7.09 -46.14
CA ASN B 143 3.03 -6.64 -44.91
C ASN B 143 4.45 -6.16 -45.16
N ALA B 144 5.20 -6.86 -46.01
CA ALA B 144 6.56 -6.42 -46.30
C ALA B 144 6.57 -5.09 -47.03
N CYS B 145 5.57 -4.84 -47.88
CA CYS B 145 5.49 -3.58 -48.61
C CYS B 145 5.19 -2.42 -47.66
N ILE B 146 4.39 -2.68 -46.62
CA ILE B 146 4.08 -1.65 -45.63
C ILE B 146 5.33 -1.26 -44.85
N GLU B 147 6.08 -2.23 -44.32
CA GLU B 147 7.28 -1.91 -43.56
C GLU B 147 8.23 -1.02 -44.35
N SER B 148 8.30 -1.19 -45.67
CA SER B 148 9.18 -0.36 -46.46
C SER B 148 8.72 1.09 -46.47
N ILE B 149 7.40 1.33 -46.42
CA ILE B 149 6.91 2.70 -46.27
C ILE B 149 7.22 3.23 -44.87
N ARG B 150 6.99 2.40 -43.86
CA ARG B 150 7.21 2.85 -42.48
C ARG B 150 8.67 3.17 -42.21
N ASN B 151 9.60 2.40 -42.78
CA ASN B 151 11.02 2.67 -42.56
C ASN B 151 11.64 3.51 -43.68
N GLY B 152 10.83 4.13 -44.53
CA GLY B 152 11.30 5.14 -45.47
C GLY B 152 12.09 4.66 -46.66
N THR B 153 11.79 3.47 -47.19
CA THR B 153 12.51 2.95 -48.35
C THR B 153 11.58 2.58 -49.51
N TYR B 154 10.31 2.98 -49.46
CA TYR B 154 9.37 2.65 -50.51
C TYR B 154 9.75 3.34 -51.81
N ASP B 155 9.96 2.56 -52.87
CA ASP B 155 10.27 3.08 -54.19
C ASP B 155 9.01 3.01 -55.06
N HIS B 156 8.42 4.18 -55.34
CA HIS B 156 7.17 4.23 -56.10
C HIS B 156 7.35 3.71 -57.52
N ASP B 157 8.54 3.86 -58.11
CA ASP B 157 8.74 3.40 -59.49
C ASP B 157 8.51 1.90 -59.64
N VAL B 158 8.73 1.13 -58.56
CA VAL B 158 8.52 -0.31 -58.61
C VAL B 158 7.06 -0.63 -58.90
N TYR B 159 6.13 0.19 -58.37
CA TYR B 159 4.70 -0.06 -58.51
C TYR B 159 4.01 0.91 -59.45
N ARG B 160 4.77 1.77 -60.13
CA ARG B 160 4.15 2.80 -60.97
C ARG B 160 3.25 2.20 -62.02
N ASP B 161 3.75 1.22 -62.77
CA ASP B 161 2.93 0.63 -63.83
C ASP B 161 1.68 -0.02 -63.26
N GLU B 162 1.82 -0.79 -62.19
CA GLU B 162 0.65 -1.42 -61.58
C GLU B 162 -0.29 -0.35 -61.01
N ALA B 163 0.24 0.55 -60.17
CA ALA B 163 -0.60 1.55 -59.51
C ALA B 163 -1.38 2.38 -60.53
N LEU B 164 -0.69 2.98 -61.50
CA LEU B 164 -1.37 3.80 -62.49
C LEU B 164 -2.42 3.00 -63.25
N ASN B 165 -2.17 1.72 -63.50
CA ASN B 165 -3.17 0.91 -64.18
C ASN B 165 -4.42 0.73 -63.33
N ASN B 166 -4.26 0.65 -62.01
CA ASN B 166 -5.41 0.49 -61.13
C ASN B 166 -6.23 1.77 -61.04
N ARG B 167 -5.57 2.93 -60.93
CA ARG B 167 -6.30 4.19 -60.89
C ARG B 167 -7.06 4.43 -62.19
N PHE B 168 -6.46 4.06 -63.32
CA PHE B 168 -7.14 4.21 -64.61
C PHE B 168 -8.44 3.41 -64.64
N GLN B 169 -8.41 2.17 -64.14
CA GLN B 169 -9.57 1.29 -64.14
C GLN B 169 -10.86 2.05 -63.81
N ILE B 170 -11.09 2.36 -62.54
CA ILE B 170 -12.19 3.27 -62.13
C ILE B 170 -12.08 3.56 -60.64
N GLN C 1 7.20 -5.81 -3.05
CA GLN C 1 7.07 -7.13 -3.63
C GLN C 1 7.17 -7.09 -5.14
N VAL C 2 7.18 -5.88 -5.71
CA VAL C 2 7.35 -5.71 -7.15
C VAL C 2 8.71 -6.23 -7.59
N GLN C 3 8.76 -7.45 -8.09
CA GLN C 3 10.01 -8.13 -8.35
C GLN C 3 9.94 -8.87 -9.67
N LEU C 4 11.08 -9.43 -10.06
CA LEU C 4 11.15 -10.30 -11.23
C LEU C 4 12.37 -11.21 -11.08
N VAL C 5 12.15 -12.51 -11.12
CA VAL C 5 13.16 -13.50 -10.79
C VAL C 5 13.48 -14.33 -12.04
N GLU C 6 14.77 -14.51 -12.31
CA GLU C 6 15.22 -15.29 -13.45
C GLU C 6 15.46 -16.75 -13.06
N SER C 7 15.85 -17.53 -14.06
CA SER C 7 16.14 -18.94 -13.89
C SER C 7 16.57 -19.45 -15.25
N GLY C 8 17.31 -20.56 -15.24
CA GLY C 8 17.74 -21.22 -16.47
C GLY C 8 19.25 -21.29 -16.65
N GLY C 9 19.98 -20.35 -16.06
CA GLY C 9 21.43 -20.34 -16.20
C GLY C 9 22.06 -21.65 -15.73
N GLY C 10 23.32 -21.81 -16.13
CA GLY C 10 24.08 -22.98 -15.76
C GLY C 10 25.17 -23.23 -16.77
N VAL C 11 25.59 -24.52 -16.84
CA VAL C 11 26.66 -24.96 -17.73
C VAL C 11 26.06 -25.44 -19.04
N VAL C 12 26.74 -25.10 -20.13
CA VAL C 12 26.38 -25.55 -21.47
C VAL C 12 27.65 -25.63 -22.30
N GLN C 13 27.81 -26.73 -23.04
CA GLN C 13 29.05 -26.89 -23.79
C GLN C 13 29.03 -26.04 -25.06
N PRO C 14 30.17 -25.46 -25.44
CA PRO C 14 30.21 -24.60 -26.63
C PRO C 14 29.52 -25.23 -27.83
N GLY C 15 28.71 -24.43 -28.50
CA GLY C 15 28.00 -24.84 -29.69
C GLY C 15 26.52 -25.13 -29.48
N ARG C 16 26.10 -25.44 -28.26
CA ARG C 16 24.68 -25.66 -28.01
C ARG C 16 24.01 -24.36 -27.59
N SER C 17 22.72 -24.45 -27.25
CA SER C 17 21.87 -23.29 -27.02
C SER C 17 21.18 -23.41 -25.67
N LEU C 18 21.05 -22.28 -24.97
CA LEU C 18 20.33 -22.16 -23.70
C LEU C 18 19.07 -21.34 -23.87
N ARG C 19 18.23 -21.38 -22.82
CA ARG C 19 17.02 -20.57 -22.75
C ARG C 19 16.87 -20.05 -21.32
N LEU C 20 17.15 -18.77 -21.11
CA LEU C 20 16.86 -18.12 -19.84
C LEU C 20 15.40 -17.68 -19.81
N SER C 21 14.88 -17.51 -18.59
CA SER C 21 13.50 -17.10 -18.43
C SER C 21 13.41 -16.06 -17.31
N CYS C 22 12.54 -15.07 -17.51
CA CYS C 22 12.25 -14.02 -16.54
C CYS C 22 10.82 -14.22 -16.04
N ALA C 23 10.64 -14.20 -14.72
CA ALA C 23 9.34 -14.40 -14.11
C ALA C 23 8.97 -13.14 -13.36
N ALA C 24 7.99 -12.39 -13.88
CA ALA C 24 7.52 -11.19 -13.19
C ALA C 24 6.50 -11.55 -12.11
N SER C 25 6.42 -10.70 -11.09
CA SER C 25 5.52 -10.95 -9.98
C SER C 25 5.19 -9.63 -9.29
N GLY C 26 3.91 -9.27 -9.26
CA GLY C 26 3.44 -8.17 -8.46
C GLY C 26 3.10 -6.90 -9.20
N PHE C 27 2.92 -6.94 -10.51
CA PHE C 27 2.56 -5.73 -11.25
C PHE C 27 2.04 -6.13 -12.63
N SER C 28 1.55 -5.12 -13.35
CA SER C 28 1.04 -5.30 -14.70
C SER C 28 2.16 -5.71 -15.66
N PHE C 29 2.61 -6.96 -15.55
CA PHE C 29 3.64 -7.46 -16.45
C PHE C 29 3.26 -7.26 -17.91
N SER C 30 1.98 -7.49 -18.24
CA SER C 30 1.51 -7.33 -19.61
C SER C 30 1.76 -5.93 -20.17
N THR C 31 1.95 -4.93 -19.31
CA THR C 31 2.13 -3.57 -19.78
C THR C 31 3.51 -3.05 -19.42
N SER C 32 4.56 -3.70 -19.93
CA SER C 32 5.91 -3.31 -19.55
C SER C 32 6.91 -3.74 -20.61
N VAL C 33 7.74 -2.81 -21.03
CA VAL C 33 8.89 -3.15 -21.84
C VAL C 33 9.96 -3.80 -20.97
N ILE C 34 10.55 -4.89 -21.45
CA ILE C 34 11.52 -5.67 -20.68
C ILE C 34 12.80 -5.85 -21.49
N HIS C 35 13.93 -5.71 -20.82
CA HIS C 35 15.23 -5.72 -21.46
C HIS C 35 16.07 -6.89 -20.92
N TRP C 36 17.21 -7.13 -21.57
CA TRP C 36 18.21 -8.07 -21.08
C TRP C 36 19.57 -7.39 -21.09
N VAL C 37 20.35 -7.61 -20.03
CA VAL C 37 21.70 -7.03 -19.90
C VAL C 37 22.61 -8.07 -19.27
N ARG C 38 23.84 -8.16 -19.78
CA ARG C 38 24.84 -9.08 -19.25
C ARG C 38 26.08 -8.30 -18.81
N GLN C 39 26.95 -8.98 -18.07
CA GLN C 39 28.17 -8.35 -17.58
C GLN C 39 29.32 -9.36 -17.59
N THR C 40 30.41 -9.02 -18.27
CA THR C 40 31.62 -9.81 -18.15
C THR C 40 32.13 -9.75 -16.71
N PRO C 41 32.62 -10.85 -16.15
CA PRO C 41 33.06 -10.86 -14.76
C PRO C 41 33.97 -9.68 -14.41
N GLY C 42 33.50 -8.79 -13.55
CA GLY C 42 34.31 -7.64 -13.15
C GLY C 42 34.71 -6.76 -14.31
N LYS C 43 33.81 -6.55 -15.27
CA LYS C 43 34.07 -5.66 -16.39
C LYS C 43 33.04 -4.54 -16.46
N GLY C 44 32.00 -4.73 -17.24
CA GLY C 44 30.97 -3.72 -17.36
C GLY C 44 29.72 -4.27 -18.01
N LEU C 45 28.64 -3.53 -17.86
CA LEU C 45 27.35 -3.97 -18.37
C LEU C 45 27.30 -3.86 -19.89
N GLU C 46 26.64 -4.82 -20.53
CA GLU C 46 26.45 -4.82 -21.97
C GLU C 46 24.97 -5.00 -22.24
N TRP C 47 24.36 -4.05 -22.94
CA TRP C 47 22.94 -4.15 -23.24
C TRP C 47 22.74 -5.04 -24.47
N LEU C 48 21.84 -6.02 -24.34
CA LEU C 48 21.68 -7.09 -25.34
C LEU C 48 20.46 -6.89 -26.23
N ALA C 49 19.25 -6.91 -25.67
CA ALA C 49 18.05 -6.90 -26.50
C ALA C 49 16.87 -6.33 -25.72
N VAL C 50 15.80 -6.02 -26.45
CA VAL C 50 14.56 -5.47 -25.88
C VAL C 50 13.37 -6.07 -26.59
N ILE C 51 12.27 -6.24 -25.85
CA ILE C 51 11.03 -6.75 -26.40
C ILE C 51 9.90 -5.78 -26.09
N SER C 52 9.09 -5.49 -27.10
CA SER C 52 7.95 -4.62 -26.97
C SER C 52 7.01 -5.12 -25.87
N TYR C 53 5.99 -4.30 -25.60
CA TYR C 53 5.06 -4.62 -24.52
C TYR C 53 4.13 -5.76 -24.90
N ASP C 54 4.21 -6.26 -26.12
CA ASP C 54 3.31 -7.30 -26.59
C ASP C 54 4.01 -8.43 -27.34
N GLY C 55 5.28 -8.27 -27.67
CA GLY C 55 6.04 -9.24 -28.44
C GLY C 55 6.26 -8.82 -29.87
N SER C 56 5.44 -7.90 -30.38
CA SER C 56 5.50 -7.50 -31.79
C SER C 56 6.91 -7.15 -32.24
N ASN C 57 7.66 -6.40 -31.42
CA ASN C 57 8.93 -5.83 -31.85
C ASN C 57 10.08 -6.38 -31.00
N LYS C 58 11.25 -6.51 -31.62
CA LYS C 58 12.44 -7.06 -30.98
C LYS C 58 13.68 -6.43 -31.59
N TYR C 59 14.61 -6.01 -30.74
CA TYR C 59 15.85 -5.41 -31.23
C TYR C 59 17.02 -5.95 -30.43
N TYR C 60 18.16 -6.13 -31.10
CA TYR C 60 19.32 -6.78 -30.52
C TYR C 60 20.57 -5.94 -30.75
N ALA C 61 21.53 -6.08 -29.86
CA ALA C 61 22.81 -5.40 -29.99
C ALA C 61 23.58 -5.92 -31.22
N ASP C 62 24.61 -5.16 -31.61
CA ASP C 62 25.37 -5.50 -32.79
C ASP C 62 26.10 -6.83 -32.64
N SER C 63 26.85 -7.00 -31.55
CA SER C 63 27.59 -8.24 -31.37
C SER C 63 26.73 -9.39 -30.87
N VAL C 64 25.42 -9.27 -31.03
CA VAL C 64 24.47 -10.24 -30.50
C VAL C 64 23.45 -10.69 -31.55
N GLN C 65 23.57 -10.21 -32.77
CA GLN C 65 22.67 -10.60 -33.84
C GLN C 65 22.75 -12.09 -34.10
N GLY C 66 21.72 -12.60 -34.77
CA GLY C 66 21.69 -14.01 -35.15
C GLY C 66 21.47 -14.99 -34.03
N ARG C 67 22.22 -14.84 -32.93
CA ARG C 67 22.30 -15.90 -31.93
C ARG C 67 21.15 -15.87 -30.94
N PHE C 68 20.71 -14.67 -30.55
CA PHE C 68 19.76 -14.50 -29.46
C PHE C 68 18.34 -14.31 -29.98
N THR C 69 17.36 -14.54 -29.10
CA THR C 69 15.95 -14.51 -29.50
C THR C 69 15.08 -14.25 -28.27
N ILE C 70 14.60 -13.01 -28.11
CA ILE C 70 13.64 -12.68 -27.04
C ILE C 70 12.25 -13.16 -27.43
N SER C 71 11.40 -13.34 -26.42
CA SER C 71 10.03 -13.77 -26.60
C SER C 71 9.34 -13.71 -25.25
N ARG C 72 8.01 -13.64 -25.27
CA ARG C 72 7.27 -13.49 -24.02
C ARG C 72 5.88 -14.08 -24.13
N ASP C 73 5.42 -14.64 -23.02
CA ASP C 73 4.10 -15.27 -22.86
C ASP C 73 3.38 -14.44 -21.82
N ASN C 74 2.57 -13.47 -22.26
CA ASN C 74 1.89 -12.60 -21.30
C ASN C 74 0.91 -13.37 -20.44
N SER C 75 0.29 -14.42 -21.00
CA SER C 75 -0.53 -15.29 -20.17
C SER C 75 0.28 -15.87 -19.03
N ASN C 76 1.58 -16.10 -19.25
CA ASN C 76 2.47 -16.74 -18.30
C ASN C 76 3.39 -15.81 -17.55
N ASN C 77 3.36 -14.50 -17.82
CA ASN C 77 4.19 -13.57 -17.07
C ASN C 77 5.65 -14.00 -17.15
N THR C 78 6.07 -14.35 -18.37
CA THR C 78 7.42 -14.88 -18.57
C THR C 78 8.09 -14.24 -19.77
N LEU C 79 9.41 -14.11 -19.65
CA LEU C 79 10.28 -13.59 -20.69
C LEU C 79 11.39 -14.61 -20.93
N TYR C 80 11.88 -14.65 -22.17
CA TYR C 80 12.93 -15.61 -22.53
C TYR C 80 14.05 -14.91 -23.26
N LEU C 81 15.27 -15.21 -22.85
CA LEU C 81 16.46 -15.03 -23.69
C LEU C 81 16.91 -16.42 -24.08
N GLN C 82 17.19 -16.62 -25.36
CA GLN C 82 17.40 -17.95 -25.90
C GLN C 82 18.73 -17.95 -26.64
N VAL C 83 19.83 -18.02 -25.88
CA VAL C 83 21.15 -17.86 -26.46
C VAL C 83 21.47 -19.08 -27.30
N ASN C 84 21.99 -18.84 -28.50
CA ASN C 84 22.38 -19.91 -29.42
C ASN C 84 23.83 -19.71 -29.86
N SER C 85 24.44 -20.81 -30.29
CA SER C 85 25.83 -20.83 -30.77
C SER C 85 26.77 -20.15 -29.77
N LEU C 86 26.66 -20.57 -28.51
CA LEU C 86 27.41 -19.93 -27.43
C LEU C 86 28.90 -19.91 -27.73
N ARG C 87 29.58 -18.89 -27.22
CA ARG C 87 31.01 -18.66 -27.41
C ARG C 87 31.64 -18.21 -26.09
N PRO C 88 32.96 -18.07 -26.02
CA PRO C 88 33.59 -17.60 -24.77
C PRO C 88 33.22 -16.18 -24.39
N GLU C 89 32.54 -15.43 -25.27
CA GLU C 89 32.03 -14.10 -24.96
C GLU C 89 30.70 -14.14 -24.21
N ASP C 90 30.22 -15.32 -23.85
CA ASP C 90 28.93 -15.48 -23.20
C ASP C 90 29.03 -15.75 -21.71
N THR C 91 30.20 -16.12 -21.20
CA THR C 91 30.35 -16.27 -19.77
C THR C 91 30.11 -14.92 -19.10
N ALA C 92 28.99 -14.81 -18.37
CA ALA C 92 28.64 -13.55 -17.72
C ALA C 92 27.35 -13.75 -16.96
N VAL C 93 26.98 -12.74 -16.19
CA VAL C 93 25.69 -12.71 -15.50
C VAL C 93 24.69 -12.04 -16.43
N TYR C 94 23.48 -12.58 -16.49
CA TYR C 94 22.43 -12.07 -17.37
C TYR C 94 21.28 -11.58 -16.51
N TYR C 95 20.89 -10.32 -16.69
CA TYR C 95 19.89 -9.64 -15.89
C TYR C 95 18.64 -9.33 -16.71
N CYS C 96 17.48 -9.34 -16.03
CA CYS C 96 16.29 -8.74 -16.60
C CYS C 96 16.31 -7.24 -16.35
N ALA C 97 15.24 -6.58 -16.77
CA ALA C 97 15.08 -5.17 -16.49
C ALA C 97 13.73 -4.72 -17.02
N ARG C 98 13.12 -3.73 -16.37
CA ARG C 98 11.86 -3.19 -16.83
C ARG C 98 12.10 -1.78 -17.36
N GLY C 99 11.48 -1.46 -18.47
CA GLY C 99 11.57 -0.12 -19.01
C GLY C 99 10.56 0.78 -18.34
N ILE C 100 10.97 2.02 -18.04
CA ILE C 100 10.10 2.99 -17.38
C ILE C 100 9.21 3.62 -18.44
N THR C 101 8.01 4.01 -18.01
CA THR C 101 7.12 4.75 -18.89
C THR C 101 7.74 6.09 -19.24
N VAL C 102 7.51 6.57 -20.45
CA VAL C 102 7.98 7.88 -20.85
C VAL C 102 6.77 8.71 -21.27
N PHE C 103 6.42 9.70 -20.44
CA PHE C 103 5.28 10.58 -20.69
C PHE C 103 4.01 9.77 -20.97
N GLY C 104 3.83 8.68 -20.22
CA GLY C 104 2.66 7.85 -20.35
C GLY C 104 2.71 6.83 -21.46
N LEU C 105 3.83 6.75 -22.19
CA LEU C 105 3.97 5.80 -23.27
C LEU C 105 4.78 4.60 -22.81
N LEU C 106 4.49 3.45 -23.41
CA LEU C 106 5.29 2.25 -23.24
C LEU C 106 6.37 2.20 -24.33
N ILE C 107 7.17 3.26 -24.36
CA ILE C 107 8.20 3.37 -25.38
C ILE C 107 9.19 2.22 -25.26
N ILE C 108 9.78 1.83 -26.39
CA ILE C 108 10.67 0.69 -26.39
C ILE C 108 12.08 1.04 -25.90
N ASN C 109 12.50 2.29 -26.07
CA ASN C 109 13.84 2.73 -25.64
C ASN C 109 13.72 3.69 -24.47
N SER C 110 13.93 3.18 -23.25
CA SER C 110 13.92 3.99 -22.04
C SER C 110 14.94 3.41 -21.07
N ALA C 111 14.90 3.89 -19.83
CA ALA C 111 15.81 3.42 -18.82
C ALA C 111 15.22 2.23 -18.08
N MET C 112 16.07 1.54 -17.34
CA MET C 112 15.71 0.27 -16.71
C MET C 112 15.48 0.50 -15.23
N ASP C 113 14.23 0.27 -14.81
CA ASP C 113 13.78 0.53 -13.44
C ASP C 113 14.10 -0.62 -12.49
N VAL C 114 13.37 -1.73 -12.63
CA VAL C 114 13.50 -2.93 -11.81
C VAL C 114 14.46 -3.90 -12.47
N TRP C 115 15.24 -4.61 -11.66
CA TRP C 115 16.22 -5.58 -12.13
C TRP C 115 16.04 -6.91 -11.40
N GLY C 116 16.45 -8.00 -12.07
CA GLY C 116 16.46 -9.31 -11.43
C GLY C 116 17.80 -9.61 -10.78
N GLN C 117 17.84 -10.71 -10.02
CA GLN C 117 19.07 -11.07 -9.32
C GLN C 117 20.15 -11.53 -10.30
N GLY C 118 19.76 -12.18 -11.39
CA GLY C 118 20.68 -12.55 -12.44
C GLY C 118 21.17 -13.98 -12.40
N THR C 119 20.84 -14.77 -13.41
CA THR C 119 21.42 -16.09 -13.56
C THR C 119 22.73 -15.98 -14.33
N THR C 120 23.68 -16.83 -13.98
CA THR C 120 25.00 -16.85 -14.61
C THR C 120 25.07 -18.01 -15.59
N VAL C 121 25.60 -17.73 -16.78
CA VAL C 121 25.75 -18.71 -17.85
C VAL C 121 27.21 -18.76 -18.25
N THR C 122 27.87 -19.90 -18.02
CA THR C 122 29.27 -20.07 -18.35
C THR C 122 29.40 -21.19 -19.37
N VAL C 123 29.80 -20.83 -20.59
CA VAL C 123 30.01 -21.80 -21.66
C VAL C 123 31.33 -22.51 -21.44
N SER C 124 31.28 -23.83 -21.25
CA SER C 124 32.47 -24.64 -21.04
C SER C 124 32.08 -26.10 -21.10
N SER C 125 32.96 -26.92 -21.64
CA SER C 125 32.78 -28.37 -21.68
C SER C 125 33.53 -29.06 -20.54
N ALA C 126 33.71 -28.37 -19.42
CA ALA C 126 34.47 -28.92 -18.30
C ALA C 126 33.52 -29.59 -17.30
N SER C 127 34.07 -30.04 -16.17
CA SER C 127 33.29 -30.76 -15.19
C SER C 127 32.13 -29.89 -14.68
N THR C 128 31.17 -30.55 -14.01
CA THR C 128 29.99 -29.90 -13.44
C THR C 128 29.76 -30.54 -12.07
N LYS C 129 30.52 -30.08 -11.07
CA LYS C 129 30.60 -30.74 -9.78
C LYS C 129 30.17 -29.81 -8.65
N GLY C 130 29.80 -30.42 -7.54
CA GLY C 130 29.48 -29.72 -6.32
C GLY C 130 30.73 -29.37 -5.54
N PRO C 131 30.55 -28.53 -4.51
CA PRO C 131 31.70 -28.07 -3.72
C PRO C 131 32.07 -28.98 -2.56
N SER C 132 33.36 -28.94 -2.21
CA SER C 132 33.87 -29.50 -0.96
C SER C 132 34.01 -28.36 0.05
N VAL C 133 33.55 -28.60 1.28
CA VAL C 133 33.49 -27.57 2.31
C VAL C 133 34.31 -28.01 3.51
N PHE C 134 35.24 -27.15 3.95
CA PHE C 134 36.11 -27.43 5.08
C PHE C 134 36.01 -26.31 6.10
N PRO C 135 36.09 -26.60 7.40
CA PRO C 135 36.02 -25.53 8.40
C PRO C 135 37.38 -24.92 8.71
N LEU C 136 37.37 -23.61 8.98
CA LEU C 136 38.53 -22.88 9.47
C LEU C 136 38.30 -22.50 10.93
N ALA C 137 38.91 -23.25 11.86
CA ALA C 137 38.71 -23.03 13.30
C ALA C 137 40.03 -22.71 13.97
N PRO C 138 40.29 -21.47 14.43
CA PRO C 138 41.56 -21.19 15.13
C PRO C 138 41.44 -21.23 16.65
N SER C 139 42.48 -20.74 17.33
CA SER C 139 42.51 -20.67 18.78
C SER C 139 43.82 -20.04 19.26
N SER C 140 43.74 -18.82 19.78
CA SER C 140 44.94 -18.08 20.16
C SER C 140 44.63 -17.05 21.23
N GLY C 146 41.62 -8.83 20.81
CA GLY C 146 40.39 -9.06 21.53
C GLY C 146 39.45 -10.01 20.82
N THR C 147 39.14 -9.69 19.57
CA THR C 147 38.26 -10.51 18.76
C THR C 147 39.07 -11.53 17.95
N ALA C 148 38.44 -12.68 17.70
CA ALA C 148 39.01 -13.77 16.93
C ALA C 148 38.10 -14.10 15.76
N ALA C 149 38.69 -14.60 14.66
CA ALA C 149 37.95 -14.86 13.44
C ALA C 149 38.07 -16.32 13.02
N LEU C 150 37.00 -16.82 12.40
CA LEU C 150 36.94 -18.15 11.82
C LEU C 150 36.16 -18.05 10.51
N GLY C 151 36.10 -19.16 9.79
CA GLY C 151 35.42 -19.12 8.51
C GLY C 151 35.27 -20.50 7.91
N CYS C 152 34.92 -20.50 6.61
CA CYS C 152 34.71 -21.71 5.84
C CYS C 152 35.48 -21.58 4.54
N LEU C 153 36.08 -22.69 4.10
CA LEU C 153 36.80 -22.75 2.83
C LEU C 153 36.02 -23.64 1.88
N VAL C 154 35.53 -23.05 0.80
CA VAL C 154 34.78 -23.77 -0.24
C VAL C 154 35.74 -24.08 -1.39
N LYS C 155 35.94 -25.37 -1.65
CA LYS C 155 36.99 -25.83 -2.53
C LYS C 155 36.42 -26.69 -3.64
N ASP C 156 37.06 -26.62 -4.82
CA ASP C 156 36.81 -27.56 -5.91
C ASP C 156 35.33 -27.59 -6.29
N TYR C 157 34.89 -26.50 -6.92
CA TYR C 157 33.54 -26.45 -7.46
C TYR C 157 33.57 -25.82 -8.84
N PHE C 158 32.54 -26.15 -9.61
CA PHE C 158 32.38 -25.64 -10.97
C PHE C 158 30.98 -25.98 -11.44
N PRO C 159 30.30 -25.03 -12.12
CA PRO C 159 30.74 -23.67 -12.45
C PRO C 159 30.48 -22.68 -11.32
N GLU C 160 30.61 -21.39 -11.62
CA GLU C 160 30.18 -20.34 -10.71
C GLU C 160 28.65 -20.23 -10.73
N PRO C 161 28.06 -19.64 -9.68
CA PRO C 161 28.63 -19.17 -8.43
C PRO C 161 28.11 -19.97 -7.25
N VAL C 162 28.65 -19.72 -6.06
CA VAL C 162 28.12 -20.29 -4.83
C VAL C 162 27.77 -19.14 -3.89
N THR C 163 26.68 -19.30 -3.16
CA THR C 163 26.25 -18.34 -2.15
C THR C 163 26.56 -18.89 -0.76
N VAL C 164 26.94 -18.00 0.15
CA VAL C 164 27.31 -18.39 1.51
C VAL C 164 26.58 -17.49 2.49
N SER C 165 25.88 -18.12 3.43
CA SER C 165 25.24 -17.44 4.55
C SER C 165 25.68 -18.10 5.85
N TRP C 166 25.39 -17.44 6.96
CA TRP C 166 25.78 -17.90 8.29
C TRP C 166 24.54 -17.91 9.18
N ASN C 167 24.33 -19.02 9.90
CA ASN C 167 23.18 -19.17 10.80
C ASN C 167 21.86 -18.96 10.04
N SER C 168 21.79 -19.52 8.83
CA SER C 168 20.58 -19.48 8.02
C SER C 168 20.16 -18.04 7.68
N GLY C 169 21.13 -17.14 7.64
CA GLY C 169 20.90 -15.78 7.21
C GLY C 169 20.76 -14.76 8.32
N ALA C 170 20.63 -15.19 9.58
CA ALA C 170 20.45 -14.25 10.67
C ALA C 170 21.74 -13.57 11.09
N LEU C 171 22.89 -14.16 10.78
CA LEU C 171 24.19 -13.61 11.14
C LEU C 171 24.87 -13.14 9.86
N THR C 172 24.98 -11.82 9.70
CA THR C 172 25.58 -11.22 8.52
C THR C 172 26.66 -10.21 8.89
N SER C 173 26.54 -9.58 10.06
CA SER C 173 27.46 -8.52 10.42
C SER C 173 28.86 -9.08 10.64
N GLY C 174 29.84 -8.44 10.01
CA GLY C 174 31.23 -8.83 10.13
C GLY C 174 31.68 -9.89 9.14
N VAL C 175 30.86 -10.23 8.16
CA VAL C 175 31.16 -11.28 7.20
C VAL C 175 31.91 -10.70 6.01
N HIS C 176 32.85 -11.50 5.48
CA HIS C 176 33.57 -11.16 4.27
C HIS C 176 33.70 -12.43 3.44
N THR C 177 32.97 -12.50 2.33
CA THR C 177 33.05 -13.61 1.40
C THR C 177 33.91 -13.19 0.21
N PHE C 178 35.03 -13.87 0.03
CA PHE C 178 36.00 -13.41 -0.95
C PHE C 178 35.61 -13.83 -2.37
N PRO C 179 35.99 -13.05 -3.37
CA PRO C 179 35.74 -13.48 -4.75
C PRO C 179 36.41 -14.81 -5.06
N ALA C 180 35.71 -15.64 -5.83
CA ALA C 180 36.30 -16.89 -6.27
C ALA C 180 37.43 -16.64 -7.26
N VAL C 181 38.42 -17.53 -7.25
CA VAL C 181 39.52 -17.50 -8.21
C VAL C 181 39.56 -18.86 -8.90
N LEU C 182 39.89 -18.85 -10.19
CA LEU C 182 39.92 -20.08 -10.97
C LEU C 182 41.21 -20.85 -10.71
N GLN C 183 41.07 -22.04 -10.15
CA GLN C 183 42.22 -22.87 -9.83
C GLN C 183 42.81 -23.46 -11.10
N SER C 184 44.06 -23.90 -11.02
CA SER C 184 44.71 -24.56 -12.15
C SER C 184 44.00 -25.84 -12.54
N SER C 185 43.27 -26.47 -11.62
CA SER C 185 42.54 -27.70 -11.90
C SER C 185 41.25 -27.47 -12.68
N GLY C 186 40.91 -26.22 -12.99
CA GLY C 186 39.68 -25.92 -13.69
C GLY C 186 38.48 -25.65 -12.81
N LEU C 187 38.62 -25.82 -11.50
CA LEU C 187 37.55 -25.53 -10.55
C LEU C 187 37.89 -24.28 -9.75
N TYR C 188 36.86 -23.61 -9.25
CA TYR C 188 37.04 -22.39 -8.49
C TYR C 188 37.31 -22.68 -7.02
N SER C 189 37.88 -21.69 -6.33
CA SER C 189 38.11 -21.73 -4.89
C SER C 189 37.72 -20.37 -4.32
N LEU C 190 37.18 -20.37 -3.10
CA LEU C 190 36.53 -19.17 -2.59
C LEU C 190 37.02 -18.76 -1.21
N SER C 191 36.33 -19.22 -0.15
CA SER C 191 36.63 -18.91 1.25
C SER C 191 35.69 -17.83 1.78
N SER C 192 35.04 -18.10 2.91
CA SER C 192 34.15 -17.16 3.58
C SER C 192 34.53 -17.08 5.03
N VAL C 193 34.61 -15.87 5.58
CA VAL C 193 35.02 -15.65 6.95
C VAL C 193 34.03 -14.73 7.63
N VAL C 194 34.05 -14.75 8.96
CA VAL C 194 33.20 -13.90 9.78
C VAL C 194 33.91 -13.65 11.10
N THR C 195 33.86 -12.41 11.58
CA THR C 195 34.53 -12.04 12.81
C THR C 195 33.55 -12.06 13.98
N VAL C 196 33.99 -12.63 15.09
CA VAL C 196 33.19 -12.74 16.30
C VAL C 196 34.08 -12.49 17.51
N PRO C 197 33.48 -12.22 18.67
CA PRO C 197 34.30 -12.00 19.87
C PRO C 197 35.00 -13.29 20.29
N SER C 198 36.31 -13.19 20.55
CA SER C 198 37.08 -14.34 20.98
C SER C 198 36.48 -15.03 22.19
N SER C 199 35.66 -14.32 22.96
CA SER C 199 35.05 -14.89 24.16
C SER C 199 33.91 -15.84 23.85
N SER C 200 33.45 -15.90 22.60
CA SER C 200 32.31 -16.75 22.23
C SER C 200 32.79 -18.11 21.71
N LEU C 201 33.51 -18.83 22.57
CA LEU C 201 34.04 -20.14 22.23
C LEU C 201 33.02 -21.21 22.64
N GLY C 202 32.39 -21.81 21.64
CA GLY C 202 31.38 -22.84 21.83
C GLY C 202 30.25 -22.53 22.79
N THR C 203 30.20 -21.30 23.32
CA THR C 203 28.98 -20.82 23.94
C THR C 203 28.01 -20.29 22.88
N GLN C 204 28.55 -19.99 21.69
CA GLN C 204 27.77 -19.57 20.53
C GLN C 204 28.09 -20.51 19.38
N THR C 205 27.05 -21.02 18.72
CA THR C 205 27.20 -21.91 17.59
C THR C 205 27.37 -21.10 16.31
N TYR C 206 28.36 -21.46 15.50
CA TYR C 206 28.64 -20.75 14.25
C TYR C 206 28.59 -21.75 13.11
N ILE C 207 27.60 -21.59 12.23
CA ILE C 207 27.38 -22.48 11.09
C ILE C 207 27.38 -21.65 9.82
N CYS C 208 28.24 -22.02 8.86
CA CYS C 208 28.20 -21.43 7.53
C CYS C 208 27.35 -22.32 6.62
N ASN C 209 26.35 -21.71 5.99
CA ASN C 209 25.42 -22.45 5.12
C ASN C 209 25.83 -22.18 3.67
N VAL C 210 26.31 -23.21 3.00
CA VAL C 210 26.79 -23.11 1.63
C VAL C 210 25.75 -23.77 0.72
N ASN C 211 25.31 -23.03 -0.30
CA ASN C 211 24.31 -23.51 -1.26
C ASN C 211 24.88 -23.39 -2.67
N HIS C 212 24.87 -24.49 -3.40
CA HIS C 212 25.40 -24.56 -4.77
C HIS C 212 24.27 -25.04 -5.69
N LYS C 213 23.54 -24.09 -6.29
CA LYS C 213 22.37 -24.40 -7.09
C LYS C 213 22.68 -25.17 -8.37
N PRO C 214 23.78 -24.86 -9.09
CA PRO C 214 24.04 -25.56 -10.36
C PRO C 214 23.86 -27.07 -10.31
N SER C 215 24.22 -27.71 -9.19
CA SER C 215 24.09 -29.15 -9.04
C SER C 215 23.08 -29.53 -7.96
N ASN C 216 22.25 -28.59 -7.52
CA ASN C 216 21.21 -28.87 -6.53
C ASN C 216 21.83 -29.46 -5.26
N THR C 217 22.89 -28.82 -4.79
CA THR C 217 23.62 -29.28 -3.62
C THR C 217 23.21 -28.51 -2.37
N LYS C 218 23.28 -29.18 -1.23
CA LYS C 218 22.87 -28.63 0.06
C LYS C 218 23.95 -28.95 1.08
N VAL C 219 24.39 -27.94 1.82
CA VAL C 219 25.47 -28.12 2.80
C VAL C 219 25.22 -27.23 4.01
N ASP C 220 25.49 -27.79 5.19
CA ASP C 220 25.56 -27.04 6.45
C ASP C 220 26.79 -27.54 7.17
N LYS C 221 27.72 -26.64 7.50
CA LYS C 221 28.98 -27.04 8.11
C LYS C 221 29.18 -26.22 9.38
N LYS C 222 29.28 -26.90 10.50
CA LYS C 222 29.58 -26.24 11.76
C LYS C 222 31.09 -26.02 11.89
N VAL C 223 31.46 -24.85 12.38
CA VAL C 223 32.85 -24.49 12.64
C VAL C 223 32.97 -24.27 14.14
N GLU C 224 33.78 -25.08 14.80
CA GLU C 224 33.87 -25.09 16.25
C GLU C 224 35.32 -25.03 16.72
N PRO C 225 35.55 -24.61 17.97
CA PRO C 225 36.88 -24.56 18.56
C PRO C 225 37.43 -25.94 18.91
N ASP D 1 27.66 2.92 -35.16
CA ASP D 1 26.75 3.70 -34.34
C ASP D 1 27.51 4.59 -33.37
N ILE D 2 26.76 5.26 -32.49
CA ILE D 2 27.33 6.14 -31.49
C ILE D 2 28.28 5.35 -30.60
N GLN D 3 28.97 6.02 -29.66
CA GLN D 3 29.97 5.34 -28.85
C GLN D 3 30.19 6.16 -27.57
N MET D 4 29.63 5.67 -26.46
CA MET D 4 29.79 6.31 -25.16
C MET D 4 31.19 6.10 -24.62
N THR D 5 31.75 7.14 -24.01
CA THR D 5 33.12 7.13 -23.51
C THR D 5 33.15 7.70 -22.09
N GLN D 6 32.61 6.92 -21.14
CA GLN D 6 32.60 7.32 -19.74
C GLN D 6 34.00 7.68 -19.26
N SER D 7 34.04 8.51 -18.22
CA SER D 7 35.31 8.98 -17.65
C SER D 7 35.08 9.91 -16.44
N PRO D 8 36.00 9.88 -15.46
CA PRO D 8 37.20 9.05 -15.44
C PRO D 8 36.91 7.56 -15.26
N SER D 9 37.83 6.71 -15.73
CA SER D 9 37.63 5.26 -15.63
C SER D 9 37.52 4.80 -14.18
N SER D 10 38.11 5.53 -13.24
CA SER D 10 38.04 5.20 -11.82
C SER D 10 38.73 6.26 -10.99
N LEU D 11 38.35 6.43 -9.73
CA LEU D 11 38.83 7.56 -8.94
C LEU D 11 38.73 7.22 -7.46
N SER D 12 39.40 8.04 -6.65
CA SER D 12 39.35 7.93 -5.20
C SER D 12 39.16 9.32 -4.63
N ALA D 13 38.22 9.47 -3.70
CA ALA D 13 37.92 10.76 -3.11
C ALA D 13 37.61 10.58 -1.63
N SER D 14 37.58 11.70 -0.91
CA SER D 14 37.34 11.72 0.52
C SER D 14 35.87 12.05 0.83
N VAL D 15 35.45 11.69 2.04
CA VAL D 15 34.08 11.94 2.45
C VAL D 15 33.80 13.44 2.43
N GLY D 16 32.58 13.80 2.06
CA GLY D 16 32.17 15.19 1.94
C GLY D 16 32.67 15.89 0.70
N ASP D 17 33.38 15.18 -0.17
CA ASP D 17 33.95 15.75 -1.37
C ASP D 17 32.88 15.89 -2.45
N ARG D 18 33.26 16.52 -3.56
CA ARG D 18 32.36 16.76 -4.70
C ARG D 18 32.95 16.04 -5.91
N VAL D 19 32.40 14.87 -6.25
CA VAL D 19 32.89 14.04 -7.33
C VAL D 19 32.06 14.29 -8.58
N THR D 20 32.66 14.08 -9.75
CA THR D 20 31.98 14.31 -11.02
C THR D 20 32.47 13.32 -12.07
N ILE D 21 31.53 12.61 -12.68
CA ILE D 21 31.80 11.73 -13.82
C ILE D 21 31.24 12.41 -15.06
N THR D 22 31.82 12.11 -16.23
CA THR D 22 31.42 12.71 -17.50
C THR D 22 31.24 11.63 -18.54
N CYS D 23 30.04 11.56 -19.11
CA CYS D 23 29.72 10.65 -20.20
C CYS D 23 29.73 11.44 -21.51
N ARG D 24 30.57 11.02 -22.46
CA ARG D 24 30.63 11.68 -23.76
C ARG D 24 30.11 10.75 -24.86
N ALA D 25 29.52 11.36 -25.89
CA ALA D 25 28.95 10.64 -27.01
C ALA D 25 29.58 11.10 -28.31
N SER D 26 29.68 10.17 -29.27
CA SER D 26 30.23 10.45 -30.59
C SER D 26 29.20 11.04 -31.53
N GLN D 27 28.05 11.46 -31.01
CA GLN D 27 26.96 11.99 -31.81
C GLN D 27 25.81 12.35 -30.89
N GLY D 28 25.12 13.45 -31.20
CA GLY D 28 24.05 13.93 -30.35
C GLY D 28 23.01 12.89 -29.98
N ILE D 29 22.58 12.93 -28.72
CA ILE D 29 21.55 12.02 -28.23
C ILE D 29 20.46 12.74 -27.43
N SER D 30 20.51 14.08 -27.34
CA SER D 30 19.53 14.88 -26.62
C SER D 30 19.64 14.68 -25.11
N TYR D 31 18.51 14.36 -24.48
CA TYR D 31 18.47 14.08 -23.07
C TYR D 31 18.34 12.59 -22.78
N ASN D 32 18.43 11.75 -23.81
CA ASN D 32 18.20 10.32 -23.67
C ASN D 32 19.44 9.62 -23.09
N LEU D 33 19.80 10.05 -21.89
CA LEU D 33 20.92 9.45 -21.19
C LEU D 33 20.50 9.17 -19.75
N ALA D 34 20.89 8.01 -19.24
CA ALA D 34 20.55 7.60 -17.89
C ALA D 34 21.83 7.26 -17.15
N TRP D 35 21.78 7.34 -15.83
CA TRP D 35 22.90 6.98 -14.99
C TRP D 35 22.49 5.84 -14.07
N TYR D 36 23.38 4.86 -13.94
CA TYR D 36 23.14 3.68 -13.14
C TYR D 36 24.23 3.52 -12.10
N GLN D 37 23.84 3.00 -10.94
CA GLN D 37 24.76 2.71 -9.86
C GLN D 37 24.74 1.22 -9.58
N GLN D 38 25.91 0.65 -9.30
CA GLN D 38 26.02 -0.77 -8.99
C GLN D 38 26.89 -0.91 -7.75
N LYS D 39 26.25 -0.94 -6.57
CA LYS D 39 26.99 -1.16 -5.33
C LYS D 39 27.53 -2.58 -5.28
N PRO D 40 28.69 -2.78 -4.67
CA PRO D 40 29.30 -4.12 -4.65
C PRO D 40 28.32 -5.19 -4.20
N GLY D 41 28.24 -6.27 -4.98
CA GLY D 41 27.38 -7.40 -4.67
C GLY D 41 25.92 -7.16 -4.93
N ARG D 42 25.53 -5.91 -5.10
CA ARG D 42 24.13 -5.59 -5.35
C ARG D 42 23.86 -5.48 -6.84
N VAL D 43 22.58 -5.53 -7.19
CA VAL D 43 22.13 -5.36 -8.56
C VAL D 43 22.11 -3.86 -8.84
N PRO D 44 22.28 -3.42 -10.09
CA PRO D 44 22.27 -1.97 -10.36
C PRO D 44 20.89 -1.36 -10.14
N ASN D 45 20.89 -0.20 -9.50
CA ASN D 45 19.68 0.59 -9.38
C ASN D 45 19.81 1.84 -10.23
N LEU D 46 18.66 2.36 -10.67
CA LEU D 46 18.65 3.53 -11.53
C LEU D 46 18.82 4.81 -10.71
N LEU D 47 19.62 5.74 -11.23
CA LEU D 47 19.86 7.02 -10.55
C LEU D 47 19.28 8.18 -11.36
N ILE D 48 19.89 8.54 -12.48
CA ILE D 48 19.43 9.63 -13.33
C ILE D 48 18.84 9.03 -14.60
N HIS D 49 17.80 9.66 -15.11
CA HIS D 49 17.20 9.30 -16.38
C HIS D 49 16.67 10.58 -17.01
N ALA D 50 16.81 10.69 -18.33
CA ALA D 50 16.53 11.93 -19.06
C ALA D 50 17.62 12.98 -18.84
N ALA D 51 18.81 12.55 -18.43
CA ALA D 51 19.97 13.42 -18.27
C ALA D 51 19.99 14.14 -16.92
N SER D 52 18.83 14.53 -16.40
CA SER D 52 18.81 15.35 -15.19
C SER D 52 17.76 14.94 -14.16
N ARG D 53 16.71 14.22 -14.52
CA ARG D 53 15.72 13.81 -13.53
C ARG D 53 16.30 12.79 -12.58
N LEU D 54 15.85 12.85 -11.33
CA LEU D 54 16.29 11.92 -10.30
C LEU D 54 15.20 10.87 -10.08
N GLN D 55 15.63 9.67 -9.68
CA GLN D 55 14.72 8.55 -9.53
C GLN D 55 14.23 8.42 -8.09
N SER D 56 12.96 8.05 -7.92
CA SER D 56 12.38 7.90 -6.58
C SER D 56 13.28 7.06 -5.70
N GLY D 57 13.27 7.37 -4.40
CA GLY D 57 14.08 6.61 -3.46
C GLY D 57 15.56 6.60 -3.75
N ALA D 58 16.04 7.58 -4.51
CA ALA D 58 17.46 7.74 -4.79
C ALA D 58 18.01 8.90 -4.00
N PRO D 59 19.17 8.75 -3.35
CA PRO D 59 19.69 9.83 -2.52
C PRO D 59 19.81 11.14 -3.30
N PHE D 60 19.53 12.25 -2.61
CA PHE D 60 19.53 13.55 -3.27
C PHE D 60 20.94 14.02 -3.63
N ARG D 61 21.97 13.45 -3.01
CA ARG D 61 23.35 13.81 -3.35
C ARG D 61 23.64 13.68 -4.83
N PHE D 62 22.89 12.85 -5.55
CA PHE D 62 23.15 12.57 -6.96
C PHE D 62 22.32 13.48 -7.87
N SER D 63 22.99 14.01 -8.89
CA SER D 63 22.34 14.93 -9.83
C SER D 63 23.04 14.86 -11.17
N GLY D 64 22.27 15.07 -12.24
CA GLY D 64 22.83 15.02 -13.58
C GLY D 64 22.55 16.26 -14.40
N SER D 65 23.60 16.91 -14.89
CA SER D 65 23.49 18.16 -15.63
C SER D 65 24.27 18.05 -16.94
N GLY D 66 23.58 17.60 -17.99
CA GLY D 66 24.19 17.56 -19.32
C GLY D 66 23.12 17.56 -20.39
N SER D 67 23.57 17.49 -21.64
CA SER D 67 22.71 17.31 -22.80
C SER D 67 23.58 17.37 -24.05
N GLY D 68 23.03 16.87 -25.16
CA GLY D 68 23.76 16.82 -26.41
C GLY D 68 24.75 15.67 -26.50
N THR D 69 26.04 16.00 -26.47
CA THR D 69 27.11 15.00 -26.49
C THR D 69 28.07 15.27 -25.35
N ASP D 70 27.53 15.50 -24.16
CA ASP D 70 28.37 15.84 -23.02
C ASP D 70 27.54 15.95 -21.76
N PHE D 71 27.63 14.94 -20.91
CA PHE D 71 26.82 14.85 -19.71
C PHE D 71 27.72 14.74 -18.48
N THR D 72 27.13 14.98 -17.32
CA THR D 72 27.89 15.00 -16.08
C THR D 72 27.00 14.52 -14.95
N LEU D 73 27.36 13.38 -14.37
CA LEU D 73 26.77 12.94 -13.13
C LEU D 73 27.66 13.44 -12.01
N THR D 74 27.07 14.10 -11.03
CA THR D 74 27.85 14.75 -9.98
C THR D 74 27.33 14.29 -8.63
N ILE D 75 28.25 13.91 -7.76
CA ILE D 75 27.96 13.56 -6.38
C ILE D 75 28.53 14.69 -5.54
N SER D 76 27.69 15.27 -4.69
CA SER D 76 28.12 16.32 -3.78
C SER D 76 28.04 15.79 -2.37
N SER D 77 29.03 16.16 -1.56
CA SER D 77 29.12 15.62 -0.20
C SER D 77 29.12 14.10 -0.24
N LEU D 78 30.11 13.55 -0.94
CA LEU D 78 30.20 12.10 -1.11
C LEU D 78 30.14 11.42 0.25
N GLN D 79 29.47 10.27 0.29
CA GLN D 79 29.28 9.54 1.54
C GLN D 79 29.91 8.17 1.41
N PRO D 80 30.05 7.42 2.51
CA PRO D 80 30.65 6.09 2.40
C PRO D 80 29.81 5.13 1.60
N GLU D 81 28.48 5.25 1.69
CA GLU D 81 27.59 4.33 0.98
C GLU D 81 27.83 4.37 -0.53
N ASP D 82 28.35 5.49 -1.04
CA ASP D 82 28.50 5.69 -2.47
C ASP D 82 29.66 4.92 -3.06
N VAL D 83 30.11 3.85 -2.41
CA VAL D 83 31.14 2.99 -2.99
C VAL D 83 30.47 2.06 -3.98
N ALA D 84 30.84 2.19 -5.25
CA ALA D 84 30.25 1.38 -6.31
C ALA D 84 30.80 1.77 -7.67
N THR D 85 30.28 1.19 -8.74
CA THR D 85 30.64 1.53 -10.10
C THR D 85 29.44 2.16 -10.78
N TYR D 86 29.67 3.31 -11.43
CA TYR D 86 28.61 4.10 -12.04
C TYR D 86 28.71 4.00 -13.55
N TYR D 87 27.59 3.68 -14.19
CA TYR D 87 27.50 3.50 -15.64
C TYR D 87 26.50 4.49 -16.22
N CYS D 88 26.85 5.07 -17.36
CA CYS D 88 25.92 5.88 -18.13
C CYS D 88 25.42 5.08 -19.33
N GLN D 89 24.16 5.30 -19.71
CA GLN D 89 23.55 4.55 -20.78
C GLN D 89 22.86 5.50 -21.74
N LYS D 90 23.09 5.28 -23.03
CA LYS D 90 22.48 6.09 -24.08
C LYS D 90 21.29 5.33 -24.63
N TYR D 91 20.09 5.84 -24.38
CA TYR D 91 18.87 5.21 -24.89
C TYR D 91 18.15 6.07 -25.94
N ASP D 92 18.88 6.85 -26.72
CA ASP D 92 18.25 7.61 -27.79
C ASP D 92 17.63 6.68 -28.82
N SER D 93 18.44 5.77 -29.37
CA SER D 93 17.95 4.70 -30.22
C SER D 93 18.90 3.52 -30.08
N VAL D 94 18.46 2.38 -30.62
CA VAL D 94 19.22 1.13 -30.59
C VAL D 94 20.56 1.25 -31.31
N PRO D 95 21.63 0.69 -30.73
CA PRO D 95 21.62 -0.06 -29.46
C PRO D 95 21.77 0.81 -28.24
N LEU D 96 21.06 0.48 -27.16
CA LEU D 96 21.13 1.25 -25.92
C LEU D 96 22.49 1.06 -25.24
N THR D 97 23.56 1.51 -25.89
CA THR D 97 24.91 1.27 -25.40
C THR D 97 25.06 1.75 -23.95
N PHE D 98 25.99 1.13 -23.25
CA PHE D 98 26.35 1.48 -21.89
C PHE D 98 27.74 2.11 -21.87
N GLY D 99 27.98 2.94 -20.88
CA GLY D 99 29.33 3.43 -20.66
C GLY D 99 30.28 2.29 -20.37
N GLN D 100 31.55 2.64 -20.27
CA GLN D 100 32.58 1.67 -19.95
C GLN D 100 32.66 1.37 -18.46
N GLY D 101 32.10 2.23 -17.63
CA GLY D 101 32.06 2.08 -16.19
C GLY D 101 32.97 3.06 -15.49
N THR D 102 32.62 3.38 -14.24
CA THR D 102 33.44 4.25 -13.39
C THR D 102 33.34 3.76 -11.96
N LYS D 103 34.47 3.42 -11.38
CA LYS D 103 34.54 2.90 -10.01
C LYS D 103 34.91 4.03 -9.06
N VAL D 104 34.09 4.22 -8.04
CA VAL D 104 34.25 5.30 -7.06
C VAL D 104 34.65 4.66 -5.74
N GLU D 105 35.79 5.10 -5.21
CA GLU D 105 36.34 4.52 -4.00
C GLU D 105 36.62 5.63 -3.00
N ILE D 106 36.47 5.30 -1.72
CA ILE D 106 36.61 6.29 -0.65
C ILE D 106 38.07 6.43 -0.25
N LYS D 107 38.41 7.65 0.18
CA LYS D 107 39.72 7.99 0.72
C LYS D 107 39.51 8.41 2.17
N ARG D 108 40.12 7.68 3.10
CA ARG D 108 39.82 7.86 4.52
C ARG D 108 41.11 7.65 5.31
N THR D 109 40.97 7.64 6.63
CA THR D 109 42.11 7.42 7.51
C THR D 109 42.78 6.08 7.17
N VAL D 110 43.99 5.89 7.68
CA VAL D 110 44.75 4.67 7.48
C VAL D 110 44.36 3.64 8.54
N ALA D 111 44.26 2.37 8.11
CA ALA D 111 43.89 1.26 8.96
C ALA D 111 44.89 0.13 8.78
N ALA D 112 45.33 -0.49 9.94
CA ALA D 112 46.28 -1.60 9.92
C ALA D 112 45.56 -2.94 9.76
N PRO D 113 46.12 -3.89 9.01
CA PRO D 113 45.43 -5.18 8.80
C PRO D 113 45.55 -6.12 9.99
N SER D 114 44.45 -6.81 10.30
CA SER D 114 44.46 -7.90 11.26
C SER D 114 44.80 -9.22 10.57
N VAL D 115 45.86 -9.89 11.04
CA VAL D 115 46.38 -11.07 10.39
C VAL D 115 45.97 -12.31 11.19
N PHE D 116 45.53 -13.34 10.46
CA PHE D 116 45.26 -14.66 11.02
C PHE D 116 45.66 -15.71 10.00
N ILE D 117 46.07 -16.87 10.48
CA ILE D 117 46.44 -18.00 9.63
C ILE D 117 45.68 -19.23 10.09
N PHE D 118 45.18 -20.02 9.14
CA PHE D 118 44.37 -21.20 9.43
C PHE D 118 45.01 -22.43 8.81
N PRO D 119 45.47 -23.41 9.59
CA PRO D 119 45.99 -24.64 8.99
C PRO D 119 44.87 -25.44 8.34
N PRO D 120 45.21 -26.43 7.52
CA PRO D 120 44.18 -27.27 6.89
C PRO D 120 43.57 -28.26 7.88
N SER D 121 42.26 -28.45 7.77
CA SER D 121 41.52 -29.31 8.67
C SER D 121 41.85 -30.78 8.39
N ASP D 122 41.65 -31.62 9.41
CA ASP D 122 41.86 -33.05 9.21
C ASP D 122 40.98 -33.59 8.10
N GLU D 123 39.76 -33.05 7.97
CA GLU D 123 38.86 -33.51 6.91
C GLU D 123 39.42 -33.21 5.54
N GLN D 124 40.11 -32.08 5.39
CA GLN D 124 40.71 -31.73 4.10
C GLN D 124 41.98 -32.56 3.86
N LEU D 125 42.87 -32.62 4.86
CA LEU D 125 44.07 -33.44 4.74
C LEU D 125 43.73 -34.86 4.34
N LYS D 126 42.57 -35.35 4.78
CA LYS D 126 42.14 -36.71 4.42
C LYS D 126 42.11 -36.92 2.92
N SER D 127 41.66 -35.92 2.16
CA SER D 127 41.41 -36.09 0.74
C SER D 127 42.62 -35.80 -0.13
N GLY D 128 43.79 -35.56 0.46
CA GLY D 128 45.00 -35.38 -0.32
C GLY D 128 45.32 -33.95 -0.69
N THR D 129 44.60 -32.98 -0.12
CA THR D 129 44.82 -31.56 -0.37
C THR D 129 45.07 -30.83 0.93
N ALA D 130 45.97 -29.85 0.88
CA ALA D 130 46.36 -29.06 2.04
C ALA D 130 46.25 -27.59 1.67
N SER D 131 45.24 -26.91 2.21
CA SER D 131 45.02 -25.50 1.94
C SER D 131 45.33 -24.70 3.20
N VAL D 132 46.34 -23.82 3.11
CA VAL D 132 46.67 -22.90 4.19
C VAL D 132 46.12 -21.54 3.83
N VAL D 133 45.32 -20.97 4.71
CA VAL D 133 44.64 -19.70 4.46
C VAL D 133 45.26 -18.65 5.36
N CYS D 134 45.60 -17.49 4.77
CA CYS D 134 46.07 -16.34 5.52
C CYS D 134 45.15 -15.16 5.21
N LEU D 135 44.61 -14.55 6.26
CA LEU D 135 43.56 -13.55 6.14
C LEU D 135 44.07 -12.20 6.62
N LEU D 136 43.77 -11.15 5.84
CA LEU D 136 44.00 -9.77 6.22
C LEU D 136 42.65 -9.08 6.27
N ASN D 137 42.26 -8.63 7.46
CA ASN D 137 40.88 -8.20 7.71
C ASN D 137 40.83 -6.69 7.90
N ASN D 138 39.94 -6.04 7.14
CA ASN D 138 39.62 -4.63 7.32
C ASN D 138 40.88 -3.78 7.36
N PHE D 139 41.43 -3.45 6.19
CA PHE D 139 42.64 -2.65 6.10
C PHE D 139 42.49 -1.61 5.00
N TYR D 140 43.47 -0.73 4.91
CA TYR D 140 43.49 0.36 3.94
C TYR D 140 44.93 0.86 3.83
N PRO D 141 45.41 1.11 2.59
CA PRO D 141 44.81 0.99 1.25
C PRO D 141 44.78 -0.44 0.70
N ARG D 142 44.42 -0.56 -0.57
CA ARG D 142 44.27 -1.87 -1.20
C ARG D 142 45.62 -2.54 -1.41
N GLU D 143 46.66 -1.77 -1.75
CA GLU D 143 47.97 -2.35 -2.00
C GLU D 143 48.49 -3.08 -0.77
N ALA D 144 48.85 -4.36 -0.96
CA ALA D 144 49.39 -5.17 0.12
C ALA D 144 50.17 -6.33 -0.49
N LYS D 145 51.08 -6.89 0.32
CA LYS D 145 51.94 -7.97 -0.12
C LYS D 145 51.90 -9.11 0.89
N VAL D 146 51.84 -10.34 0.38
CA VAL D 146 51.86 -11.55 1.20
C VAL D 146 53.04 -12.40 0.76
N GLN D 147 53.72 -13.01 1.74
CA GLN D 147 54.87 -13.87 1.47
C GLN D 147 54.72 -15.17 2.25
N TRP D 148 54.89 -16.28 1.55
CA TRP D 148 54.75 -17.62 2.13
C TRP D 148 56.10 -18.15 2.58
N LYS D 149 56.11 -18.85 3.70
CA LYS D 149 57.31 -19.50 4.22
C LYS D 149 56.91 -20.85 4.79
N VAL D 150 57.54 -21.92 4.31
CA VAL D 150 57.31 -23.27 4.80
C VAL D 150 58.58 -23.73 5.50
N ASP D 151 58.54 -23.75 6.84
CA ASP D 151 59.75 -24.01 7.63
C ASP D 151 60.89 -23.13 7.15
N ASN D 152 60.57 -21.87 6.90
CA ASN D 152 61.49 -20.84 6.42
C ASN D 152 61.75 -20.96 4.92
N ALA D 153 61.20 -21.98 4.24
CA ALA D 153 61.38 -22.14 2.80
C ALA D 153 60.27 -21.39 2.06
N LEU D 154 60.66 -20.42 1.23
CA LEU D 154 59.71 -19.60 0.49
C LEU D 154 59.13 -20.39 -0.67
N GLN D 155 57.84 -20.69 -0.61
CA GLN D 155 57.14 -21.39 -1.69
C GLN D 155 56.39 -20.34 -2.50
N SER D 156 56.65 -20.29 -3.80
CA SER D 156 56.05 -19.31 -4.69
C SER D 156 55.50 -20.03 -5.93
N GLY D 157 54.36 -19.56 -6.41
CA GLY D 157 53.73 -20.08 -7.60
C GLY D 157 52.51 -20.95 -7.32
N ASN D 158 52.47 -21.61 -6.16
CA ASN D 158 51.35 -22.46 -5.78
C ASN D 158 50.37 -21.73 -4.86
N SER D 159 50.32 -20.40 -4.96
CA SER D 159 49.46 -19.56 -4.12
C SER D 159 48.54 -18.72 -4.99
N GLN D 160 47.29 -18.55 -4.53
CA GLN D 160 46.31 -17.70 -5.17
C GLN D 160 45.66 -16.81 -4.11
N GLU D 161 45.42 -15.54 -4.47
CA GLU D 161 44.84 -14.58 -3.53
C GLU D 161 43.66 -13.87 -4.16
N SER D 162 42.72 -13.48 -3.29
CA SER D 162 41.48 -12.85 -3.70
C SER D 162 41.18 -11.69 -2.75
N VAL D 163 40.62 -10.61 -3.29
CA VAL D 163 40.42 -9.36 -2.56
C VAL D 163 38.95 -8.98 -2.61
N THR D 164 38.37 -8.66 -1.45
CA THR D 164 37.02 -8.11 -1.41
C THR D 164 37.05 -6.63 -1.74
N GLU D 165 35.94 -6.15 -2.30
CA GLU D 165 35.79 -4.73 -2.57
C GLU D 165 35.49 -3.97 -1.27
N GLN D 166 35.74 -2.67 -1.30
CA GLN D 166 35.61 -1.85 -0.10
C GLN D 166 34.21 -1.95 0.49
N ASP D 167 34.15 -2.26 1.79
CA ASP D 167 32.87 -2.29 2.46
C ASP D 167 32.39 -0.89 2.80
N SER D 168 31.07 -0.71 2.79
CA SER D 168 30.47 0.60 3.03
C SER D 168 30.66 1.05 4.47
N LYS D 169 30.71 0.10 5.41
CA LYS D 169 30.60 0.45 6.82
C LYS D 169 31.87 1.11 7.33
N ASP D 170 33.02 0.49 7.09
CA ASP D 170 34.30 0.95 7.61
C ASP D 170 35.25 1.40 6.52
N SER D 171 34.87 1.28 5.24
CA SER D 171 35.70 1.74 4.14
C SER D 171 37.01 0.94 4.10
N THR D 172 36.92 -0.35 4.40
CA THR D 172 38.07 -1.22 4.47
C THR D 172 37.98 -2.34 3.43
N TYR D 173 39.14 -2.98 3.21
CA TYR D 173 39.29 -4.12 2.32
C TYR D 173 39.62 -5.37 3.13
N SER D 174 39.50 -6.52 2.46
CA SER D 174 39.94 -7.79 3.01
C SER D 174 40.60 -8.61 1.91
N LEU D 175 41.67 -9.33 2.27
CA LEU D 175 42.41 -10.15 1.32
C LEU D 175 42.55 -11.57 1.87
N SER D 176 42.41 -12.54 0.98
CA SER D 176 42.58 -13.95 1.30
C SER D 176 43.73 -14.52 0.49
N SER D 177 44.60 -15.30 1.13
CA SER D 177 45.72 -15.95 0.45
C SER D 177 45.68 -17.44 0.78
N THR D 178 45.44 -18.26 -0.23
CA THR D 178 45.29 -19.70 -0.07
C THR D 178 46.45 -20.42 -0.76
N LEU D 179 47.13 -21.29 0.00
CA LEU D 179 48.21 -22.13 -0.52
C LEU D 179 47.71 -23.56 -0.59
N THR D 180 47.62 -24.09 -1.81
CA THR D 180 47.12 -25.43 -2.04
C THR D 180 48.29 -26.37 -2.27
N LEU D 181 48.38 -27.42 -1.46
CA LEU D 181 49.43 -28.42 -1.56
C LEU D 181 48.81 -29.82 -1.48
N SER D 182 49.61 -30.81 -1.85
CA SER D 182 49.22 -32.19 -1.70
C SER D 182 49.39 -32.62 -0.24
N LYS D 183 48.92 -33.83 0.07
CA LYS D 183 49.15 -34.39 1.40
C LYS D 183 50.65 -34.48 1.69
N ALA D 184 51.45 -34.81 0.67
CA ALA D 184 52.86 -35.08 0.91
C ALA D 184 53.61 -33.82 1.32
N ASP D 185 53.37 -32.70 0.65
CA ASP D 185 54.13 -31.49 0.95
C ASP D 185 53.80 -30.95 2.33
N TYR D 186 52.52 -30.95 2.70
CA TYR D 186 52.13 -30.39 3.99
C TYR D 186 52.68 -31.22 5.14
N GLU D 187 52.52 -32.54 5.05
CA GLU D 187 52.92 -33.45 6.11
C GLU D 187 54.44 -33.59 6.27
N LYS D 188 55.22 -32.95 5.41
CA LYS D 188 56.68 -33.06 5.47
C LYS D 188 57.33 -31.98 6.31
N HIS D 189 56.62 -30.89 6.60
CA HIS D 189 57.21 -29.71 7.21
C HIS D 189 56.34 -29.25 8.37
N LYS D 190 56.95 -28.47 9.28
CA LYS D 190 56.34 -28.10 10.56
C LYS D 190 55.80 -26.68 10.55
N VAL D 191 56.66 -25.70 10.34
CA VAL D 191 56.29 -24.29 10.44
C VAL D 191 55.79 -23.79 9.10
N TYR D 192 54.53 -23.40 9.05
CA TYR D 192 53.94 -22.73 7.90
C TYR D 192 53.62 -21.30 8.33
N ALA D 193 54.31 -20.34 7.72
CA ALA D 193 54.27 -18.96 8.17
C ALA D 193 53.78 -18.06 7.06
N CYS D 194 53.00 -17.05 7.44
CA CYS D 194 52.46 -16.07 6.51
C CYS D 194 53.08 -14.73 6.84
N GLU D 195 53.85 -14.19 5.89
CA GLU D 195 54.54 -12.92 6.07
C GLU D 195 53.80 -11.83 5.33
N VAL D 196 53.47 -10.75 6.05
CA VAL D 196 52.74 -9.62 5.50
C VAL D 196 53.68 -8.42 5.51
N THR D 197 53.77 -7.72 4.38
CA THR D 197 54.48 -6.45 4.29
C THR D 197 53.46 -5.36 4.01
N HIS D 198 53.21 -4.50 5.00
CA HIS D 198 52.32 -3.37 4.79
C HIS D 198 52.69 -2.22 5.74
N GLN D 199 51.95 -2.08 6.84
CA GLN D 199 52.13 -0.95 7.75
C GLN D 199 51.55 -1.25 9.12
N GLY D 200 52.15 -2.21 9.83
CA GLY D 200 51.82 -2.40 11.23
C GLY D 200 52.47 -1.30 12.04
N LEU D 201 53.76 -1.49 12.36
CA LEU D 201 54.64 -0.42 12.79
C LEU D 201 55.60 -0.07 11.64
N SER D 202 55.09 -0.12 10.41
CA SER D 202 55.90 -0.03 9.21
C SER D 202 56.96 -1.13 9.18
N SER D 203 56.66 -2.26 9.81
CA SER D 203 57.58 -3.38 9.86
C SER D 203 56.83 -4.65 9.45
N PRO D 204 57.38 -5.47 8.56
CA PRO D 204 56.68 -6.70 8.15
C PRO D 204 56.34 -7.58 9.35
N VAL D 205 55.08 -7.98 9.44
CA VAL D 205 54.58 -8.83 10.52
C VAL D 205 54.57 -10.27 10.04
N THR D 206 54.87 -11.19 10.96
CA THR D 206 54.90 -12.62 10.66
C THR D 206 53.98 -13.34 11.62
N LYS D 207 53.12 -14.21 11.09
CA LYS D 207 52.25 -15.05 11.90
C LYS D 207 52.51 -16.49 11.48
N SER D 208 52.87 -17.33 12.45
CA SER D 208 53.31 -18.69 12.17
C SER D 208 52.53 -19.66 13.04
N PHE D 209 52.57 -20.93 12.63
CA PHE D 209 52.05 -22.02 13.44
C PHE D 209 52.89 -23.26 13.17
N ASN D 210 52.94 -24.14 14.16
CA ASN D 210 53.62 -25.42 14.01
C ASN D 210 52.57 -26.50 13.78
N ARG D 211 52.77 -27.29 12.72
CA ARG D 211 51.78 -28.26 12.32
C ARG D 211 51.40 -29.16 13.49
N GLY D 212 50.10 -29.23 13.77
CA GLY D 212 49.60 -30.12 14.82
C GLY D 212 50.01 -29.74 16.22
N GLU D 213 50.21 -28.45 16.49
CA GLU D 213 50.56 -27.98 17.83
C GLU D 213 49.53 -26.99 18.36
N CYS D 214 49.86 -25.70 18.37
CA CYS D 214 48.97 -24.69 18.93
C CYS D 214 47.91 -24.29 17.91
N ASN E 1 12.88 -57.23 24.57
CA ASN E 1 13.61 -56.36 25.49
C ASN E 1 13.12 -56.51 26.93
N SER E 2 11.96 -57.16 27.09
CA SER E 2 11.39 -57.36 28.41
C SER E 2 10.81 -56.10 29.05
N THR E 3 11.23 -54.91 28.62
CA THR E 3 10.66 -53.68 29.17
C THR E 3 10.37 -52.66 28.06
N ALA E 4 9.74 -51.55 28.48
CA ALA E 4 9.41 -50.44 27.58
C ALA E 4 9.29 -49.16 28.38
N THR E 5 9.46 -48.04 27.67
CA THR E 5 9.36 -46.70 28.23
C THR E 5 8.20 -45.92 27.62
N LEU E 6 7.45 -45.22 28.47
CA LEU E 6 6.31 -44.39 28.05
C LEU E 6 6.43 -43.00 28.67
N CYS E 7 6.83 -42.02 27.87
CA CYS E 7 7.02 -40.64 28.32
C CYS E 7 5.84 -39.74 27.98
N LEU E 8 5.55 -38.79 28.87
CA LEU E 8 4.49 -37.81 28.65
C LEU E 8 5.09 -36.41 28.50
N GLY E 9 4.58 -35.66 27.51
CA GLY E 9 5.12 -34.34 27.21
C GLY E 9 4.08 -33.43 26.59
N HIS E 10 4.51 -32.20 26.30
CA HIS E 10 3.66 -31.19 25.67
C HIS E 10 4.43 -30.55 24.53
N HIS E 11 3.71 -29.88 23.62
CA HIS E 11 4.45 -29.35 22.49
C HIS E 11 5.15 -28.06 22.90
N ALA E 12 6.06 -27.60 22.05
CA ALA E 12 6.79 -26.36 22.26
C ALA E 12 7.10 -25.73 20.93
N VAL E 13 7.46 -24.47 20.97
CA VAL E 13 7.72 -23.71 19.74
C VAL E 13 9.14 -23.16 19.81
N PRO E 14 9.85 -23.07 18.68
CA PRO E 14 11.22 -22.53 18.72
C PRO E 14 11.25 -21.12 19.28
N ASN E 15 10.28 -20.29 18.92
CA ASN E 15 10.17 -18.94 19.45
C ASN E 15 8.68 -18.68 19.67
N GLY E 16 8.29 -18.51 20.93
CA GLY E 16 6.92 -18.30 21.30
C GLY E 16 6.61 -16.84 21.59
N THR E 17 5.35 -16.58 21.92
CA THR E 17 4.88 -15.22 22.16
C THR E 17 4.88 -14.90 23.64
N LEU E 18 5.20 -13.66 23.96
CA LEU E 18 5.19 -13.14 25.32
C LEU E 18 3.83 -12.55 25.66
N VAL E 19 3.33 -12.91 26.84
CA VAL E 19 2.07 -12.39 27.36
C VAL E 19 2.33 -11.95 28.79
N LYS E 20 1.32 -11.33 29.40
CA LYS E 20 1.47 -10.84 30.76
C LYS E 20 0.50 -11.56 31.67
N THR E 21 0.91 -11.80 32.90
CA THR E 21 0.03 -12.40 33.89
C THR E 21 0.02 -11.63 35.19
N ILE E 22 -0.62 -12.18 36.22
CA ILE E 22 -0.69 -11.48 37.48
C ILE E 22 0.67 -11.48 38.18
N THR E 23 1.49 -12.50 37.94
CA THR E 23 2.80 -12.65 38.58
C THR E 23 4.01 -12.35 37.68
N ASP E 24 3.88 -12.50 36.36
CA ASP E 24 5.00 -12.35 35.45
C ASP E 24 4.66 -11.27 34.44
N ASP E 25 5.65 -10.42 34.13
CA ASP E 25 5.44 -9.40 33.10
C ASP E 25 5.62 -9.95 31.70
N GLN E 26 6.43 -10.98 31.56
CA GLN E 26 6.70 -11.56 30.24
C GLN E 26 6.95 -13.05 30.45
N ILE E 27 5.95 -13.86 30.14
CA ILE E 27 6.07 -15.31 30.21
C ILE E 27 5.74 -15.83 28.80
N GLU E 28 6.64 -16.62 28.24
CA GLU E 28 6.50 -17.12 26.88
C GLU E 28 5.46 -18.23 26.82
N VAL E 29 4.58 -18.13 25.83
CA VAL E 29 3.50 -19.07 25.63
C VAL E 29 3.52 -19.57 24.19
N THR E 30 2.90 -20.75 23.95
CA THR E 30 2.93 -21.36 22.63
C THR E 30 2.09 -20.60 21.60
N ASN E 31 1.07 -19.90 22.07
CA ASN E 31 0.14 -19.17 21.21
C ASN E 31 -0.55 -18.11 22.05
N ALA E 32 -0.93 -17.03 21.37
CA ALA E 32 -1.65 -15.90 21.94
C ALA E 32 -2.33 -15.20 20.79
N THR E 33 -3.35 -14.41 21.11
CA THR E 33 -4.02 -13.67 20.07
C THR E 33 -3.98 -12.19 20.43
N GLU E 34 -3.77 -11.36 19.42
CA GLU E 34 -3.71 -9.93 19.62
C GLU E 34 -5.12 -9.41 19.80
N LEU E 35 -5.32 -8.59 20.82
CA LEU E 35 -6.64 -8.02 21.06
C LEU E 35 -6.69 -6.54 20.74
N VAL E 36 -5.57 -5.96 20.32
CA VAL E 36 -5.50 -4.53 19.99
C VAL E 36 -5.12 -4.34 18.53
N GLN E 37 -6.03 -3.76 17.76
CA GLN E 37 -5.72 -3.40 16.38
C GLN E 37 -4.80 -2.19 16.41
N SER E 38 -3.63 -2.32 15.80
CA SER E 38 -2.68 -1.22 15.82
C SER E 38 -2.18 -0.80 14.45
N SER E 39 -2.71 -1.39 13.38
CA SER E 39 -2.24 -1.10 12.03
C SER E 39 -3.40 -0.65 11.16
N SER E 40 -3.08 0.16 10.16
CA SER E 40 -4.06 0.66 9.21
C SER E 40 -3.50 0.57 7.81
N THR E 41 -4.39 0.46 6.83
CA THR E 41 -3.97 0.44 5.44
C THR E 41 -3.51 1.81 4.96
N GLY E 42 -3.96 2.87 5.62
CA GLY E 42 -3.64 4.24 5.26
C GLY E 42 -4.61 4.87 4.29
N LYS E 43 -5.59 4.13 3.82
CA LYS E 43 -6.58 4.59 2.85
C LYS E 43 -7.96 4.37 3.45
N ILE E 44 -8.94 5.16 2.99
CA ILE E 44 -10.30 5.03 3.49
C ILE E 44 -11.17 4.32 2.47
N CYS E 45 -11.82 3.24 2.90
CA CYS E 45 -12.65 2.41 2.03
C CYS E 45 -13.97 3.10 1.75
N ASN E 46 -14.29 3.27 0.47
CA ASN E 46 -15.47 3.96 -0.01
C ASN E 46 -16.77 3.21 0.27
N ASN E 47 -16.70 1.96 0.70
CA ASN E 47 -17.90 1.23 1.09
C ASN E 47 -17.78 0.70 2.50
N PRO E 48 -18.91 0.49 3.19
CA PRO E 48 -20.25 0.76 2.65
C PRO E 48 -20.69 2.22 2.76
N HIS E 49 -20.12 2.94 3.73
CA HIS E 49 -20.55 4.29 4.01
C HIS E 49 -20.30 5.22 2.84
N ARG E 50 -21.31 5.99 2.45
CA ARG E 50 -21.15 7.00 1.42
C ARG E 50 -20.17 8.08 1.84
N ILE E 51 -18.95 8.02 1.31
CA ILE E 51 -17.89 8.96 1.65
C ILE E 51 -17.84 10.03 0.57
N LEU E 52 -17.79 11.29 0.99
CA LEU E 52 -17.76 12.44 0.08
C LEU E 52 -16.44 13.16 0.29
N ASP E 53 -15.57 13.13 -0.72
CA ASP E 53 -14.27 13.76 -0.61
C ASP E 53 -14.41 15.26 -0.86
N GLY E 54 -14.08 16.06 0.15
CA GLY E 54 -14.15 17.51 0.02
C GLY E 54 -13.09 18.09 -0.89
N ILE E 55 -11.90 17.50 -0.90
CA ILE E 55 -10.80 17.94 -1.74
C ILE E 55 -10.35 19.36 -1.37
N ASP E 56 -10.73 20.34 -2.16
CA ASP E 56 -10.33 21.72 -1.91
C ASP E 56 -11.35 22.53 -1.11
N CYS E 57 -12.50 21.94 -0.77
CA CYS E 57 -13.56 22.66 -0.10
C CYS E 57 -13.78 22.16 1.32
N THR E 58 -14.19 23.07 2.19
CA THR E 58 -14.62 22.75 3.54
C THR E 58 -16.14 22.65 3.56
N LEU E 59 -16.69 22.10 4.64
CA LEU E 59 -18.13 21.98 4.74
C LEU E 59 -18.82 23.35 4.70
N ILE E 60 -18.20 24.36 5.33
CA ILE E 60 -18.81 25.69 5.35
C ILE E 60 -18.71 26.36 3.99
N ASP E 61 -17.56 26.24 3.32
CA ASP E 61 -17.45 26.80 1.98
C ASP E 61 -18.48 26.18 1.04
N ALA E 62 -18.74 24.88 1.17
CA ALA E 62 -19.75 24.27 0.33
C ALA E 62 -21.14 24.75 0.73
N LEU E 63 -21.38 24.89 2.04
CA LEU E 63 -22.66 25.36 2.54
C LEU E 63 -22.99 26.74 2.00
N LEU E 64 -22.05 27.69 2.16
CA LEU E 64 -22.26 29.06 1.72
C LEU E 64 -22.28 29.16 0.19
N GLY E 65 -21.51 28.32 -0.50
CA GLY E 65 -21.49 28.36 -1.95
C GLY E 65 -20.29 29.09 -2.51
N ASP E 66 -19.11 28.77 -2.00
CA ASP E 66 -17.87 29.32 -2.56
C ASP E 66 -17.74 28.91 -4.02
N PRO E 67 -17.44 29.85 -4.93
CA PRO E 67 -17.37 29.53 -6.36
C PRO E 67 -16.76 28.18 -6.72
N HIS E 68 -15.60 27.82 -6.15
CA HIS E 68 -14.97 26.55 -6.47
C HIS E 68 -15.61 25.37 -5.75
N CYS E 69 -16.64 25.61 -4.93
CA CYS E 69 -17.38 24.57 -4.23
C CYS E 69 -18.81 24.40 -4.76
N ASP E 70 -19.06 24.79 -6.00
CA ASP E 70 -20.41 24.70 -6.57
C ASP E 70 -20.79 23.26 -6.90
N VAL E 71 -19.81 22.37 -7.02
CA VAL E 71 -20.07 20.97 -7.33
C VAL E 71 -20.77 20.25 -6.17
N PHE E 72 -20.70 20.80 -4.96
CA PHE E 72 -21.30 20.16 -3.79
C PHE E 72 -22.76 20.56 -3.59
N GLN E 73 -23.35 21.29 -4.52
CA GLN E 73 -24.76 21.67 -4.41
C GLN E 73 -25.66 20.44 -4.47
N ASN E 74 -26.60 20.36 -3.53
CA ASN E 74 -27.50 19.20 -3.38
C ASN E 74 -26.74 17.89 -3.22
N GLU E 75 -25.56 17.93 -2.62
CA GLU E 75 -24.78 16.73 -2.43
C GLU E 75 -25.10 16.13 -1.06
N THR E 76 -25.04 14.80 -0.97
CA THR E 76 -25.34 14.08 0.26
C THR E 76 -24.15 13.20 0.62
N TRP E 77 -24.12 12.76 1.87
CA TRP E 77 -23.00 11.95 2.34
C TRP E 77 -23.39 11.20 3.60
N ASP E 78 -22.56 10.23 3.96
CA ASP E 78 -22.57 9.59 5.28
C ASP E 78 -21.45 10.14 6.14
N LEU E 79 -20.26 10.25 5.56
CA LEU E 79 -19.10 10.87 6.22
C LEU E 79 -18.48 11.88 5.27
N PHE E 80 -18.37 13.13 5.72
CA PHE E 80 -17.71 14.18 4.95
C PHE E 80 -16.24 14.25 5.37
N VAL E 81 -15.36 14.15 4.40
CA VAL E 81 -13.91 14.16 4.65
C VAL E 81 -13.35 15.51 4.26
N GLU E 82 -12.77 16.22 5.22
CA GLU E 82 -12.22 17.54 4.99
C GLU E 82 -10.71 17.40 4.85
N ARG E 83 -10.15 17.97 3.79
CA ARG E 83 -8.74 17.87 3.47
C ARG E 83 -7.98 19.11 3.94
N SER E 84 -6.70 18.92 4.22
CA SER E 84 -5.87 20.02 4.68
C SER E 84 -5.59 21.03 3.56
N LYS E 85 -5.62 20.58 2.30
CA LYS E 85 -5.37 21.51 1.21
C LYS E 85 -6.54 22.47 0.97
N ALA E 86 -7.70 22.24 1.58
CA ALA E 86 -8.85 23.10 1.34
C ALA E 86 -8.52 24.56 1.64
N PHE E 87 -9.12 25.45 0.85
CA PHE E 87 -8.87 26.87 0.98
C PHE E 87 -10.15 27.64 0.68
N SER E 88 -10.19 28.90 1.11
CA SER E 88 -11.29 29.80 0.80
C SER E 88 -10.89 30.75 -0.32
N ASN E 89 -11.83 31.05 -1.20
CA ASN E 89 -11.55 31.91 -2.34
C ASN E 89 -12.70 32.85 -2.62
N CYS E 90 -13.47 33.19 -1.58
CA CYS E 90 -14.58 34.13 -1.73
C CYS E 90 -14.38 35.37 -0.87
N TYR E 91 -15.48 36.01 -0.49
CA TYR E 91 -15.40 37.18 0.37
C TYR E 91 -14.98 36.76 1.77
N PRO E 92 -14.07 37.50 2.41
CA PRO E 92 -13.60 37.10 3.75
C PRO E 92 -14.75 37.13 4.74
N TYR E 93 -14.85 36.05 5.52
CA TYR E 93 -15.95 35.89 6.45
C TYR E 93 -15.48 35.23 7.73
N ASP E 94 -16.33 35.32 8.75
CA ASP E 94 -16.17 34.66 10.03
C ASP E 94 -17.52 34.06 10.40
N VAL E 95 -17.50 33.01 11.21
CA VAL E 95 -18.75 32.39 11.63
C VAL E 95 -18.78 32.22 13.14
N PRO E 96 -19.49 33.09 13.85
CA PRO E 96 -19.67 32.89 15.29
C PRO E 96 -20.38 31.57 15.55
N ASP E 97 -19.79 30.74 16.40
CA ASP E 97 -20.28 29.40 16.67
C ASP E 97 -20.09 28.51 15.44
N TYR E 98 -18.87 28.53 14.90
CA TYR E 98 -18.53 27.70 13.74
C TYR E 98 -18.70 26.22 14.04
N ALA E 99 -18.15 25.75 15.17
CA ALA E 99 -18.20 24.33 15.51
C ALA E 99 -19.63 23.78 15.50
N SER E 100 -20.57 24.51 16.09
CA SER E 100 -21.94 24.02 16.14
C SER E 100 -22.58 23.92 14.76
N LEU E 101 -22.37 24.92 13.91
CA LEU E 101 -22.97 24.86 12.58
C LEU E 101 -22.36 23.76 11.72
N ARG E 102 -21.04 23.59 11.76
CA ARG E 102 -20.39 22.52 11.01
C ARG E 102 -20.92 21.15 11.42
N SER E 103 -20.94 20.90 12.74
CA SER E 103 -21.47 19.63 13.25
C SER E 103 -22.93 19.43 12.88
N LEU E 104 -23.74 20.50 12.98
CA LEU E 104 -25.16 20.42 12.68
C LEU E 104 -25.39 20.01 11.23
N VAL E 105 -24.70 20.67 10.30
CA VAL E 105 -24.88 20.34 8.89
C VAL E 105 -24.36 18.93 8.62
N ALA E 106 -23.22 18.57 9.21
CA ALA E 106 -22.71 17.22 9.06
C ALA E 106 -23.75 16.20 9.48
N SER E 107 -24.42 16.43 10.60
CA SER E 107 -25.44 15.48 11.05
C SER E 107 -26.58 15.39 10.07
N SER E 108 -26.94 16.50 9.42
CA SER E 108 -28.04 16.47 8.45
C SER E 108 -27.69 15.58 7.27
N GLY E 109 -26.42 15.61 6.85
CA GLY E 109 -25.94 14.75 5.78
C GLY E 109 -26.38 15.13 4.38
N THR E 110 -26.82 16.37 4.17
CA THR E 110 -27.26 16.77 2.84
C THR E 110 -27.20 18.29 2.73
N LEU E 111 -26.99 18.76 1.49
CA LEU E 111 -26.97 20.19 1.20
C LEU E 111 -28.10 20.54 0.23
N GLU E 112 -29.23 19.83 0.33
CA GLU E 112 -30.35 20.08 -0.56
C GLU E 112 -30.92 21.48 -0.34
N PHE E 113 -30.64 22.40 -1.26
CA PHE E 113 -31.07 23.79 -1.14
C PHE E 113 -32.23 24.05 -2.11
N ILE E 114 -33.31 24.62 -1.61
CA ILE E 114 -34.46 24.97 -2.44
C ILE E 114 -34.54 26.49 -2.55
N THR E 115 -34.45 27.00 -3.76
CA THR E 115 -34.50 28.44 -3.99
C THR E 115 -35.93 28.95 -3.90
N GLU E 116 -36.08 30.12 -3.30
CA GLU E 116 -37.37 30.77 -3.12
C GLU E 116 -37.33 32.16 -3.78
N GLY E 117 -38.51 32.68 -4.09
CA GLY E 117 -38.57 33.91 -4.87
C GLY E 117 -38.15 35.14 -4.08
N PHE E 118 -38.65 35.27 -2.85
CA PHE E 118 -38.37 36.43 -2.01
C PHE E 118 -38.41 37.77 -2.74
N THR E 119 -39.42 38.58 -2.46
CA THR E 119 -39.54 39.91 -3.05
C THR E 119 -38.80 40.90 -2.15
N TRP E 120 -37.70 41.46 -2.67
CA TRP E 120 -36.89 42.46 -1.97
C TRP E 120 -37.10 43.83 -2.61
N THR E 121 -38.02 44.61 -2.05
CA THR E 121 -38.38 45.90 -2.63
C THR E 121 -37.50 47.03 -2.08
N GLY E 122 -37.11 47.94 -2.97
CA GLY E 122 -36.32 49.11 -2.63
C GLY E 122 -34.84 48.90 -2.38
N VAL E 123 -34.26 47.77 -2.80
CA VAL E 123 -32.84 47.51 -2.62
C VAL E 123 -32.29 46.85 -3.89
N THR E 124 -30.97 46.99 -4.09
CA THR E 124 -30.31 46.37 -5.22
C THR E 124 -29.78 45.00 -4.80
N GLN E 125 -30.13 43.97 -5.57
CA GLN E 125 -29.75 42.60 -5.25
C GLN E 125 -28.49 42.17 -6.00
N ASN E 126 -28.03 40.97 -5.64
CA ASN E 126 -26.93 40.28 -6.33
C ASN E 126 -25.65 41.10 -6.39
N GLY E 127 -25.23 41.65 -5.25
CA GLY E 127 -23.97 42.37 -5.19
C GLY E 127 -22.80 41.41 -5.21
N GLY E 128 -21.66 41.86 -5.75
CA GLY E 128 -20.50 41.01 -5.84
C GLY E 128 -19.22 41.78 -5.63
N SER E 129 -18.10 41.05 -5.72
CA SER E 129 -16.77 41.60 -5.47
C SER E 129 -15.75 40.83 -6.29
N ASN E 130 -14.61 41.46 -6.54
CA ASN E 130 -13.54 40.79 -7.25
C ASN E 130 -12.81 39.75 -6.39
N ALA E 131 -13.01 39.78 -5.08
CA ALA E 131 -12.43 38.76 -4.21
C ALA E 131 -13.15 37.42 -4.36
N CYS E 132 -14.39 37.43 -4.84
CA CYS E 132 -15.16 36.20 -4.98
C CYS E 132 -15.64 36.06 -6.42
N LYS E 133 -14.69 35.94 -7.35
CA LYS E 133 -15.01 35.86 -8.77
C LYS E 133 -15.63 34.51 -9.13
N ARG E 134 -16.66 34.56 -9.98
CA ARG E 134 -17.26 33.38 -10.59
C ARG E 134 -17.18 33.58 -12.10
N GLY E 135 -16.27 32.84 -12.74
CA GLY E 135 -15.96 33.04 -14.13
C GLY E 135 -15.04 34.24 -14.28
N PRO E 136 -15.07 34.89 -15.45
CA PRO E 136 -14.23 36.08 -15.63
C PRO E 136 -14.74 37.28 -14.83
N GLY E 137 -16.05 37.38 -14.61
CA GLY E 137 -16.62 38.49 -13.90
C GLY E 137 -16.69 38.27 -12.40
N SER E 138 -17.05 39.34 -11.70
CA SER E 138 -17.17 39.28 -10.25
C SER E 138 -18.37 38.43 -9.84
N GLY E 139 -18.38 38.04 -8.56
CA GLY E 139 -19.44 37.22 -8.05
C GLY E 139 -19.51 37.28 -6.54
N PHE E 140 -20.21 36.30 -5.96
CA PHE E 140 -20.46 36.26 -4.52
C PHE E 140 -20.89 34.83 -4.15
N PHE E 141 -21.05 34.59 -2.86
CA PHE E 141 -21.58 33.31 -2.39
C PHE E 141 -22.90 33.00 -3.06
N SER E 142 -22.99 31.83 -3.70
CA SER E 142 -24.17 31.46 -4.46
C SER E 142 -25.43 31.41 -3.61
N ARG E 143 -25.31 31.06 -2.33
CA ARG E 143 -26.48 30.93 -1.46
C ARG E 143 -26.79 32.22 -0.67
N LEU E 144 -26.09 33.32 -0.94
CA LEU E 144 -26.33 34.58 -0.26
C LEU E 144 -26.54 35.71 -1.26
N ASN E 145 -27.33 36.70 -0.85
CA ASN E 145 -27.70 37.84 -1.68
C ASN E 145 -27.23 39.11 -1.00
N TRP E 146 -26.24 39.78 -1.59
CA TRP E 146 -25.69 40.99 -1.03
C TRP E 146 -26.57 42.17 -1.44
N LEU E 147 -27.34 42.71 -0.49
CA LEU E 147 -28.23 43.82 -0.77
C LEU E 147 -27.54 45.14 -0.44
N THR E 148 -27.63 46.10 -1.35
CA THR E 148 -27.08 47.43 -1.18
C THR E 148 -28.14 48.46 -1.53
N LYS E 149 -27.79 49.73 -1.35
CA LYS E 149 -28.74 50.81 -1.59
C LYS E 149 -29.16 50.84 -3.06
N SER E 150 -30.36 51.37 -3.31
CA SER E 150 -30.86 51.58 -4.66
C SER E 150 -30.99 53.08 -4.89
N GLY E 151 -30.13 53.62 -5.74
CA GLY E 151 -30.10 55.04 -6.00
C GLY E 151 -29.41 55.78 -4.86
N SER E 152 -30.20 56.41 -3.98
CA SER E 152 -29.64 57.13 -2.85
C SER E 152 -30.39 56.81 -1.56
N THR E 153 -31.08 55.66 -1.49
CA THR E 153 -31.83 55.30 -0.29
C THR E 153 -31.74 53.80 -0.03
N TYR E 154 -31.65 53.43 1.24
CA TYR E 154 -31.75 52.04 1.68
C TYR E 154 -32.88 51.92 2.69
N PRO E 155 -34.08 51.48 2.29
CA PRO E 155 -35.21 51.48 3.22
C PRO E 155 -35.11 50.37 4.25
N VAL E 156 -36.00 50.43 5.24
CA VAL E 156 -36.07 49.40 6.28
C VAL E 156 -36.81 48.19 5.73
N LEU E 157 -36.08 47.08 5.52
CA LEU E 157 -36.67 45.87 4.98
C LEU E 157 -37.46 45.13 6.05
N ASN E 158 -38.62 44.59 5.65
CA ASN E 158 -39.52 43.94 6.60
C ASN E 158 -40.28 42.83 5.86
N VAL E 159 -39.55 41.78 5.49
CA VAL E 159 -40.08 40.69 4.68
C VAL E 159 -40.31 39.50 5.59
N THR E 160 -41.29 38.67 5.22
CA THR E 160 -41.64 37.48 5.98
C THR E 160 -41.77 36.28 5.06
N MET E 161 -41.31 35.13 5.54
CA MET E 161 -41.35 33.89 4.78
C MET E 161 -41.81 32.77 5.69
N PRO E 162 -43.06 32.34 5.58
CA PRO E 162 -43.59 31.33 6.48
C PRO E 162 -43.17 29.94 6.04
N ASN E 163 -43.13 29.03 7.02
CA ASN E 163 -42.80 27.63 6.76
C ASN E 163 -44.10 26.83 6.79
N ASN E 164 -44.64 26.57 5.60
CA ASN E 164 -45.89 25.84 5.43
C ASN E 164 -45.64 24.39 5.05
N ASP E 165 -44.39 23.96 4.97
CA ASP E 165 -44.05 22.59 4.62
C ASP E 165 -44.03 21.74 5.88
N ASN E 166 -43.81 20.44 5.70
CA ASN E 166 -43.82 19.49 6.80
C ASN E 166 -42.41 19.10 7.23
N PHE E 167 -41.49 20.07 7.23
CA PHE E 167 -40.11 19.85 7.64
C PHE E 167 -39.52 21.16 8.18
N ASP E 168 -38.39 21.03 8.86
CA ASP E 168 -37.66 22.18 9.37
C ASP E 168 -36.79 22.84 8.30
N LYS E 169 -36.84 24.16 8.23
CA LYS E 169 -36.03 24.93 7.28
C LYS E 169 -34.87 25.58 8.00
N LEU E 170 -33.67 25.43 7.44
CA LEU E 170 -32.46 26.06 7.97
C LEU E 170 -32.08 27.21 7.05
N TYR E 171 -32.03 28.42 7.59
CA TYR E 171 -31.69 29.61 6.83
C TYR E 171 -30.30 30.07 7.26
N ILE E 172 -29.45 30.36 6.28
CA ILE E 172 -28.11 30.88 6.51
C ILE E 172 -28.04 32.31 6.02
N TRP E 173 -27.63 33.22 6.90
CA TRP E 173 -27.53 34.64 6.59
C TRP E 173 -26.28 35.20 7.25
N GLY E 174 -25.98 36.46 6.94
CA GLY E 174 -24.79 37.10 7.46
C GLY E 174 -24.99 38.59 7.62
N VAL E 175 -23.97 39.25 8.15
CA VAL E 175 -23.98 40.69 8.40
C VAL E 175 -22.65 41.26 7.93
N HIS E 176 -22.71 42.25 7.04
CA HIS E 176 -21.49 42.85 6.51
C HIS E 176 -20.92 43.86 7.50
N HIS E 177 -19.61 43.80 7.69
CA HIS E 177 -18.87 44.71 8.58
C HIS E 177 -17.87 45.52 7.78
N PRO E 178 -18.21 46.74 7.37
CA PRO E 178 -17.30 47.56 6.58
C PRO E 178 -16.07 47.97 7.38
N SER E 179 -15.01 48.29 6.64
CA SER E 179 -13.74 48.68 7.24
C SER E 179 -13.67 50.16 7.58
N THR E 180 -14.48 51.00 6.94
CA THR E 180 -14.45 52.43 7.19
C THR E 180 -15.88 52.95 7.28
N ASN E 181 -16.02 54.11 7.92
CA ASN E 181 -17.34 54.72 8.06
C ASN E 181 -17.89 55.16 6.71
N GLN E 182 -17.02 55.46 5.75
CA GLN E 182 -17.49 55.83 4.43
C GLN E 182 -18.10 54.63 3.70
N GLU E 183 -17.45 53.47 3.80
CA GLU E 183 -18.02 52.25 3.23
C GLU E 183 -19.41 51.98 3.81
N GLN E 184 -19.52 52.06 5.14
CA GLN E 184 -20.82 51.85 5.79
C GLN E 184 -21.89 52.76 5.20
N THR E 185 -21.58 54.06 5.10
CA THR E 185 -22.54 55.04 4.59
C THR E 185 -22.76 54.91 3.08
N SER E 186 -21.70 54.61 2.34
CA SER E 186 -21.83 54.47 0.88
C SER E 186 -22.73 53.30 0.48
N LEU E 187 -22.75 52.25 1.28
CA LEU E 187 -23.54 51.06 0.98
C LEU E 187 -24.94 51.12 1.58
N TYR E 188 -25.04 51.53 2.84
CA TYR E 188 -26.28 51.43 3.61
C TYR E 188 -26.80 52.80 4.04
N VAL E 189 -26.17 53.88 3.61
CA VAL E 189 -26.57 55.25 3.92
C VAL E 189 -26.47 55.56 5.42
N GLN E 190 -27.11 54.77 6.27
CA GLN E 190 -27.08 55.08 7.69
C GLN E 190 -25.71 54.79 8.29
N ALA E 191 -25.26 55.69 9.17
CA ALA E 191 -23.94 55.57 9.78
C ALA E 191 -23.79 54.33 10.63
N SER E 192 -24.89 53.77 11.12
CA SER E 192 -24.85 52.57 11.94
C SER E 192 -26.02 51.69 11.53
N GLY E 193 -25.71 50.52 10.98
CA GLY E 193 -26.75 49.59 10.57
C GLY E 193 -27.27 48.74 11.71
N ARG E 194 -28.21 47.87 11.38
CA ARG E 194 -28.79 46.93 12.32
C ARG E 194 -29.52 45.84 11.53
N VAL E 195 -29.37 44.60 11.98
CA VAL E 195 -30.02 43.45 11.36
C VAL E 195 -30.68 42.64 12.46
N THR E 196 -31.96 42.35 12.29
CA THR E 196 -32.69 41.54 13.25
C THR E 196 -33.53 40.53 12.47
N VAL E 197 -33.38 39.27 12.85
CA VAL E 197 -34.16 38.17 12.29
C VAL E 197 -34.85 37.49 13.46
N SER E 198 -36.12 37.15 13.28
CA SER E 198 -36.88 36.60 14.39
C SER E 198 -37.79 35.50 13.90
N THR E 199 -38.26 34.72 14.87
CA THR E 199 -39.25 33.68 14.68
C THR E 199 -40.23 33.78 15.85
N ARG E 200 -41.18 32.86 15.89
CA ARG E 200 -42.15 32.91 16.98
C ARG E 200 -41.47 32.61 18.30
N ARG E 201 -40.35 31.87 18.29
CA ARG E 201 -39.63 31.51 19.49
C ARG E 201 -38.28 32.20 19.65
N SER E 202 -37.61 32.65 18.58
CA SER E 202 -36.26 33.20 18.69
C SER E 202 -36.17 34.57 18.03
N GLN E 203 -35.05 35.26 18.30
CA GLN E 203 -34.75 36.56 17.72
C GLN E 203 -33.25 36.79 17.83
N GLN E 204 -32.66 37.41 16.81
CA GLN E 204 -31.24 37.77 16.83
C GLN E 204 -31.03 39.22 16.41
N THR E 205 -30.62 40.08 17.34
CA THR E 205 -30.31 41.47 17.04
C THR E 205 -28.82 41.74 17.20
N ILE E 206 -28.20 42.36 16.19
CA ILE E 206 -26.77 42.71 16.23
C ILE E 206 -26.57 44.09 15.62
N ILE E 207 -25.85 44.97 16.32
CA ILE E 207 -25.49 46.27 15.77
C ILE E 207 -24.04 46.21 15.29
N PRO E 208 -23.78 46.35 13.98
CA PRO E 208 -22.39 46.24 13.49
C PRO E 208 -21.47 47.34 14.01
N ASN E 209 -20.21 46.98 14.23
CA ASN E 209 -19.17 47.89 14.67
C ASN E 209 -18.24 48.14 13.50
N ILE E 210 -17.88 49.40 13.25
CA ILE E 210 -17.00 49.75 12.13
C ILE E 210 -15.55 49.77 12.61
N GLU E 211 -14.75 48.82 12.12
CA GLU E 211 -13.37 48.65 12.58
C GLU E 211 -12.59 47.81 11.57
N SER E 212 -11.31 48.17 11.38
CA SER E 212 -10.41 47.43 10.51
C SER E 212 -9.75 46.28 11.27
N ARG E 213 -9.67 45.12 10.62
CA ARG E 213 -9.07 43.91 11.16
C ARG E 213 -7.87 43.44 10.33
N PRO E 214 -7.06 42.51 10.84
CA PRO E 214 -5.97 41.95 10.06
C PRO E 214 -6.47 41.38 8.74
N TRP E 215 -5.67 41.60 7.69
CA TRP E 215 -6.05 41.28 6.32
C TRP E 215 -6.29 39.78 6.09
N VAL E 216 -7.50 39.44 5.65
CA VAL E 216 -7.88 38.07 5.31
C VAL E 216 -8.43 38.04 3.88
N ARG E 217 -7.74 37.35 2.99
CA ARG E 217 -8.03 37.29 1.55
C ARG E 217 -8.10 38.67 0.89
N GLY E 218 -7.09 39.50 1.14
CA GLY E 218 -7.02 40.83 0.53
C GLY E 218 -8.13 41.81 0.85
N LEU E 219 -8.86 41.60 1.94
CA LEU E 219 -9.96 42.47 2.33
C LEU E 219 -9.87 42.82 3.81
N SER E 220 -10.24 44.04 4.15
CA SER E 220 -10.27 44.46 5.56
C SER E 220 -11.66 44.41 6.14
N SER E 221 -12.68 44.19 5.32
CA SER E 221 -14.06 44.10 5.76
C SER E 221 -14.38 42.63 5.96
N ARG E 222 -15.50 42.34 6.61
CA ARG E 222 -15.81 40.95 6.89
C ARG E 222 -17.32 40.76 6.81
N ILE E 223 -17.71 39.50 6.93
CA ILE E 223 -19.10 39.12 7.06
C ILE E 223 -19.18 38.12 8.20
N SER E 224 -20.18 38.29 9.07
CA SER E 224 -20.41 37.37 10.16
C SER E 224 -21.57 36.45 9.77
N ILE E 225 -21.33 35.15 9.78
CA ILE E 225 -22.35 34.20 9.34
C ILE E 225 -23.17 33.77 10.55
N TYR E 226 -24.49 33.77 10.38
CA TYR E 226 -25.40 33.36 11.42
C TYR E 226 -26.41 32.41 10.81
N TRP E 227 -27.12 31.70 11.66
CA TRP E 227 -28.10 30.73 11.18
C TRP E 227 -29.34 30.72 12.06
N THR E 228 -30.48 30.44 11.44
CA THR E 228 -31.77 30.39 12.09
C THR E 228 -32.53 29.18 11.57
N ILE E 229 -33.23 28.49 12.46
CA ILE E 229 -34.09 27.37 12.09
C ILE E 229 -35.54 27.77 12.32
N VAL E 230 -36.39 27.45 11.36
CA VAL E 230 -37.81 27.79 11.40
C VAL E 230 -38.60 26.48 11.34
N LYS E 231 -39.35 26.21 12.39
CA LYS E 231 -40.17 25.00 12.47
C LYS E 231 -41.47 25.15 11.70
N PRO E 232 -42.13 24.03 11.39
CA PRO E 232 -43.43 24.10 10.71
C PRO E 232 -44.43 24.93 11.50
N GLY E 233 -45.22 25.72 10.80
CA GLY E 233 -46.18 26.61 11.43
C GLY E 233 -45.58 27.90 11.93
N ASP E 234 -44.27 28.07 11.77
CA ASP E 234 -43.57 29.27 12.17
C ASP E 234 -43.35 30.16 10.93
N VAL E 235 -42.90 31.38 11.17
CA VAL E 235 -42.68 32.35 10.10
C VAL E 235 -41.33 33.02 10.33
N LEU E 236 -40.61 33.28 9.26
CA LEU E 236 -39.34 33.99 9.33
C LEU E 236 -39.60 35.47 9.09
N VAL E 237 -39.17 36.30 10.03
CA VAL E 237 -39.31 37.74 9.92
C VAL E 237 -37.91 38.35 9.95
N ILE E 238 -37.60 39.14 8.93
CA ILE E 238 -36.31 39.79 8.82
C ILE E 238 -36.53 41.29 8.81
N ASN E 239 -35.89 42.00 9.74
CA ASN E 239 -35.99 43.45 9.81
C ASN E 239 -34.56 43.99 9.79
N SER E 240 -34.31 44.94 8.90
CA SER E 240 -32.97 45.48 8.74
C SER E 240 -33.04 46.89 8.16
N ASN E 241 -32.29 47.80 8.77
CA ASN E 241 -32.11 49.14 8.24
C ASN E 241 -30.76 49.30 7.57
N GLY E 242 -29.93 48.25 7.58
CA GLY E 242 -28.64 48.27 6.91
C GLY E 242 -27.76 47.08 7.20
N ASN E 243 -26.77 46.87 6.33
CA ASN E 243 -25.71 45.86 6.46
C ASN E 243 -26.21 44.42 6.36
N LEU E 244 -27.44 44.19 5.90
CA LEU E 244 -27.98 42.84 5.81
C LEU E 244 -27.43 42.10 4.59
N ILE E 245 -26.94 40.87 4.81
CA ILE E 245 -26.59 39.95 3.73
C ILE E 245 -27.68 38.89 3.68
N ALA E 246 -28.70 39.11 2.86
CA ALA E 246 -29.90 38.29 2.92
C ALA E 246 -29.68 36.86 2.44
N PRO E 247 -30.47 35.91 2.95
CA PRO E 247 -30.45 34.54 2.46
C PRO E 247 -31.28 34.38 1.19
N ARG E 248 -30.92 33.39 0.38
CA ARG E 248 -31.64 33.11 -0.85
C ARG E 248 -32.69 32.01 -0.70
N GLY E 249 -32.70 31.29 0.42
CA GLY E 249 -33.64 30.19 0.61
C GLY E 249 -33.27 29.39 1.84
N TYR E 250 -33.57 28.09 1.80
CA TYR E 250 -33.32 27.23 2.94
C TYR E 250 -32.67 25.92 2.52
N PHE E 251 -32.10 25.24 3.52
CA PHE E 251 -31.56 23.89 3.40
C PHE E 251 -32.51 22.92 4.10
N LYS E 252 -32.84 21.82 3.43
CA LYS E 252 -33.75 20.87 4.05
C LYS E 252 -32.98 20.05 5.07
N MET E 253 -33.45 20.10 6.32
CA MET E 253 -32.79 19.42 7.42
C MET E 253 -33.24 17.98 7.53
N ARG E 254 -32.30 17.10 7.85
CA ARG E 254 -32.58 15.69 8.05
C ARG E 254 -31.91 15.29 9.36
N THR E 255 -32.45 14.28 10.01
CA THR E 255 -31.84 13.71 11.20
C THR E 255 -31.31 12.32 10.88
N GLY E 256 -30.00 12.15 10.94
CA GLY E 256 -29.41 10.89 10.58
C GLY E 256 -28.10 10.59 11.28
N LYS E 257 -27.43 9.55 10.80
CA LYS E 257 -26.17 9.06 11.35
C LYS E 257 -24.95 9.62 10.62
N SER E 258 -25.07 10.82 10.05
CA SER E 258 -23.97 11.38 9.28
C SER E 258 -23.09 12.22 10.18
N SER E 259 -21.85 12.42 9.74
CA SER E 259 -20.90 13.21 10.49
C SER E 259 -19.80 13.68 9.55
N ILE E 260 -18.75 14.28 10.12
CA ILE E 260 -17.62 14.81 9.39
C ILE E 260 -16.34 14.42 10.11
N MET E 261 -15.27 14.26 9.35
CA MET E 261 -13.98 13.86 9.90
C MET E 261 -12.86 14.58 9.16
N ARG E 262 -11.86 15.01 9.92
CA ARG E 262 -10.67 15.62 9.37
C ARG E 262 -9.60 14.55 9.16
N SER E 263 -9.22 14.33 7.91
CA SER E 263 -8.24 13.31 7.56
C SER E 263 -7.57 13.71 6.25
N ASP E 264 -6.35 13.24 6.06
CA ASP E 264 -5.60 13.44 4.82
C ASP E 264 -5.28 12.13 4.12
N ALA E 265 -6.03 11.07 4.46
CA ALA E 265 -5.81 9.76 3.85
C ALA E 265 -6.52 9.67 2.49
N PRO E 266 -5.88 9.03 1.52
CA PRO E 266 -6.53 8.88 0.21
C PRO E 266 -7.69 7.90 0.29
N ILE E 267 -8.60 8.01 -0.65
CA ILE E 267 -9.75 7.13 -0.69
C ILE E 267 -9.48 6.02 -1.68
N ASP E 268 -9.98 4.83 -1.36
CA ASP E 268 -9.74 3.64 -2.15
C ASP E 268 -11.00 2.80 -2.21
N THR E 269 -11.05 1.94 -3.23
CA THR E 269 -12.18 1.04 -3.48
C THR E 269 -11.99 -0.25 -2.68
N CYS E 270 -12.70 -0.34 -1.55
CA CYS E 270 -12.61 -1.50 -0.68
C CYS E 270 -13.70 -1.37 0.37
N ILE E 271 -13.82 -2.40 1.20
CA ILE E 271 -14.89 -2.51 2.17
C ILE E 271 -14.29 -2.50 3.58
N SER E 272 -14.81 -1.62 4.44
CA SER E 272 -14.39 -1.58 5.84
C SER E 272 -15.46 -0.83 6.63
N GLU E 273 -16.01 -1.49 7.64
CA GLU E 273 -17.04 -0.86 8.47
C GLU E 273 -16.49 0.30 9.28
N CYS E 274 -15.27 0.15 9.80
CA CYS E 274 -14.65 1.13 10.66
C CYS E 274 -13.75 2.07 9.87
N ILE E 275 -13.88 3.38 10.13
CA ILE E 275 -13.10 4.41 9.47
C ILE E 275 -12.49 5.31 10.55
N THR E 276 -11.22 5.64 10.39
CA THR E 276 -10.51 6.54 11.29
C THR E 276 -9.78 7.57 10.45
N PRO E 277 -9.36 8.68 11.06
CA PRO E 277 -8.59 9.66 10.28
C PRO E 277 -7.33 9.08 9.65
N ASN E 278 -6.74 8.04 10.26
CA ASN E 278 -5.56 7.39 9.69
C ASN E 278 -5.88 6.45 8.55
N GLY E 279 -7.16 6.21 8.30
CA GLY E 279 -7.62 5.29 7.28
C GLY E 279 -8.50 4.21 7.90
N SER E 280 -8.94 3.30 7.03
CA SER E 280 -9.76 2.20 7.51
C SER E 280 -8.93 1.17 8.24
N ILE E 281 -9.57 0.49 9.19
CA ILE E 281 -8.93 -0.59 9.94
C ILE E 281 -9.90 -1.75 10.06
N PRO E 282 -9.37 -2.96 10.15
CA PRO E 282 -10.25 -4.12 10.34
C PRO E 282 -10.84 -4.11 11.74
N ASN E 283 -12.09 -4.54 11.84
CA ASN E 283 -12.79 -4.57 13.12
C ASN E 283 -12.86 -5.98 13.69
N ASP E 284 -11.90 -6.84 13.34
CA ASP E 284 -11.93 -8.21 13.86
C ASP E 284 -11.58 -8.24 15.34
N LYS E 285 -10.71 -7.40 15.77
CA LYS E 285 -10.27 -7.36 17.15
C LYS E 285 -11.18 -6.46 17.98
N PRO E 286 -11.31 -6.75 19.28
CA PRO E 286 -12.20 -5.97 20.15
C PRO E 286 -11.72 -4.56 20.49
N PHE E 287 -10.41 -4.30 20.48
CA PHE E 287 -9.87 -3.00 20.85
C PHE E 287 -8.99 -2.48 19.72
N GLN E 288 -8.60 -1.21 19.82
CA GLN E 288 -7.76 -0.62 18.79
C GLN E 288 -6.97 0.55 19.37
N ASN E 289 -5.81 0.81 18.75
CA ASN E 289 -4.84 1.81 19.17
C ASN E 289 -4.56 2.85 18.09
N VAL E 290 -5.29 2.85 16.98
CA VAL E 290 -4.95 3.74 15.87
C VAL E 290 -5.40 5.17 16.14
N ASN E 291 -6.64 5.36 16.58
CA ASN E 291 -7.15 6.72 16.81
C ASN E 291 -8.41 6.67 17.67
N LYS E 292 -8.51 7.61 18.61
CA LYS E 292 -9.71 7.68 19.45
C LYS E 292 -10.91 8.15 18.65
N ILE E 293 -10.69 8.89 17.57
CA ILE E 293 -11.76 9.30 16.65
C ILE E 293 -12.07 8.16 15.69
N THR E 294 -13.34 7.78 15.60
CA THR E 294 -13.76 6.65 14.80
C THR E 294 -15.14 6.93 14.21
N TYR E 295 -15.53 6.09 13.25
CA TYR E 295 -16.86 6.15 12.66
C TYR E 295 -17.26 4.76 12.19
N GLY E 296 -18.45 4.33 12.59
CA GLY E 296 -18.98 3.04 12.23
C GLY E 296 -18.79 2.01 13.34
N ALA E 297 -18.94 0.75 12.96
CA ALA E 297 -18.75 -0.37 13.89
C ALA E 297 -17.26 -0.56 14.15
N CYS E 298 -16.77 0.10 15.19
CA CYS E 298 -15.34 0.13 15.45
C CYS E 298 -15.00 -0.56 16.77
N PRO E 299 -13.79 -1.12 16.87
CA PRO E 299 -13.31 -1.60 18.17
C PRO E 299 -13.08 -0.45 19.13
N LYS E 300 -13.21 -0.75 20.41
CA LYS E 300 -13.06 0.25 21.46
C LYS E 300 -11.60 0.72 21.57
N TYR E 301 -11.43 2.04 21.67
CA TYR E 301 -10.09 2.61 21.80
C TYR E 301 -9.44 2.31 23.14
N VAL E 302 -8.15 1.98 23.09
CA VAL E 302 -7.34 1.63 24.25
C VAL E 302 -5.98 2.30 24.10
N LYS E 303 -5.30 2.54 25.23
CA LYS E 303 -4.01 3.22 25.12
C LYS E 303 -2.90 2.24 24.72
N GLN E 304 -3.06 0.97 25.09
CA GLN E 304 -2.06 -0.04 24.77
C GLN E 304 -1.99 -0.29 23.28
N ASN E 305 -0.79 -0.54 22.80
CA ASN E 305 -0.59 -0.88 21.41
C ASN E 305 -0.66 -2.38 21.21
N THR E 306 -0.58 -3.15 22.29
CA THR E 306 -0.67 -4.60 22.24
C THR E 306 -1.23 -5.13 23.56
N LEU E 307 -2.15 -6.09 23.47
CA LEU E 307 -2.67 -6.82 24.63
C LEU E 307 -2.82 -8.26 24.18
N LYS E 308 -1.90 -9.10 24.61
CA LYS E 308 -1.83 -10.49 24.20
C LYS E 308 -2.59 -11.36 25.19
N LEU E 309 -3.49 -12.20 24.68
CA LEU E 309 -4.26 -13.11 25.53
C LEU E 309 -3.67 -14.50 25.37
N ALA E 310 -3.22 -15.09 26.47
CA ALA E 310 -2.61 -16.40 26.35
C ALA E 310 -3.62 -17.35 25.72
N THR E 311 -3.20 -18.03 24.66
CA THR E 311 -4.01 -18.97 23.90
C THR E 311 -3.33 -20.33 23.84
N GLY E 312 -2.50 -20.63 24.83
CA GLY E 312 -1.77 -21.89 24.83
C GLY E 312 -1.07 -22.07 26.15
N MET E 313 -0.44 -23.23 26.29
CA MET E 313 0.34 -23.55 27.48
C MET E 313 1.70 -22.86 27.41
N ARG E 314 2.45 -22.98 28.50
CA ARG E 314 3.76 -22.33 28.56
C ARG E 314 4.75 -23.02 27.62
N ASN E 315 5.57 -22.20 26.98
CA ASN E 315 6.52 -22.58 25.95
C ASN E 315 7.88 -22.86 26.58
N VAL E 316 8.37 -24.10 26.44
CA VAL E 316 9.67 -24.50 26.94
C VAL E 316 10.51 -25.00 25.77
N PRO E 317 11.76 -24.56 25.66
CA PRO E 317 12.59 -24.92 24.50
C PRO E 317 13.02 -26.37 24.51
N GLU E 318 13.27 -26.90 23.30
CA GLU E 318 13.70 -28.29 23.18
C GLU E 318 15.13 -28.46 23.66
N LYS E 319 16.03 -27.59 23.21
CA LYS E 319 17.44 -27.69 23.60
C LYS E 319 17.74 -26.70 24.71
N GLY F 1 20.98 -39.44 21.33
CA GLY F 1 19.65 -38.90 21.11
C GLY F 1 18.60 -39.47 22.04
N ALA F 2 18.88 -39.38 23.34
CA ALA F 2 17.96 -39.92 24.35
C ALA F 2 16.69 -39.07 24.41
N ILE F 3 15.57 -39.71 24.75
CA ILE F 3 14.30 -39.01 24.86
C ILE F 3 14.15 -38.44 26.26
N ALA F 4 13.46 -37.30 26.35
CA ALA F 4 13.22 -36.62 27.61
C ALA F 4 11.74 -36.28 27.74
N GLY F 5 11.25 -36.25 28.99
CA GLY F 5 9.86 -35.98 29.25
C GLY F 5 9.63 -34.50 29.51
N PHE F 6 8.54 -34.19 30.21
CA PHE F 6 8.13 -32.80 30.38
C PHE F 6 8.88 -32.08 31.51
N ILE F 7 9.66 -32.80 32.33
CA ILE F 7 10.20 -32.22 33.57
C ILE F 7 10.95 -30.93 33.25
N GLU F 8 11.96 -31.01 32.40
CA GLU F 8 12.72 -29.83 32.00
C GLU F 8 12.95 -29.85 30.49
N ASN F 9 11.91 -30.23 29.74
CA ASN F 9 12.08 -30.41 28.31
C ASN F 9 10.71 -30.30 27.63
N GLY F 10 10.71 -29.75 26.42
CA GLY F 10 9.50 -29.66 25.64
C GLY F 10 9.71 -30.40 24.35
N TRP F 11 8.65 -30.78 23.63
CA TRP F 11 8.79 -31.49 22.36
C TRP F 11 8.44 -30.53 21.23
N GLU F 12 9.46 -30.01 20.55
CA GLU F 12 9.19 -29.05 19.49
C GLU F 12 8.38 -29.71 18.40
N GLY F 13 8.79 -30.91 18.00
CA GLY F 13 8.08 -31.56 16.93
C GLY F 13 6.80 -32.25 17.34
N MET F 14 5.79 -31.47 17.72
CA MET F 14 4.52 -32.04 18.18
C MET F 14 3.48 -31.03 17.75
N ILE F 15 2.74 -31.37 16.71
CA ILE F 15 1.78 -30.46 16.12
C ILE F 15 0.35 -30.95 16.23
N ASP F 16 0.13 -32.25 16.42
CA ASP F 16 -1.22 -32.80 16.48
C ASP F 16 -1.95 -32.41 17.75
N GLY F 17 -1.24 -32.02 18.81
CA GLY F 17 -1.95 -31.65 20.02
C GLY F 17 -1.07 -30.93 21.03
N TRP F 18 -1.62 -30.75 22.22
CA TRP F 18 -0.92 -30.06 23.30
C TRP F 18 -0.25 -31.06 24.23
N TYR F 19 -0.93 -32.16 24.52
CA TYR F 19 -0.37 -33.19 25.37
C TYR F 19 -0.32 -34.49 24.58
N GLY F 20 0.63 -35.34 24.93
CA GLY F 20 0.72 -36.59 24.21
C GLY F 20 1.67 -37.55 24.88
N PHE F 21 1.91 -38.66 24.18
CA PHE F 21 2.77 -39.73 24.66
C PHE F 21 3.92 -39.96 23.69
N ARG F 22 5.03 -40.46 24.22
CA ARG F 22 6.18 -40.84 23.42
C ARG F 22 6.75 -42.11 24.02
N HIS F 23 7.02 -43.12 23.18
CA HIS F 23 7.44 -44.42 23.70
C HIS F 23 8.65 -44.99 22.97
N GLN F 24 9.27 -45.96 23.63
CA GLN F 24 10.40 -46.71 23.10
C GLN F 24 10.20 -48.17 23.48
N ASN F 25 9.94 -49.03 22.51
CA ASN F 25 9.70 -50.44 22.82
C ASN F 25 10.37 -51.33 21.79
N SER F 26 9.98 -52.61 21.81
CA SER F 26 10.55 -53.60 20.91
C SER F 26 10.34 -53.26 19.44
N GLU F 27 9.23 -52.61 19.10
CA GLU F 27 8.94 -52.25 17.72
C GLU F 27 9.44 -50.87 17.33
N GLY F 28 10.30 -50.26 18.14
CA GLY F 28 10.85 -48.95 17.84
C GLY F 28 10.13 -47.80 18.51
N THR F 29 10.56 -46.59 18.15
CA THR F 29 10.02 -45.37 18.74
C THR F 29 8.71 -44.95 18.05
N GLY F 30 7.97 -44.09 18.74
CA GLY F 30 6.72 -43.58 18.21
C GLY F 30 6.25 -42.41 19.05
N GLN F 31 5.21 -41.74 18.53
CA GLN F 31 4.65 -40.57 19.19
C GLN F 31 3.17 -40.49 18.88
N ALA F 32 2.40 -39.91 19.81
CA ALA F 32 0.96 -39.76 19.60
C ALA F 32 0.43 -38.69 20.55
N ALA F 33 -0.57 -37.95 20.06
CA ALA F 33 -1.16 -36.89 20.85
C ALA F 33 -2.36 -37.44 21.62
N ASP F 34 -2.64 -36.85 22.78
CA ASP F 34 -3.82 -37.19 23.55
C ASP F 34 -4.88 -36.12 23.33
N LEU F 35 -5.96 -36.49 22.63
CA LEU F 35 -6.94 -35.51 22.18
C LEU F 35 -7.87 -35.07 23.30
N LYS F 36 -8.28 -35.99 24.18
CA LYS F 36 -9.23 -35.58 25.21
C LYS F 36 -8.62 -34.59 26.18
N SER F 37 -7.37 -34.79 26.61
CA SER F 37 -6.78 -33.79 27.48
C SER F 37 -6.56 -32.50 26.70
N THR F 38 -6.17 -32.62 25.43
CA THR F 38 -5.99 -31.45 24.58
C THR F 38 -7.31 -30.71 24.38
N GLN F 39 -8.37 -31.43 24.00
CA GLN F 39 -9.64 -30.78 23.73
C GLN F 39 -10.25 -30.17 24.98
N ALA F 40 -10.02 -30.79 26.16
CA ALA F 40 -10.54 -30.19 27.39
C ALA F 40 -9.94 -28.81 27.61
N ALA F 41 -8.63 -28.68 27.38
CA ALA F 41 -7.98 -27.38 27.50
C ALA F 41 -8.50 -26.41 26.45
N ILE F 42 -8.62 -26.87 25.20
CA ILE F 42 -9.12 -25.97 24.15
C ILE F 42 -10.54 -25.51 24.46
N ASP F 43 -11.38 -26.42 24.93
CA ASP F 43 -12.75 -26.03 25.29
C ASP F 43 -12.74 -24.94 26.37
N GLN F 44 -11.80 -25.02 27.32
CA GLN F 44 -11.71 -24.00 28.34
C GLN F 44 -11.25 -22.69 27.76
N ILE F 45 -10.24 -22.72 26.88
CA ILE F 45 -9.78 -21.47 26.28
C ILE F 45 -10.87 -20.86 25.41
N ASN F 46 -11.59 -21.67 24.63
CA ASN F 46 -12.75 -21.14 23.90
C ASN F 46 -13.75 -20.49 24.84
N GLY F 47 -14.05 -21.16 25.96
CA GLY F 47 -15.01 -20.64 26.93
C GLY F 47 -14.66 -19.27 27.48
N LYS F 48 -13.40 -19.08 27.86
CA LYS F 48 -13.00 -17.80 28.43
C LYS F 48 -12.86 -16.69 27.41
N LEU F 49 -12.46 -16.98 26.18
CA LEU F 49 -12.42 -15.92 25.18
C LEU F 49 -13.79 -15.27 25.00
N ASN F 50 -14.87 -16.08 24.96
CA ASN F 50 -16.20 -15.47 24.87
C ASN F 50 -16.48 -14.63 26.11
N ARG F 51 -16.14 -15.16 27.28
CA ARG F 51 -16.37 -14.46 28.54
C ARG F 51 -15.50 -13.21 28.67
N VAL F 52 -14.27 -13.25 28.16
CA VAL F 52 -13.38 -12.08 28.22
C VAL F 52 -13.95 -10.91 27.41
N ILE F 53 -14.76 -11.20 26.40
CA ILE F 53 -15.34 -10.15 25.60
C ILE F 53 -16.79 -9.93 25.97
N GLU F 54 -17.41 -10.87 26.67
CA GLU F 54 -18.78 -10.68 27.11
C GLU F 54 -18.79 -9.71 28.28
N LYS F 55 -17.66 -9.61 28.99
CA LYS F 55 -17.43 -8.72 30.13
C LYS F 55 -16.65 -7.48 29.75
N THR F 56 -15.68 -7.56 28.84
CA THR F 56 -15.07 -6.32 28.37
C THR F 56 -16.12 -5.42 27.76
N ASN F 57 -17.18 -6.00 27.20
CA ASN F 57 -18.23 -5.18 26.61
C ASN F 57 -19.13 -4.61 27.70
N GLU F 58 -18.98 -5.11 28.92
CA GLU F 58 -19.77 -4.70 30.08
C GLU F 58 -19.11 -3.54 30.79
N LYS F 59 -17.78 -3.57 30.92
CA LYS F 59 -17.09 -2.49 31.62
C LYS F 59 -17.08 -1.23 30.77
N PHE F 60 -16.91 -1.40 29.45
CA PHE F 60 -16.82 -0.24 28.57
C PHE F 60 -18.02 0.68 28.75
N HIS F 61 -19.22 0.11 28.80
CA HIS F 61 -20.41 0.94 28.98
C HIS F 61 -20.47 1.51 30.40
N GLN F 62 -20.19 0.68 31.40
CA GLN F 62 -20.23 1.16 32.78
C GLN F 62 -19.40 2.41 32.91
N ILE F 63 -18.17 2.38 32.41
CA ILE F 63 -17.28 3.52 32.50
C ILE F 63 -17.90 4.73 31.82
N GLU F 64 -18.40 4.54 30.59
CA GLU F 64 -18.96 5.66 29.85
C GLU F 64 -20.22 6.21 30.51
N LYS F 65 -21.06 5.32 31.06
CA LYS F 65 -22.29 5.75 31.72
C LYS F 65 -22.00 6.57 32.97
N GLU F 66 -21.05 6.13 33.79
CA GLU F 66 -20.67 6.89 34.98
C GLU F 66 -20.03 8.22 34.58
N PHE F 67 -19.15 8.21 33.58
CA PHE F 67 -18.57 9.47 33.13
C PHE F 67 -19.61 10.37 32.47
N SER F 68 -20.63 9.80 31.83
CA SER F 68 -21.72 10.63 31.32
C SER F 68 -22.45 11.31 32.46
N GLU F 69 -22.63 10.60 33.58
CA GLU F 69 -23.27 11.19 34.75
C GLU F 69 -22.47 12.39 35.28
N VAL F 70 -21.15 12.29 35.28
CA VAL F 70 -20.28 13.37 35.76
C VAL F 70 -20.54 14.66 34.99
N LEU F 77 -12.90 22.22 30.32
CA LEU F 77 -11.91 21.73 29.37
C LEU F 77 -12.23 20.30 28.92
N GLU F 78 -12.21 19.35 29.87
CA GLU F 78 -12.58 17.96 29.59
C GLU F 78 -11.48 17.09 29.00
N LYS F 79 -10.69 17.61 28.06
CA LYS F 79 -9.56 16.86 27.50
C LYS F 79 -8.97 15.92 28.56
N TYR F 80 -8.80 16.45 29.78
CA TYR F 80 -8.27 15.66 30.88
C TYR F 80 -9.23 14.54 31.26
N VAL F 81 -10.53 14.87 31.32
CA VAL F 81 -11.58 13.92 31.66
C VAL F 81 -11.58 12.74 30.70
N GLU F 82 -11.42 13.00 29.41
CA GLU F 82 -11.42 11.88 28.47
C GLU F 82 -10.17 11.06 28.65
N ASP F 83 -9.00 11.70 28.79
CA ASP F 83 -7.78 10.92 29.01
C ASP F 83 -7.91 10.09 30.29
N THR F 84 -8.57 10.66 31.32
CA THR F 84 -8.79 9.91 32.56
C THR F 84 -9.70 8.74 32.30
N LYS F 85 -10.82 8.98 31.60
CA LYS F 85 -11.75 7.91 31.26
C LYS F 85 -11.02 6.81 30.51
N ILE F 86 -10.22 7.19 29.51
CA ILE F 86 -9.49 6.24 28.68
C ILE F 86 -8.47 5.49 29.52
N ASP F 87 -7.77 6.18 30.42
CA ASP F 87 -6.79 5.52 31.27
C ASP F 87 -7.45 4.48 32.17
N LEU F 88 -8.62 4.81 32.73
CA LEU F 88 -9.31 3.85 33.58
C LEU F 88 -9.77 2.63 32.77
N TRP F 89 -10.28 2.87 31.56
CA TRP F 89 -10.72 1.72 30.76
C TRP F 89 -9.55 0.92 30.22
N SER F 90 -8.45 1.58 29.84
CA SER F 90 -7.28 0.85 29.38
C SER F 90 -6.65 0.02 30.49
N TYR F 91 -6.71 0.50 31.73
CA TYR F 91 -6.21 -0.28 32.86
C TYR F 91 -7.09 -1.49 33.12
N ASN F 92 -8.41 -1.27 33.14
CA ASN F 92 -9.34 -2.36 33.38
C ASN F 92 -9.20 -3.49 32.36
N ALA F 93 -8.94 -3.15 31.10
CA ALA F 93 -8.78 -4.16 30.07
C ALA F 93 -7.51 -4.99 30.28
N GLU F 94 -6.38 -4.31 30.51
CA GLU F 94 -5.11 -4.99 30.73
C GLU F 94 -5.18 -5.92 31.93
N LEU F 95 -5.78 -5.47 33.04
CA LEU F 95 -5.84 -6.31 34.22
C LEU F 95 -6.71 -7.54 33.95
N LEU F 96 -7.86 -7.37 33.30
CA LEU F 96 -8.71 -8.52 33.02
C LEU F 96 -7.94 -9.57 32.22
N VAL F 97 -7.27 -9.14 31.15
CA VAL F 97 -6.51 -10.04 30.29
C VAL F 97 -5.38 -10.68 31.09
N ALA F 98 -4.77 -9.89 31.98
CA ALA F 98 -3.72 -10.40 32.85
C ALA F 98 -4.27 -11.51 33.74
N LEU F 99 -5.48 -11.30 34.29
CA LEU F 99 -6.11 -12.30 35.14
C LEU F 99 -6.47 -13.54 34.33
N GLU F 100 -6.97 -13.36 33.12
CA GLU F 100 -7.32 -14.49 32.26
C GLU F 100 -6.08 -15.29 31.91
N ASN F 101 -4.97 -14.60 31.61
CA ASN F 101 -3.73 -15.29 31.26
C ASN F 101 -3.23 -16.13 32.43
N GLN F 102 -3.28 -15.59 33.65
CA GLN F 102 -2.86 -16.38 34.80
C GLN F 102 -3.68 -17.66 34.90
N HIS F 103 -4.99 -17.58 34.68
CA HIS F 103 -5.84 -18.76 34.74
C HIS F 103 -5.55 -19.74 33.60
N THR F 104 -5.28 -19.22 32.40
CA THR F 104 -4.99 -20.11 31.28
C THR F 104 -3.72 -20.90 31.54
N ILE F 105 -2.69 -20.28 32.10
CA ILE F 105 -1.46 -21.02 32.40
C ILE F 105 -1.71 -22.05 33.49
N ASP F 106 -2.56 -21.73 34.47
CA ASP F 106 -2.82 -22.70 35.53
C ASP F 106 -3.64 -23.88 35.03
N LEU F 107 -4.71 -23.63 34.26
CA LEU F 107 -5.55 -24.74 33.81
C LEU F 107 -4.84 -25.65 32.80
N THR F 108 -3.91 -25.11 32.01
CA THR F 108 -3.17 -25.96 31.07
C THR F 108 -2.14 -26.82 31.79
N ASP F 109 -1.48 -26.28 32.82
CA ASP F 109 -0.55 -27.07 33.61
C ASP F 109 -1.30 -28.12 34.43
N SER F 110 -2.49 -27.78 34.91
CA SER F 110 -3.32 -28.72 35.65
C SER F 110 -3.68 -29.92 34.80
N GLU F 111 -4.00 -29.69 33.52
CA GLU F 111 -4.39 -30.77 32.60
C GLU F 111 -3.26 -31.78 32.40
N MET F 112 -2.01 -31.33 32.43
CA MET F 112 -0.87 -32.25 32.29
C MET F 112 -0.80 -33.22 33.46
N ASN F 113 -0.92 -32.72 34.68
CA ASN F 113 -0.86 -33.60 35.84
C ASN F 113 -2.02 -34.60 35.84
N LYS F 114 -3.22 -34.16 35.45
CA LYS F 114 -4.33 -35.10 35.35
C LYS F 114 -4.03 -36.23 34.39
N LEU F 115 -3.38 -35.93 33.27
CA LEU F 115 -3.03 -37.00 32.34
C LEU F 115 -1.96 -37.91 32.94
N PHE F 116 -0.99 -37.32 33.65
CA PHE F 116 0.06 -38.12 34.29
C PHE F 116 -0.54 -39.01 35.37
N GLU F 117 -1.45 -38.47 36.17
CA GLU F 117 -2.05 -39.26 37.24
C GLU F 117 -2.99 -40.33 36.67
N LYS F 118 -3.74 -39.98 35.61
CA LYS F 118 -4.58 -40.98 34.95
C LYS F 118 -3.75 -42.20 34.50
N THR F 119 -2.57 -41.95 33.93
CA THR F 119 -1.72 -43.05 33.49
C THR F 119 -1.15 -43.82 34.66
N ARG F 120 -0.66 -43.11 35.69
CA ARG F 120 -0.15 -43.80 36.87
C ARG F 120 -1.19 -44.72 37.47
N ARG F 121 -2.44 -44.24 37.58
CA ARG F 121 -3.50 -45.10 38.09
C ARG F 121 -3.66 -46.35 37.23
N GLN F 122 -3.58 -46.20 35.91
CA GLN F 122 -3.72 -47.37 35.04
C GLN F 122 -2.62 -48.37 35.29
N LEU F 123 -1.36 -47.90 35.29
CA LEU F 123 -0.23 -48.83 35.40
C LEU F 123 -0.15 -49.46 36.79
N ARG F 124 -0.71 -48.80 37.80
CA ARG F 124 -0.71 -49.29 39.17
C ARG F 124 0.70 -49.65 39.63
N GLU F 125 0.95 -50.94 39.86
CA GLU F 125 2.24 -51.42 40.34
C GLU F 125 3.10 -52.01 39.23
N ASN F 126 2.71 -51.85 37.98
CA ASN F 126 3.40 -52.41 36.82
C ASN F 126 4.46 -51.47 36.24
N ALA F 127 4.63 -50.27 36.80
CA ALA F 127 5.59 -49.31 36.29
C ALA F 127 6.09 -48.44 37.43
N GLU F 128 7.19 -47.74 37.19
CA GLU F 128 7.78 -46.85 38.17
C GLU F 128 8.04 -45.49 37.55
N ASP F 129 7.85 -44.44 38.36
CA ASP F 129 8.10 -43.06 37.93
C ASP F 129 9.60 -42.81 37.89
N MET F 130 10.15 -42.63 36.68
CA MET F 130 11.58 -42.39 36.56
C MET F 130 11.96 -40.98 37.02
N GLY F 131 11.00 -40.08 37.12
CA GLY F 131 11.23 -38.75 37.65
C GLY F 131 11.37 -37.66 36.62
N ASN F 132 11.53 -38.01 35.34
CA ASN F 132 11.67 -37.01 34.27
C ASN F 132 10.40 -36.92 33.42
N GLY F 133 9.28 -37.36 33.97
CA GLY F 133 8.03 -37.39 33.23
C GLY F 133 7.84 -38.63 32.39
N CYS F 134 8.55 -39.70 32.71
CA CYS F 134 8.47 -40.97 32.01
C CYS F 134 8.17 -42.10 33.00
N PHE F 135 7.65 -43.19 32.47
CA PHE F 135 7.39 -44.39 33.24
C PHE F 135 8.29 -45.47 32.67
N LYS F 136 8.96 -46.22 33.54
CA LYS F 136 9.72 -47.39 33.10
C LYS F 136 8.80 -48.60 33.24
N ILE F 137 8.25 -49.05 32.12
CA ILE F 137 7.36 -50.21 32.13
C ILE F 137 8.20 -51.47 32.11
N TYR F 138 8.03 -52.30 33.13
CA TYR F 138 8.90 -53.48 33.32
C TYR F 138 8.32 -54.71 32.65
N HIS F 139 7.72 -54.59 31.47
CA HIS F 139 7.26 -55.76 30.76
C HIS F 139 7.17 -55.43 29.27
N LYS F 140 7.13 -56.47 28.45
CA LYS F 140 7.04 -56.34 27.00
C LYS F 140 5.71 -55.71 26.62
N CYS F 141 5.74 -54.44 26.25
CA CYS F 141 4.54 -53.70 25.89
C CYS F 141 4.62 -53.32 24.41
N ASP F 142 4.03 -54.18 23.58
CA ASP F 142 4.01 -53.95 22.14
C ASP F 142 3.07 -52.79 21.81
N ASN F 143 2.96 -52.50 20.52
CA ASN F 143 2.15 -51.38 20.07
C ASN F 143 0.70 -51.51 20.53
N ALA F 144 0.15 -52.72 20.50
CA ALA F 144 -1.22 -52.92 20.96
C ALA F 144 -1.36 -52.63 22.44
N CYS F 145 -0.33 -52.94 23.23
CA CYS F 145 -0.36 -52.67 24.66
C CYS F 145 -0.32 -51.16 24.92
N ILE F 146 0.45 -50.43 24.10
CA ILE F 146 0.54 -48.98 24.25
C ILE F 146 -0.81 -48.32 23.92
N GLU F 147 -1.44 -48.72 22.81
CA GLU F 147 -2.73 -48.16 22.43
C GLU F 147 -3.77 -48.31 23.53
N SER F 148 -3.74 -49.41 24.27
CA SER F 148 -4.72 -49.57 25.34
C SER F 148 -4.50 -48.58 26.48
N ILE F 149 -3.25 -48.20 26.77
CA ILE F 149 -2.99 -47.17 27.78
C ILE F 149 -3.45 -45.79 27.30
N ARG F 150 -3.14 -45.46 26.04
CA ARG F 150 -3.50 -44.15 25.49
C ARG F 150 -5.02 -43.99 25.38
N ASN F 151 -5.75 -45.05 25.01
CA ASN F 151 -7.20 -44.96 24.90
C ASN F 151 -7.91 -45.38 26.18
N GLY F 152 -7.17 -45.53 27.27
CA GLY F 152 -7.79 -45.75 28.56
C GLY F 152 -8.39 -47.10 28.80
N THR F 153 -7.83 -48.16 28.23
CA THR F 153 -8.37 -49.50 28.42
C THR F 153 -7.33 -50.46 29.01
N TYR F 154 -6.22 -49.93 29.52
CA TYR F 154 -5.19 -50.80 30.08
C TYR F 154 -5.71 -51.49 31.33
N ASP F 155 -5.71 -52.81 31.31
CA ASP F 155 -6.12 -53.64 32.43
C ASP F 155 -4.87 -54.15 33.14
N HIS F 156 -4.59 -53.62 34.32
CA HIS F 156 -3.36 -53.97 35.01
C HIS F 156 -3.28 -55.46 35.35
N ASP F 157 -4.41 -56.11 35.62
CA ASP F 157 -4.39 -57.55 35.96
C ASP F 157 -3.78 -58.40 34.85
N VAL F 158 -3.89 -57.97 33.60
CA VAL F 158 -3.37 -58.69 32.44
C VAL F 158 -1.84 -58.85 32.48
N TYR F 159 -1.15 -57.83 32.99
CA TYR F 159 0.31 -57.69 33.04
C TYR F 159 0.87 -57.83 34.46
N ARG F 160 0.05 -58.28 35.41
CA ARG F 160 0.40 -58.31 36.83
C ARG F 160 1.67 -59.12 37.11
N ASP F 161 1.81 -60.32 36.54
CA ASP F 161 2.99 -61.11 36.87
C ASP F 161 4.28 -60.34 36.55
N GLU F 162 4.36 -59.68 35.39
CA GLU F 162 5.54 -58.88 35.07
C GLU F 162 6.86 -59.49 35.50
N ALA F 163 7.63 -58.80 36.34
CA ALA F 163 8.94 -59.27 36.81
C ALA F 163 9.30 -58.64 38.17
N GLN G 1 -4.35 -18.22 -5.15
CA GLN G 1 -3.98 -19.46 -5.82
C GLN G 1 -4.03 -20.65 -4.85
N VAL G 2 -4.21 -20.34 -3.56
CA VAL G 2 -4.35 -21.37 -2.55
C VAL G 2 -5.59 -22.20 -2.87
N GLN G 3 -5.40 -23.36 -3.48
CA GLN G 3 -6.49 -24.13 -4.06
C GLN G 3 -6.32 -25.61 -3.73
N LEU G 4 -7.31 -26.39 -4.15
CA LEU G 4 -7.32 -27.85 -3.95
C LEU G 4 -8.18 -28.46 -5.04
N VAL G 5 -7.60 -29.34 -5.85
CA VAL G 5 -8.25 -29.86 -7.04
C VAL G 5 -8.40 -31.36 -6.90
N GLU G 6 -9.61 -31.86 -7.17
CA GLU G 6 -9.88 -33.28 -7.15
C GLU G 6 -9.85 -33.87 -8.55
N SER G 7 -10.06 -35.19 -8.63
CA SER G 7 -10.11 -35.92 -9.89
C SER G 7 -10.31 -37.39 -9.59
N GLY G 8 -10.83 -38.13 -10.59
CA GLY G 8 -11.02 -39.57 -10.47
C GLY G 8 -12.45 -40.02 -10.64
N GLY G 9 -13.41 -39.15 -10.34
CA GLY G 9 -14.81 -39.52 -10.45
C GLY G 9 -15.18 -40.02 -11.85
N GLY G 10 -16.35 -40.63 -11.91
CA GLY G 10 -16.88 -41.13 -13.17
C GLY G 10 -17.89 -42.24 -12.91
N VAL G 11 -18.08 -43.06 -13.94
CA VAL G 11 -19.04 -44.15 -13.91
C VAL G 11 -18.33 -45.39 -13.40
N VAL G 12 -19.04 -46.17 -12.58
CA VAL G 12 -18.51 -47.39 -12.00
C VAL G 12 -19.64 -48.36 -11.75
N GLN G 13 -19.40 -49.64 -12.03
CA GLN G 13 -20.44 -50.64 -11.86
C GLN G 13 -20.59 -51.00 -10.39
N PRO G 14 -21.83 -51.24 -9.94
CA PRO G 14 -22.03 -51.61 -8.54
C PRO G 14 -21.15 -52.77 -8.13
N GLY G 15 -20.48 -52.64 -6.99
CA GLY G 15 -19.65 -53.70 -6.47
C GLY G 15 -18.17 -53.51 -6.71
N ARG G 16 -17.80 -52.67 -7.67
CA ARG G 16 -16.40 -52.43 -7.99
C ARG G 16 -15.88 -51.31 -7.09
N SER G 17 -14.64 -50.91 -7.32
CA SER G 17 -13.96 -49.99 -6.42
C SER G 17 -13.38 -48.82 -7.20
N LEU G 18 -13.48 -47.62 -6.63
CA LEU G 18 -12.91 -46.40 -7.16
C LEU G 18 -11.78 -45.90 -6.27
N ARG G 19 -11.02 -44.95 -6.80
CA ARG G 19 -10.00 -44.26 -6.02
C ARG G 19 -10.01 -42.79 -6.43
N LEU G 20 -10.58 -41.94 -5.59
CA LEU G 20 -10.52 -40.50 -5.76
C LEU G 20 -9.20 -39.97 -5.22
N SER G 21 -8.79 -38.81 -5.72
CA SER G 21 -7.52 -38.22 -5.31
C SER G 21 -7.66 -36.72 -5.12
N CYS G 22 -6.95 -36.18 -4.14
CA CYS G 22 -6.90 -34.74 -3.89
C CYS G 22 -5.51 -34.23 -4.21
N ALA G 23 -5.43 -33.14 -4.97
CA ALA G 23 -4.16 -32.55 -5.39
C ALA G 23 -4.07 -31.14 -4.82
N ALA G 24 -3.20 -30.96 -3.84
CA ALA G 24 -3.00 -29.64 -3.26
C ALA G 24 -2.08 -28.80 -4.14
N SER G 25 -2.26 -27.47 -4.07
CA SER G 25 -1.48 -26.56 -4.90
C SER G 25 -1.46 -25.18 -4.24
N GLY G 26 -0.28 -24.74 -3.85
CA GLY G 26 -0.09 -23.37 -3.41
C GLY G 26 0.03 -23.15 -1.92
N PHE G 27 0.29 -24.17 -1.13
CA PHE G 27 0.44 -23.96 0.31
C PHE G 27 1.14 -25.16 0.94
N SER G 28 1.44 -25.02 2.22
CA SER G 28 2.07 -26.08 2.98
C SER G 28 1.10 -27.26 3.12
N PHE G 29 0.85 -27.95 2.00
CA PHE G 29 -0.01 -29.13 2.04
C PHE G 29 0.51 -30.16 3.03
N SER G 30 1.83 -30.36 3.06
CA SER G 30 2.40 -31.32 4.00
C SER G 30 2.00 -31.01 5.43
N THR G 31 1.57 -29.78 5.71
CA THR G 31 1.19 -29.38 7.05
C THR G 31 -0.30 -29.02 7.09
N SER G 32 -1.15 -29.99 6.80
CA SER G 32 -2.58 -29.72 6.72
C SER G 32 -3.33 -31.02 6.97
N VAL G 33 -4.29 -30.99 7.89
CA VAL G 33 -5.25 -32.08 8.01
C VAL G 33 -6.30 -31.91 6.92
N ILE G 34 -6.64 -33.01 6.26
CA ILE G 34 -7.56 -32.97 5.11
C ILE G 34 -8.70 -33.94 5.32
N HIS G 35 -9.91 -33.51 4.93
CA HIS G 35 -11.14 -34.24 5.16
C HIS G 35 -11.76 -34.62 3.84
N TRP G 36 -12.75 -35.51 3.90
CA TRP G 36 -13.55 -35.85 2.75
C TRP G 36 -15.02 -35.75 3.10
N VAL G 37 -15.78 -35.17 2.21
CA VAL G 37 -17.20 -34.93 2.40
C VAL G 37 -17.89 -35.23 1.09
N ARG G 38 -19.07 -35.86 1.16
CA ARG G 38 -19.89 -36.17 0.01
C ARG G 38 -21.27 -35.53 0.17
N GLN G 39 -22.01 -35.43 -0.93
CA GLN G 39 -23.35 -34.87 -0.91
C GLN G 39 -24.21 -35.63 -1.91
N THR G 40 -25.30 -36.22 -1.43
CA THR G 40 -26.29 -36.80 -2.33
C THR G 40 -26.90 -35.70 -3.18
N PRO G 41 -27.16 -35.95 -4.47
CA PRO G 41 -27.73 -34.91 -5.33
C PRO G 41 -28.94 -34.24 -4.70
N GLY G 42 -28.82 -32.95 -4.40
CA GLY G 42 -29.91 -32.21 -3.79
C GLY G 42 -30.37 -32.76 -2.46
N LYS G 43 -29.44 -33.20 -1.61
CA LYS G 43 -29.80 -33.67 -0.28
C LYS G 43 -29.02 -32.81 0.72
N GLY G 44 -27.89 -33.27 1.23
CA GLY G 44 -27.13 -32.49 2.20
C GLY G 44 -25.76 -33.09 2.38
N LEU G 45 -24.87 -32.30 2.98
CA LEU G 45 -23.49 -32.74 3.13
C LEU G 45 -23.38 -33.85 4.17
N GLU G 46 -22.52 -34.82 3.91
CA GLU G 46 -22.23 -35.90 4.84
C GLU G 46 -20.72 -36.03 4.99
N TRP G 47 -20.22 -35.90 6.22
CA TRP G 47 -18.79 -35.98 6.47
C TRP G 47 -18.35 -37.43 6.54
N LEU G 48 -17.28 -37.77 5.81
CA LEU G 48 -16.86 -39.17 5.64
C LEU G 48 -15.64 -39.52 6.47
N ALA G 49 -14.51 -38.86 6.27
CA ALA G 49 -13.28 -39.30 6.92
C ALA G 49 -12.29 -38.14 7.04
N VAL G 50 -11.26 -38.36 7.85
CA VAL G 50 -10.18 -37.41 8.06
C VAL G 50 -8.86 -38.16 8.17
N ILE G 51 -7.80 -37.53 7.71
CA ILE G 51 -6.45 -38.10 7.80
C ILE G 51 -5.54 -37.08 8.43
N SER G 52 -4.72 -37.52 9.38
CA SER G 52 -3.79 -36.61 10.01
C SER G 52 -2.91 -35.94 8.96
N TYR G 53 -2.09 -35.00 9.42
CA TYR G 53 -1.28 -34.21 8.50
C TYR G 53 -0.12 -35.00 7.90
N ASP G 54 0.08 -36.25 8.31
CA ASP G 54 1.16 -37.06 7.80
C ASP G 54 0.76 -38.49 7.48
N GLY G 55 -0.47 -38.91 7.81
CA GLY G 55 -0.94 -40.26 7.56
C GLY G 55 -1.09 -41.12 8.79
N SER G 56 -0.44 -40.75 9.91
CA SER G 56 -0.44 -41.60 11.08
C SER G 56 -1.84 -42.09 11.46
N ASN G 57 -2.84 -41.20 11.44
CA ASN G 57 -4.17 -41.50 11.94
C ASN G 57 -5.24 -41.31 10.86
N LYS G 58 -6.30 -42.11 10.97
CA LYS G 58 -7.40 -42.08 10.01
C LYS G 58 -8.70 -42.40 10.73
N TYR G 59 -9.74 -41.60 10.48
CA TYR G 59 -11.03 -41.80 11.12
C TYR G 59 -12.12 -41.63 10.08
N TYR G 60 -13.17 -42.43 10.21
CA TYR G 60 -14.21 -42.52 9.19
C TYR G 60 -15.57 -42.44 9.84
N ALA G 61 -16.55 -41.97 9.09
CA ALA G 61 -17.91 -41.90 9.59
C ALA G 61 -18.42 -43.32 9.88
N ASP G 62 -19.52 -43.41 10.62
CA ASP G 62 -20.01 -44.72 11.00
C ASP G 62 -20.44 -45.53 9.78
N SER G 63 -21.26 -44.95 8.93
CA SER G 63 -21.82 -45.64 7.76
C SER G 63 -20.83 -45.68 6.61
N VAL G 64 -19.58 -46.05 6.88
CA VAL G 64 -18.54 -46.01 5.86
C VAL G 64 -17.34 -46.79 6.37
N GLN G 65 -17.49 -47.42 7.54
CA GLN G 65 -16.42 -48.27 8.04
C GLN G 65 -16.16 -49.42 7.07
N GLY G 66 -14.99 -50.01 7.20
CA GLY G 66 -14.66 -51.12 6.33
C GLY G 66 -14.36 -50.73 4.89
N ARG G 67 -15.23 -49.95 4.26
CA ARG G 67 -15.14 -49.76 2.82
C ARG G 67 -14.17 -48.67 2.38
N PHE G 68 -14.07 -47.57 3.12
CA PHE G 68 -13.29 -46.44 2.64
C PHE G 68 -11.92 -46.38 3.32
N THR G 69 -10.99 -45.68 2.69
CA THR G 69 -9.60 -45.68 3.17
C THR G 69 -8.92 -44.41 2.66
N ILE G 70 -8.70 -43.45 3.56
CA ILE G 70 -7.91 -42.27 3.25
C ILE G 70 -6.42 -42.63 3.29
N SER G 71 -5.62 -41.82 2.59
CA SER G 71 -4.18 -42.03 2.55
C SER G 71 -3.55 -40.84 1.84
N ARG G 72 -2.27 -40.63 2.10
CA ARG G 72 -1.57 -39.48 1.55
C ARG G 72 -0.08 -39.77 1.42
N ASP G 73 0.52 -39.20 0.40
CA ASP G 73 1.97 -39.25 0.18
C ASP G 73 2.45 -37.81 0.17
N ASN G 74 3.01 -37.36 1.31
CA ASN G 74 3.39 -35.96 1.41
C ASN G 74 4.52 -35.60 0.44
N SER G 75 5.44 -36.53 0.19
CA SER G 75 6.48 -36.28 -0.82
C SER G 75 5.87 -36.06 -2.20
N ASN G 76 4.76 -36.75 -2.49
CA ASN G 76 4.14 -36.73 -3.81
C ASN G 76 2.93 -35.82 -3.90
N ASN G 77 2.52 -35.19 -2.79
CA ASN G 77 1.46 -34.17 -2.77
C ASN G 77 0.12 -34.69 -3.30
N THR G 78 -0.30 -35.87 -2.83
CA THR G 78 -1.58 -36.42 -3.23
C THR G 78 -2.27 -37.08 -2.05
N LEU G 79 -3.61 -37.05 -2.08
CA LEU G 79 -4.45 -37.66 -1.06
C LEU G 79 -5.41 -38.62 -1.76
N TYR G 80 -5.78 -39.69 -1.09
CA TYR G 80 -6.66 -40.68 -1.69
C TYR G 80 -7.82 -41.03 -0.78
N LEU G 81 -9.02 -41.04 -1.35
CA LEU G 81 -10.17 -41.73 -0.80
C LEU G 81 -10.45 -42.94 -1.68
N GLN G 82 -10.69 -44.09 -1.05
CA GLN G 82 -10.86 -45.34 -1.79
C GLN G 82 -12.16 -46.00 -1.36
N VAL G 83 -13.08 -46.16 -2.30
CA VAL G 83 -14.38 -46.76 -2.05
C VAL G 83 -14.37 -48.19 -2.57
N ASN G 84 -14.96 -49.11 -1.79
CA ASN G 84 -15.03 -50.50 -2.20
C ASN G 84 -16.48 -50.96 -2.22
N SER G 85 -16.76 -51.93 -3.09
CA SER G 85 -18.10 -52.50 -3.21
C SER G 85 -19.15 -51.40 -3.27
N LEU G 86 -18.93 -50.44 -4.18
CA LEU G 86 -19.82 -49.30 -4.29
C LEU G 86 -21.27 -49.75 -4.42
N ARG G 87 -22.18 -48.89 -3.96
CA ARG G 87 -23.61 -49.17 -3.95
C ARG G 87 -24.35 -47.98 -4.52
N PRO G 88 -25.65 -48.12 -4.78
CA PRO G 88 -26.42 -46.99 -5.32
C PRO G 88 -26.57 -45.83 -4.35
N GLU G 89 -26.23 -46.00 -3.07
CA GLU G 89 -26.20 -44.91 -2.11
C GLU G 89 -24.90 -44.12 -2.15
N ASP G 90 -24.02 -44.42 -3.12
CA ASP G 90 -22.71 -43.78 -3.21
C ASP G 90 -22.64 -42.74 -4.33
N THR G 91 -23.63 -42.71 -5.22
CA THR G 91 -23.68 -41.67 -6.23
C THR G 91 -23.80 -40.33 -5.53
N ALA G 92 -22.78 -39.48 -5.66
CA ALA G 92 -22.78 -38.20 -4.99
C ALA G 92 -21.52 -37.44 -5.38
N VAL G 93 -21.47 -36.18 -4.99
CA VAL G 93 -20.28 -35.36 -5.20
C VAL G 93 -19.38 -35.49 -3.97
N TYR G 94 -18.07 -35.63 -4.20
CA TYR G 94 -17.09 -35.80 -3.13
C TYR G 94 -16.16 -34.61 -3.13
N TYR G 95 -16.02 -33.94 -1.98
CA TYR G 95 -15.21 -32.74 -1.83
C TYR G 95 -13.99 -33.02 -0.95
N CYS G 96 -12.90 -32.31 -1.24
CA CYS G 96 -11.80 -32.21 -0.31
C CYS G 96 -12.11 -31.12 0.71
N ALA G 97 -11.18 -30.93 1.63
CA ALA G 97 -11.31 -29.86 2.59
C ALA G 97 -10.04 -29.82 3.42
N ARG G 98 -9.65 -28.65 3.88
CA ARG G 98 -8.48 -28.52 4.71
C ARG G 98 -8.92 -28.21 6.13
N GLY G 99 -8.26 -28.81 7.11
CA GLY G 99 -8.59 -28.52 8.48
C GLY G 99 -7.89 -27.24 8.89
N ILE G 100 -8.60 -26.43 9.67
CA ILE G 100 -8.06 -25.13 10.07
C ILE G 100 -7.14 -25.32 11.26
N THR G 101 -6.12 -24.49 11.33
CA THR G 101 -5.26 -24.51 12.50
C THR G 101 -6.11 -24.08 13.69
N VAL G 102 -5.90 -24.71 14.84
CA VAL G 102 -6.63 -24.36 16.05
C VAL G 102 -5.61 -23.97 17.12
N PHE G 103 -5.51 -22.69 17.41
CA PHE G 103 -4.56 -22.19 18.41
C PHE G 103 -3.15 -22.72 18.15
N GLY G 104 -2.76 -22.74 16.87
CA GLY G 104 -1.45 -23.17 16.47
C GLY G 104 -1.26 -24.66 16.31
N LEU G 105 -2.30 -25.45 16.53
CA LEU G 105 -2.19 -26.90 16.44
C LEU G 105 -2.77 -27.40 15.11
N LEU G 106 -2.22 -28.51 14.65
CA LEU G 106 -2.76 -29.27 13.52
C LEU G 106 -3.74 -30.31 14.04
N ILE G 107 -4.77 -29.80 14.73
CA ILE G 107 -5.76 -30.68 15.30
C ILE G 107 -6.48 -31.45 14.20
N ILE G 108 -6.92 -32.66 14.52
CA ILE G 108 -7.63 -33.48 13.52
C ILE G 108 -9.10 -33.10 13.42
N ASN G 109 -9.71 -32.59 14.50
CA ASN G 109 -11.13 -32.23 14.51
C ASN G 109 -11.28 -30.72 14.57
N SER G 110 -11.47 -30.10 13.41
CA SER G 110 -11.72 -28.67 13.34
C SER G 110 -12.61 -28.40 12.13
N ALA G 111 -12.76 -27.13 11.79
CA ALA G 111 -13.58 -26.71 10.67
C ALA G 111 -12.75 -26.69 9.40
N MET G 112 -13.45 -26.64 8.27
CA MET G 112 -12.83 -26.82 6.96
C MET G 112 -12.67 -25.48 6.27
N ASP G 113 -11.41 -25.12 6.02
CA ASP G 113 -11.06 -23.82 5.43
C ASP G 113 -11.23 -23.85 3.91
N VAL G 114 -10.33 -24.55 3.20
CA VAL G 114 -10.32 -24.63 1.73
C VAL G 114 -11.11 -25.86 1.29
N TRP G 115 -11.79 -25.73 0.15
CA TRP G 115 -12.58 -26.81 -0.40
C TRP G 115 -12.17 -27.05 -1.85
N GLY G 116 -12.39 -28.29 -2.32
CA GLY G 116 -12.14 -28.62 -3.70
C GLY G 116 -13.37 -28.40 -4.56
N GLN G 117 -13.16 -28.52 -5.87
CA GLN G 117 -14.27 -28.31 -6.81
C GLN G 117 -15.27 -29.46 -6.75
N GLY G 118 -14.80 -30.67 -6.49
CA GLY G 118 -15.68 -31.81 -6.28
C GLY G 118 -15.84 -32.72 -7.48
N THR G 119 -15.40 -33.98 -7.36
CA THR G 119 -15.66 -34.98 -8.38
C THR G 119 -16.98 -35.70 -8.08
N THR G 120 -17.68 -36.09 -9.13
CA THR G 120 -18.95 -36.80 -9.00
C THR G 120 -18.73 -38.27 -9.33
N VAL G 121 -19.31 -39.13 -8.49
CA VAL G 121 -19.19 -40.58 -8.61
C VAL G 121 -20.61 -41.14 -8.72
N THR G 122 -20.91 -41.77 -9.86
CA THR G 122 -22.22 -42.35 -10.11
C THR G 122 -22.05 -43.86 -10.30
N VAL G 123 -22.56 -44.64 -9.35
CA VAL G 123 -22.52 -46.09 -9.46
C VAL G 123 -23.62 -46.52 -10.41
N SER G 124 -23.24 -47.13 -11.53
CA SER G 124 -24.18 -47.56 -12.55
C SER G 124 -23.43 -48.40 -13.57
N SER G 125 -24.13 -49.38 -14.13
CA SER G 125 -23.59 -50.21 -15.18
C SER G 125 -23.98 -49.71 -16.57
N ALA G 126 -24.29 -48.42 -16.70
CA ALA G 126 -24.69 -47.82 -17.95
C ALA G 126 -23.48 -47.16 -18.62
N SER G 127 -23.33 -47.38 -19.92
CA SER G 127 -22.20 -46.81 -20.63
C SER G 127 -22.30 -45.29 -20.66
N THR G 128 -21.17 -44.62 -20.44
CA THR G 128 -21.15 -43.17 -20.59
C THR G 128 -21.36 -42.80 -22.05
N LYS G 129 -21.95 -41.62 -22.27
CA LYS G 129 -22.30 -41.18 -23.61
C LYS G 129 -22.12 -39.68 -23.69
N GLY G 130 -21.69 -39.21 -24.86
CA GLY G 130 -21.48 -37.79 -25.04
C GLY G 130 -22.78 -37.07 -25.36
N PRO G 131 -22.77 -35.75 -25.25
CA PRO G 131 -23.99 -34.97 -25.49
C PRO G 131 -24.16 -34.53 -26.93
N SER G 132 -25.43 -34.42 -27.33
CA SER G 132 -25.81 -33.73 -28.55
C SER G 132 -26.26 -32.33 -28.16
N VAL G 133 -25.79 -31.33 -28.90
CA VAL G 133 -26.04 -29.95 -28.57
C VAL G 133 -26.80 -29.31 -29.73
N PHE G 134 -27.93 -28.71 -29.42
CA PHE G 134 -28.78 -28.09 -30.41
C PHE G 134 -29.04 -26.64 -30.03
N PRO G 135 -29.17 -25.74 -31.01
CA PRO G 135 -29.42 -24.34 -30.69
C PRO G 135 -30.89 -24.05 -30.46
N LEU G 136 -31.13 -23.10 -29.57
CA LEU G 136 -32.46 -22.54 -29.34
C LEU G 136 -32.45 -21.18 -30.03
N ALA G 137 -33.13 -21.08 -31.17
CA ALA G 137 -33.01 -19.90 -32.01
C ALA G 137 -33.96 -18.83 -31.53
N PRO G 138 -33.48 -17.62 -31.22
CA PRO G 138 -34.40 -16.53 -30.89
C PRO G 138 -35.15 -16.10 -32.14
N SER G 139 -36.46 -15.89 -32.00
CA SER G 139 -37.30 -15.60 -33.16
C SER G 139 -38.20 -14.41 -32.86
N SER G 140 -38.57 -13.72 -33.93
CA SER G 140 -39.43 -12.54 -33.83
C SER G 140 -40.90 -12.94 -33.73
N THR G 147 -37.48 -8.24 -24.38
CA THR G 147 -36.61 -8.42 -25.53
C THR G 147 -36.77 -9.85 -26.06
N ALA G 148 -35.72 -10.38 -26.70
CA ALA G 148 -35.71 -11.74 -27.19
C ALA G 148 -34.54 -12.48 -26.54
N ALA G 149 -34.75 -13.78 -26.27
CA ALA G 149 -33.78 -14.61 -25.59
C ALA G 149 -33.46 -15.85 -26.41
N LEU G 150 -32.26 -16.38 -26.24
CA LEU G 150 -31.82 -17.58 -26.96
C LEU G 150 -31.08 -18.52 -26.01
N GLY G 151 -30.77 -19.71 -26.50
CA GLY G 151 -30.11 -20.68 -25.65
C GLY G 151 -29.65 -21.91 -26.41
N CYS G 152 -29.29 -22.93 -25.63
CA CYS G 152 -28.81 -24.21 -26.12
C CYS G 152 -29.50 -25.35 -25.40
N LEU G 153 -29.78 -26.42 -26.14
CA LEU G 153 -30.38 -27.63 -25.58
C LEU G 153 -29.31 -28.72 -25.58
N VAL G 154 -28.89 -29.16 -24.41
CA VAL G 154 -27.91 -30.22 -24.25
C VAL G 154 -28.67 -31.50 -23.95
N LYS G 155 -28.61 -32.46 -24.87
CA LYS G 155 -29.45 -33.64 -24.85
C LYS G 155 -28.61 -34.91 -24.93
N ASP G 156 -29.13 -35.98 -24.32
CA ASP G 156 -28.62 -37.35 -24.48
C ASP G 156 -27.14 -37.45 -24.08
N TYR G 157 -26.91 -37.37 -22.78
CA TYR G 157 -25.58 -37.58 -22.24
C TYR G 157 -25.69 -38.36 -20.93
N PHE G 158 -24.57 -38.96 -20.53
CA PHE G 158 -24.49 -39.72 -19.29
C PHE G 158 -23.03 -40.01 -18.96
N PRO G 159 -22.65 -39.88 -17.67
CA PRO G 159 -23.39 -39.45 -16.49
C PRO G 159 -23.36 -37.93 -16.30
N GLU G 160 -23.76 -37.46 -15.13
CA GLU G 160 -23.60 -36.06 -14.78
C GLU G 160 -22.15 -35.75 -14.43
N PRO G 161 -21.76 -34.46 -14.48
CA PRO G 161 -22.52 -33.29 -14.90
C PRO G 161 -21.92 -32.68 -16.15
N VAL G 162 -22.59 -31.68 -16.72
CA VAL G 162 -22.06 -30.90 -17.83
C VAL G 162 -22.00 -29.44 -17.40
N THR G 163 -20.95 -28.76 -17.82
CA THR G 163 -20.78 -27.33 -17.55
C THR G 163 -21.08 -26.56 -18.83
N VAL G 164 -21.71 -25.39 -18.67
CA VAL G 164 -22.10 -24.56 -19.80
C VAL G 164 -21.66 -23.12 -19.52
N SER G 165 -20.92 -22.53 -20.46
CA SER G 165 -20.54 -21.13 -20.42
C SER G 165 -20.95 -20.49 -21.73
N TRP G 166 -20.90 -19.16 -21.78
CA TRP G 166 -21.31 -18.42 -22.96
C TRP G 166 -20.21 -17.47 -23.40
N ASN G 167 -19.88 -17.50 -24.69
CA ASN G 167 -18.85 -16.65 -25.27
C ASN G 167 -17.53 -16.83 -24.53
N SER G 168 -17.22 -18.08 -24.19
CA SER G 168 -15.94 -18.42 -23.55
C SER G 168 -15.76 -17.67 -22.22
N GLY G 169 -16.86 -17.39 -21.53
CA GLY G 169 -16.80 -16.80 -20.20
C GLY G 169 -17.07 -15.32 -20.13
N ALA G 170 -17.18 -14.63 -21.27
CA ALA G 170 -17.38 -13.19 -21.27
C ALA G 170 -18.80 -12.79 -20.90
N LEU G 171 -19.76 -13.70 -20.99
CA LEU G 171 -21.17 -13.41 -20.73
C LEU G 171 -21.57 -14.09 -19.41
N THR G 172 -21.91 -13.28 -18.41
CA THR G 172 -22.32 -13.81 -17.11
C THR G 172 -23.68 -13.32 -16.67
N SER G 173 -24.03 -12.07 -16.98
CA SER G 173 -25.32 -11.51 -16.57
C SER G 173 -26.45 -12.09 -17.41
N GLY G 174 -27.51 -12.56 -16.75
CA GLY G 174 -28.67 -13.05 -17.45
C GLY G 174 -28.63 -14.50 -17.85
N VAL G 175 -27.68 -15.28 -17.35
CA VAL G 175 -27.53 -16.68 -17.74
C VAL G 175 -28.39 -17.54 -16.83
N HIS G 176 -29.00 -18.58 -17.40
CA HIS G 176 -29.77 -19.55 -16.64
C HIS G 176 -29.48 -20.94 -17.19
N THR G 177 -28.76 -21.76 -16.42
CA THR G 177 -28.53 -23.15 -16.76
C THR G 177 -29.46 -23.99 -15.90
N PHE G 178 -30.40 -24.67 -16.54
CA PHE G 178 -31.43 -25.38 -15.81
C PHE G 178 -30.90 -26.72 -15.29
N PRO G 179 -31.45 -27.23 -14.20
CA PRO G 179 -31.06 -28.56 -13.72
C PRO G 179 -31.32 -29.63 -14.78
N ALA G 180 -30.38 -30.57 -14.88
CA ALA G 180 -30.57 -31.69 -15.78
C ALA G 180 -31.71 -32.58 -15.32
N VAL G 181 -32.39 -33.19 -16.28
CA VAL G 181 -33.48 -34.13 -16.01
C VAL G 181 -33.17 -35.44 -16.71
N LEU G 182 -33.51 -36.56 -16.07
CA LEU G 182 -33.30 -37.88 -16.66
C LEU G 182 -34.46 -38.17 -17.59
N GLN G 183 -34.17 -38.26 -18.89
CA GLN G 183 -35.22 -38.50 -19.87
C GLN G 183 -35.68 -39.95 -19.80
N SER G 184 -36.84 -40.20 -20.41
CA SER G 184 -37.39 -41.55 -20.43
C SER G 184 -36.45 -42.54 -21.11
N SER G 185 -35.57 -42.06 -22.00
CA SER G 185 -34.63 -42.92 -22.70
C SER G 185 -33.46 -43.35 -21.82
N GLY G 186 -33.40 -42.89 -20.57
CA GLY G 186 -32.31 -43.24 -19.67
C GLY G 186 -31.13 -42.30 -19.69
N LEU G 187 -31.13 -41.30 -20.57
CA LEU G 187 -30.07 -40.30 -20.64
C LEU G 187 -30.57 -38.97 -20.12
N TYR G 188 -29.64 -38.13 -19.68
CA TYR G 188 -29.99 -36.83 -19.15
C TYR G 188 -30.21 -35.83 -20.28
N SER G 189 -30.98 -34.78 -19.97
CA SER G 189 -31.16 -33.67 -20.90
C SER G 189 -31.15 -32.37 -20.10
N LEU G 190 -30.54 -31.33 -20.68
CA LEU G 190 -30.30 -30.07 -20.03
C LEU G 190 -30.66 -28.92 -20.96
N SER G 191 -31.04 -27.80 -20.37
CA SER G 191 -31.39 -26.61 -21.14
C SER G 191 -30.71 -25.40 -20.52
N SER G 192 -30.01 -24.63 -21.34
CA SER G 192 -29.32 -23.43 -20.90
C SER G 192 -29.73 -22.28 -21.82
N VAL G 193 -30.05 -21.13 -21.22
CA VAL G 193 -30.59 -19.99 -21.97
C VAL G 193 -29.81 -18.73 -21.62
N VAL G 194 -29.97 -17.71 -22.46
CA VAL G 194 -29.31 -16.42 -22.28
C VAL G 194 -30.19 -15.33 -22.87
N THR G 195 -30.29 -14.22 -22.14
CA THR G 195 -31.11 -13.07 -22.54
C THR G 195 -30.26 -12.00 -23.20
N VAL G 196 -30.78 -11.37 -24.24
CA VAL G 196 -30.05 -10.34 -24.96
C VAL G 196 -30.97 -9.18 -25.27
N PRO G 197 -30.40 -7.99 -25.52
CA PRO G 197 -31.22 -6.84 -25.91
C PRO G 197 -31.75 -7.00 -27.33
N SER G 198 -33.06 -6.78 -27.49
CA SER G 198 -33.67 -6.81 -28.82
C SER G 198 -32.95 -5.83 -29.75
N SER G 199 -31.77 -6.21 -30.24
CA SER G 199 -30.99 -5.32 -31.09
C SER G 199 -29.85 -6.03 -31.81
N SER G 200 -29.55 -7.27 -31.45
CA SER G 200 -28.40 -7.99 -32.01
C SER G 200 -28.88 -8.83 -33.20
N LEU G 201 -28.92 -8.18 -34.36
CA LEU G 201 -29.29 -8.86 -35.61
C LEU G 201 -28.14 -9.73 -36.10
N GLY G 202 -27.66 -10.65 -35.26
CA GLY G 202 -26.45 -11.37 -35.62
C GLY G 202 -25.22 -10.52 -35.75
N THR G 203 -25.28 -9.26 -35.29
CA THR G 203 -24.11 -8.41 -35.13
C THR G 203 -23.27 -8.80 -33.92
N GLN G 204 -23.83 -9.59 -33.01
CA GLN G 204 -23.11 -10.07 -31.83
C GLN G 204 -23.09 -11.59 -31.88
N THR G 205 -21.91 -12.16 -31.67
CA THR G 205 -21.74 -13.61 -31.73
C THR G 205 -22.09 -14.23 -30.39
N TYR G 206 -22.93 -15.28 -30.43
CA TYR G 206 -23.35 -15.99 -29.23
C TYR G 206 -23.02 -17.47 -29.42
N ILE G 207 -22.08 -17.96 -28.62
CA ILE G 207 -21.64 -19.35 -28.65
C ILE G 207 -21.82 -19.92 -27.26
N CYS G 208 -22.54 -21.04 -27.16
CA CYS G 208 -22.60 -21.78 -25.90
C CYS G 208 -21.53 -22.85 -25.94
N ASN G 209 -20.68 -22.86 -24.92
CA ASN G 209 -19.55 -23.78 -24.83
C ASN G 209 -19.93 -24.88 -23.85
N VAL G 210 -20.08 -26.10 -24.35
CA VAL G 210 -20.50 -27.25 -23.56
C VAL G 210 -19.28 -28.12 -23.31
N ASN G 211 -19.03 -28.42 -22.04
CA ASN G 211 -17.91 -29.27 -21.65
C ASN G 211 -18.43 -30.43 -20.82
N HIS G 212 -18.17 -31.65 -21.29
CA HIS G 212 -18.60 -32.87 -20.61
C HIS G 212 -17.35 -33.73 -20.42
N LYS G 213 -16.74 -33.61 -19.23
CA LYS G 213 -15.46 -34.22 -18.93
C LYS G 213 -15.53 -35.74 -18.93
N PRO G 214 -16.58 -36.36 -18.38
CA PRO G 214 -16.63 -37.83 -18.34
C PRO G 214 -16.29 -38.53 -19.66
N SER G 215 -16.71 -37.95 -20.79
CA SER G 215 -16.42 -38.54 -22.10
C SER G 215 -15.51 -37.66 -22.95
N ASN G 216 -14.90 -36.64 -22.35
CA ASN G 216 -13.96 -35.76 -23.06
C ASN G 216 -14.60 -35.16 -24.31
N THR G 217 -15.84 -34.71 -24.19
CA THR G 217 -16.57 -34.08 -25.28
C THR G 217 -16.62 -32.58 -25.08
N LYS G 218 -16.17 -31.84 -26.09
CA LYS G 218 -16.31 -30.39 -26.14
C LYS G 218 -17.15 -30.04 -27.37
N VAL G 219 -18.01 -29.03 -27.23
CA VAL G 219 -18.91 -28.63 -28.30
C VAL G 219 -19.08 -27.12 -28.26
N ASP G 220 -19.16 -26.52 -29.45
CA ASP G 220 -19.47 -25.09 -29.60
C ASP G 220 -20.49 -24.91 -30.70
N LYS G 221 -21.63 -24.29 -30.35
CA LYS G 221 -22.72 -24.05 -31.29
C LYS G 221 -23.08 -22.58 -31.26
N LYS G 222 -22.99 -21.94 -32.42
CA LYS G 222 -23.41 -20.55 -32.57
C LYS G 222 -24.93 -20.50 -32.75
N VAL G 223 -25.56 -19.49 -32.15
CA VAL G 223 -26.99 -19.29 -32.23
C VAL G 223 -27.26 -17.99 -32.97
N GLU G 224 -27.96 -18.09 -34.09
CA GLU G 224 -28.27 -16.96 -34.96
C GLU G 224 -29.76 -16.99 -35.24
N PRO G 225 -30.32 -15.90 -35.79
CA PRO G 225 -31.77 -15.88 -36.04
C PRO G 225 -32.19 -16.80 -37.17
N LYS G 226 -33.47 -16.73 -37.54
CA LYS G 226 -34.06 -17.61 -38.54
C LYS G 226 -34.62 -16.76 -39.68
N SER G 227 -34.12 -17.00 -40.89
CA SER G 227 -34.60 -16.29 -42.08
C SER G 227 -35.83 -16.96 -42.68
N ASP H 1 -24.79 -41.01 20.67
CA ASP H 1 -24.21 -40.85 19.34
C ASP H 1 -24.33 -39.40 18.88
N ILE H 2 -25.08 -38.61 19.65
CA ILE H 2 -25.38 -37.23 19.30
C ILE H 2 -26.24 -37.20 18.05
N GLN H 3 -26.82 -36.04 17.75
CA GLN H 3 -27.73 -35.86 16.63
C GLN H 3 -27.95 -34.38 16.38
N MET H 4 -27.32 -33.81 15.36
CA MET H 4 -27.59 -32.42 15.05
C MET H 4 -28.98 -32.31 14.43
N THR H 5 -29.74 -31.31 14.87
CA THR H 5 -31.13 -31.14 14.44
C THR H 5 -31.33 -29.67 14.07
N GLN H 6 -30.70 -29.27 12.97
CA GLN H 6 -30.79 -27.92 12.43
C GLN H 6 -32.25 -27.51 12.30
N SER H 7 -32.51 -26.21 12.34
CA SER H 7 -33.88 -25.71 12.25
C SER H 7 -33.88 -24.19 12.24
N PRO H 8 -34.84 -23.61 11.52
CA PRO H 8 -35.91 -24.33 10.80
C PRO H 8 -35.41 -25.14 9.61
N SER H 9 -36.20 -26.15 9.23
CA SER H 9 -35.83 -26.97 8.10
C SER H 9 -35.65 -26.14 6.84
N SER H 10 -36.34 -25.00 6.76
CA SER H 10 -36.22 -24.07 5.65
C SER H 10 -37.09 -22.86 5.98
N LEU H 11 -36.78 -21.69 5.42
CA LEU H 11 -37.48 -20.49 5.86
C LEU H 11 -37.47 -19.45 4.76
N SER H 12 -38.33 -18.44 4.91
CA SER H 12 -38.42 -17.34 3.96
C SER H 12 -38.54 -16.03 4.73
N ALA H 13 -37.76 -15.04 4.31
CA ALA H 13 -37.75 -13.73 4.94
C ALA H 13 -37.57 -12.66 3.87
N SER H 14 -37.82 -11.41 4.26
CA SER H 14 -37.76 -10.26 3.36
C SER H 14 -36.40 -9.58 3.48
N VAL H 15 -36.05 -8.81 2.45
CA VAL H 15 -34.74 -8.16 2.46
C VAL H 15 -34.64 -7.24 3.66
N GLY H 16 -33.45 -7.19 4.26
CA GLY H 16 -33.23 -6.39 5.44
C GLY H 16 -33.76 -6.98 6.74
N ASP H 17 -34.33 -8.18 6.69
CA ASP H 17 -34.92 -8.82 7.86
C ASP H 17 -33.83 -9.40 8.77
N ARG H 18 -34.26 -9.96 9.89
CA ARG H 18 -33.38 -10.54 10.91
C ARG H 18 -33.66 -12.03 10.96
N VAL H 19 -32.80 -12.84 10.34
CA VAL H 19 -33.00 -14.29 10.25
C VAL H 19 -32.21 -14.97 11.35
N THR H 20 -32.68 -16.14 11.77
CA THR H 20 -32.01 -16.90 12.82
C THR H 20 -32.19 -18.38 12.54
N ILE H 21 -31.08 -19.11 12.46
CA ILE H 21 -31.09 -20.57 12.38
C ILE H 21 -30.64 -21.09 13.73
N THR H 22 -31.10 -22.29 14.08
CA THR H 22 -30.78 -22.88 15.37
C THR H 22 -30.32 -24.31 15.17
N CYS H 23 -29.10 -24.61 15.62
CA CYS H 23 -28.56 -25.95 15.60
C CYS H 23 -28.64 -26.53 17.00
N ARG H 24 -29.34 -27.66 17.13
CA ARG H 24 -29.48 -28.36 18.40
C ARG H 24 -28.70 -29.67 18.34
N ALA H 25 -28.15 -30.07 19.48
CA ALA H 25 -27.36 -31.28 19.60
C ALA H 25 -27.94 -32.17 20.68
N SER H 26 -27.76 -33.47 20.51
CA SER H 26 -28.23 -34.43 21.50
C SER H 26 -27.26 -34.59 22.66
N GLN H 27 -26.26 -33.72 22.76
CA GLN H 27 -25.22 -33.87 23.76
C GLN H 27 -24.24 -32.71 23.65
N GLY H 28 -23.74 -32.25 24.78
CA GLY H 28 -22.82 -31.14 24.79
C GLY H 28 -21.64 -31.32 23.85
N ILE H 29 -21.26 -30.23 23.19
CA ILE H 29 -20.09 -30.19 22.31
C ILE H 29 -19.23 -28.98 22.58
N SER H 30 -19.60 -28.13 23.56
CA SER H 30 -18.89 -26.91 23.92
C SER H 30 -19.01 -25.85 22.84
N TYR H 31 -17.87 -25.33 22.40
CA TYR H 31 -17.83 -24.33 21.33
C TYR H 31 -17.35 -24.92 20.02
N ASN H 32 -17.17 -26.24 19.95
CA ASN H 32 -16.70 -26.94 18.76
C ASN H 32 -17.85 -27.14 17.76
N LEU H 33 -18.41 -26.03 17.31
CA LEU H 33 -19.48 -26.07 16.31
C LEU H 33 -19.19 -25.03 15.23
N ALA H 34 -19.44 -25.42 13.98
CA ALA H 34 -19.15 -24.56 12.83
C ALA H 34 -20.42 -24.35 11.99
N TRP H 35 -20.44 -23.24 11.24
CA TRP H 35 -21.52 -22.92 10.32
C TRP H 35 -20.98 -22.77 8.91
N TYR H 36 -21.69 -23.37 7.95
CA TYR H 36 -21.27 -23.38 6.55
C TYR H 36 -22.39 -22.84 5.66
N GLN H 37 -21.97 -22.17 4.59
CA GLN H 37 -22.87 -21.63 3.58
C GLN H 37 -22.62 -22.30 2.24
N GLN H 38 -23.70 -22.63 1.53
CA GLN H 38 -23.61 -23.24 0.20
C GLN H 38 -24.57 -22.51 -0.74
N LYS H 39 -24.06 -21.51 -1.45
CA LYS H 39 -24.88 -20.82 -2.42
C LYS H 39 -25.20 -21.78 -3.58
N PRO H 40 -26.37 -21.65 -4.19
CA PRO H 40 -26.77 -22.59 -5.24
C PRO H 40 -25.68 -22.74 -6.30
N GLY H 41 -25.34 -23.99 -6.61
CA GLY H 41 -24.32 -24.29 -7.60
C GLY H 41 -22.89 -24.09 -7.15
N ARG H 42 -22.67 -23.42 -6.03
CA ARG H 42 -21.34 -23.12 -5.54
C ARG H 42 -20.86 -24.17 -4.53
N VAL H 43 -19.56 -24.14 -4.27
CA VAL H 43 -18.96 -24.99 -3.25
C VAL H 43 -19.18 -24.37 -1.87
N PRO H 44 -19.30 -25.15 -0.81
CA PRO H 44 -19.52 -24.57 0.51
C PRO H 44 -18.31 -23.77 0.99
N ASN H 45 -18.56 -22.60 1.55
CA ASN H 45 -17.53 -21.82 2.24
C ASN H 45 -17.85 -21.73 3.73
N LEU H 46 -16.81 -21.55 4.53
CA LEU H 46 -16.94 -21.47 5.98
C LEU H 46 -17.40 -20.06 6.38
N LEU H 47 -18.30 -20.00 7.36
CA LEU H 47 -18.82 -18.73 7.88
C LEU H 47 -18.41 -18.53 9.33
N ILE H 48 -18.99 -19.29 10.26
CA ILE H 48 -18.66 -19.24 11.68
C ILE H 48 -17.88 -20.50 12.06
N HIS H 49 -16.95 -20.35 12.99
CA HIS H 49 -16.24 -21.49 13.53
C HIS H 49 -15.92 -21.20 14.98
N ALA H 50 -15.98 -22.25 15.81
CA ALA H 50 -15.93 -22.13 17.27
C ALA H 50 -17.25 -21.60 17.82
N ALA H 51 -18.33 -21.74 17.05
CA ALA H 51 -19.68 -21.38 17.48
C ALA H 51 -19.93 -19.90 17.26
N SER H 52 -18.92 -19.06 17.50
CA SER H 52 -19.11 -17.62 17.47
C SER H 52 -18.00 -16.83 16.79
N ARG H 53 -16.93 -17.46 16.32
CA ARG H 53 -15.83 -16.72 15.69
C ARG H 53 -16.07 -16.65 14.20
N LEU H 54 -15.97 -15.44 13.65
CA LEU H 54 -16.23 -15.24 12.23
C LEU H 54 -14.98 -15.56 11.42
N GLN H 55 -15.20 -16.03 10.19
CA GLN H 55 -14.11 -16.41 9.31
C GLN H 55 -13.75 -15.24 8.40
N SER H 56 -12.45 -15.07 8.15
CA SER H 56 -11.98 -13.96 7.33
C SER H 56 -12.78 -13.87 6.04
N GLY H 57 -12.96 -12.65 5.55
CA GLY H 57 -13.69 -12.45 4.31
C GLY H 57 -15.12 -12.94 4.33
N ALA H 58 -15.72 -13.06 5.51
CA ALA H 58 -17.13 -13.43 5.63
C ALA H 58 -17.94 -12.21 6.03
N PRO H 59 -19.08 -11.97 5.38
CA PRO H 59 -19.86 -10.76 5.68
C PRO H 59 -20.19 -10.63 7.17
N PHE H 60 -20.17 -9.39 7.67
CA PHE H 60 -20.34 -9.17 9.09
C PHE H 60 -21.76 -9.43 9.57
N ARG H 61 -22.73 -9.42 8.67
CA ARG H 61 -24.11 -9.74 9.06
C ARG H 61 -24.23 -11.09 9.76
N PHE H 62 -23.27 -12.00 9.53
CA PHE H 62 -23.33 -13.35 10.09
C PHE H 62 -22.64 -13.39 11.44
N SER H 63 -23.30 -14.01 12.40
CA SER H 63 -22.77 -14.12 13.76
C SER H 63 -23.37 -15.35 14.41
N GLY H 64 -22.61 -15.97 15.29
CA GLY H 64 -23.09 -17.17 15.95
C GLY H 64 -23.03 -17.09 17.46
N SER H 65 -24.16 -17.27 18.13
CA SER H 65 -24.23 -17.11 19.59
C SER H 65 -24.88 -18.36 20.19
N GLY H 66 -24.05 -19.34 20.53
CA GLY H 66 -24.52 -20.52 21.22
C GLY H 66 -23.39 -21.19 21.99
N SER H 67 -23.72 -22.30 22.63
CA SER H 67 -22.74 -23.15 23.28
C SER H 67 -23.48 -24.27 24.00
N GLY H 68 -22.73 -25.32 24.33
CA GLY H 68 -23.29 -26.50 24.94
C GLY H 68 -23.95 -27.41 23.93
N THR H 69 -25.27 -27.54 24.02
CA THR H 69 -26.06 -28.34 23.08
C THR H 69 -27.18 -27.51 22.50
N ASP H 70 -26.85 -26.29 22.07
CA ASP H 70 -27.85 -25.36 21.54
C ASP H 70 -27.18 -24.10 21.01
N PHE H 71 -27.11 -23.98 19.69
CA PHE H 71 -26.36 -22.92 19.01
C PHE H 71 -27.28 -22.14 18.07
N THR H 72 -26.79 -20.99 17.61
CA THR H 72 -27.63 -20.10 16.81
C THR H 72 -26.78 -19.33 15.80
N LEU H 73 -27.06 -19.52 14.52
CA LEU H 73 -26.55 -18.67 13.46
C LEU H 73 -27.58 -17.60 13.16
N THR H 74 -27.17 -16.33 13.14
CA THR H 74 -28.09 -15.22 12.94
C THR H 74 -27.58 -14.27 11.87
N ILE H 75 -28.47 -13.90 10.94
CA ILE H 75 -28.21 -12.88 9.93
C ILE H 75 -29.05 -11.67 10.24
N SER H 76 -28.42 -10.50 10.28
CA SER H 76 -29.12 -9.24 10.48
C SER H 76 -29.03 -8.44 9.19
N SER H 77 -30.11 -7.76 8.84
CA SER H 77 -30.21 -7.04 7.57
C SER H 77 -29.97 -8.01 6.40
N LEU H 78 -30.82 -9.03 6.33
CA LEU H 78 -30.71 -10.04 5.29
C LEU H 78 -30.68 -9.38 3.92
N GLN H 79 -29.82 -9.90 3.04
CA GLN H 79 -29.69 -9.34 1.70
C GLN H 79 -29.96 -10.41 0.65
N PRO H 80 -30.09 -10.04 -0.62
CA PRO H 80 -30.36 -11.07 -1.63
C PRO H 80 -29.19 -12.02 -1.83
N GLU H 81 -27.95 -11.54 -1.73
CA GLU H 81 -26.79 -12.40 -1.96
C GLU H 81 -26.74 -13.58 -0.99
N ASP H 82 -27.34 -13.43 0.19
CA ASP H 82 -27.29 -14.47 1.22
C ASP H 82 -28.29 -15.61 0.96
N VAL H 83 -28.75 -15.77 -0.28
CA VAL H 83 -29.66 -16.88 -0.62
C VAL H 83 -28.83 -18.14 -0.82
N ALA H 84 -29.12 -19.15 -0.01
CA ALA H 84 -28.38 -20.42 -0.05
C ALA H 84 -28.90 -21.38 1.01
N THR H 85 -28.21 -22.50 1.19
CA THR H 85 -28.54 -23.47 2.22
C THR H 85 -27.44 -23.45 3.26
N TYR H 86 -27.82 -23.36 4.53
CA TYR H 86 -26.88 -23.22 5.64
C TYR H 86 -26.84 -24.51 6.42
N TYR H 87 -25.64 -25.02 6.68
CA TYR H 87 -25.43 -26.27 7.39
C TYR H 87 -24.60 -25.99 8.64
N CYS H 88 -24.96 -26.62 9.75
CA CYS H 88 -24.11 -26.62 10.93
C CYS H 88 -23.39 -27.96 11.06
N GLN H 89 -22.16 -27.91 11.55
CA GLN H 89 -21.32 -29.08 11.68
C GLN H 89 -20.73 -29.11 13.07
N LYS H 90 -20.80 -30.26 13.72
CA LYS H 90 -20.24 -30.45 15.06
C LYS H 90 -18.90 -31.14 14.91
N TYR H 91 -17.82 -30.46 15.27
CA TYR H 91 -16.48 -31.03 15.22
C TYR H 91 -15.96 -31.26 16.64
N ASP H 92 -16.85 -31.70 17.53
CA ASP H 92 -16.46 -32.03 18.90
C ASP H 92 -15.41 -33.14 18.92
N SER H 93 -15.76 -34.30 18.37
CA SER H 93 -14.84 -35.40 18.12
C SER H 93 -15.43 -36.19 16.97
N VAL H 94 -14.64 -37.13 16.46
CA VAL H 94 -15.08 -37.97 15.36
C VAL H 94 -16.31 -38.75 15.78
N PRO H 95 -17.34 -38.77 14.92
CA PRO H 95 -17.41 -38.16 13.60
C PRO H 95 -17.82 -36.69 13.56
N LEU H 96 -17.21 -35.92 12.66
CA LEU H 96 -17.52 -34.51 12.52
C LEU H 96 -18.88 -34.30 11.84
N THR H 97 -19.96 -34.73 12.49
CA THR H 97 -21.29 -34.73 11.88
C THR H 97 -21.68 -33.36 11.33
N PHE H 98 -22.59 -33.37 10.35
CA PHE H 98 -23.16 -32.16 9.78
C PHE H 98 -24.63 -32.04 10.18
N GLY H 99 -25.12 -30.82 10.23
CA GLY H 99 -26.55 -30.62 10.39
C GLY H 99 -27.31 -31.20 9.21
N GLN H 100 -28.64 -31.16 9.33
CA GLN H 100 -29.48 -31.63 8.23
C GLN H 100 -29.66 -30.58 7.16
N GLY H 101 -29.41 -29.32 7.46
CA GLY H 101 -29.53 -28.25 6.49
C GLY H 101 -30.72 -27.34 6.78
N THR H 102 -30.61 -26.09 6.31
CA THR H 102 -31.71 -25.12 6.38
C THR H 102 -31.67 -24.28 5.11
N LYS H 103 -32.76 -24.27 4.36
CA LYS H 103 -32.84 -23.55 3.09
C LYS H 103 -33.47 -22.18 3.34
N VAL H 104 -32.75 -21.12 2.97
CA VAL H 104 -33.17 -19.74 3.21
C VAL H 104 -33.44 -19.08 1.87
N GLU H 105 -34.68 -18.60 1.67
CA GLU H 105 -35.07 -17.97 0.41
C GLU H 105 -35.72 -16.61 0.68
N ILE H 106 -35.46 -15.66 -0.21
CA ILE H 106 -35.95 -14.29 -0.09
C ILE H 106 -37.32 -14.16 -0.73
N LYS H 107 -38.13 -13.24 -0.22
CA LYS H 107 -39.38 -12.85 -0.87
C LYS H 107 -39.28 -11.38 -1.23
N ARG H 108 -39.35 -11.08 -2.53
CA ARG H 108 -39.11 -9.72 -3.01
C ARG H 108 -40.02 -9.45 -4.20
N THR H 109 -41.09 -8.69 -3.96
CA THR H 109 -42.06 -8.28 -4.98
C THR H 109 -42.66 -9.47 -5.71
N VAL H 110 -43.83 -9.27 -6.30
CA VAL H 110 -44.38 -10.25 -7.23
C VAL H 110 -43.92 -9.85 -8.62
N ALA H 111 -43.49 -10.83 -9.40
CA ALA H 111 -43.01 -10.59 -10.75
C ALA H 111 -43.67 -11.57 -11.70
N ALA H 112 -44.15 -11.05 -12.81
CA ALA H 112 -44.75 -11.93 -13.80
C ALA H 112 -43.66 -12.47 -14.72
N PRO H 113 -43.75 -13.73 -15.14
CA PRO H 113 -42.66 -14.29 -15.95
C PRO H 113 -42.68 -13.77 -17.37
N SER H 114 -41.49 -13.54 -17.91
CA SER H 114 -41.34 -13.26 -19.33
C SER H 114 -41.26 -14.60 -20.04
N VAL H 115 -42.18 -14.82 -20.97
CA VAL H 115 -42.36 -16.13 -21.59
C VAL H 115 -41.73 -16.11 -22.98
N PHE H 116 -41.04 -17.20 -23.31
CA PHE H 116 -40.49 -17.41 -24.64
C PHE H 116 -40.72 -18.87 -25.01
N ILE H 117 -40.91 -19.11 -26.30
CA ILE H 117 -41.11 -20.46 -26.83
C ILE H 117 -40.12 -20.65 -27.96
N PHE H 118 -39.51 -21.82 -28.02
CA PHE H 118 -38.51 -22.16 -29.03
C PHE H 118 -38.96 -23.40 -29.77
N PRO H 119 -39.22 -23.34 -31.08
CA PRO H 119 -39.53 -24.55 -31.83
C PRO H 119 -38.32 -25.47 -31.88
N PRO H 120 -38.49 -26.72 -32.30
CA PRO H 120 -37.33 -27.61 -32.37
C PRO H 120 -36.42 -27.20 -33.51
N SER H 121 -35.12 -27.22 -33.26
CA SER H 121 -34.16 -26.75 -34.25
C SER H 121 -34.05 -27.75 -35.40
N ASP H 122 -33.70 -27.21 -36.58
CA ASP H 122 -33.49 -28.06 -37.75
C ASP H 122 -32.38 -29.08 -37.50
N GLU H 123 -31.35 -28.71 -36.74
CA GLU H 123 -30.26 -29.63 -36.47
C GLU H 123 -30.75 -30.87 -35.72
N GLN H 124 -31.70 -30.69 -34.81
CA GLN H 124 -32.24 -31.81 -34.04
C GLN H 124 -33.23 -32.64 -34.85
N LEU H 125 -34.18 -31.97 -35.53
CA LEU H 125 -35.16 -32.70 -36.34
C LEU H 125 -34.48 -33.68 -37.29
N LYS H 126 -33.31 -33.32 -37.80
CA LYS H 126 -32.57 -34.22 -38.68
C LYS H 126 -32.32 -35.56 -37.99
N SER H 127 -32.07 -35.54 -36.67
CA SER H 127 -31.68 -36.74 -35.95
C SER H 127 -32.88 -37.53 -35.40
N GLY H 128 -34.11 -37.14 -35.71
CA GLY H 128 -35.28 -37.93 -35.39
C GLY H 128 -35.97 -37.65 -34.06
N THR H 129 -35.58 -36.61 -33.34
CA THR H 129 -36.23 -36.24 -32.09
C THR H 129 -36.61 -34.77 -32.14
N ALA H 130 -37.75 -34.44 -31.53
CA ALA H 130 -38.28 -33.07 -31.54
C ALA H 130 -38.62 -32.63 -30.13
N SER H 131 -37.81 -31.72 -29.59
CA SER H 131 -38.00 -31.16 -28.25
C SER H 131 -38.43 -29.70 -28.42
N VAL H 132 -39.62 -29.39 -27.92
CA VAL H 132 -40.14 -28.01 -27.90
C VAL H 132 -39.95 -27.46 -26.49
N VAL H 133 -39.30 -26.30 -26.39
CA VAL H 133 -38.95 -25.71 -25.11
C VAL H 133 -39.81 -24.48 -24.87
N CYS H 134 -40.36 -24.38 -23.66
CA CYS H 134 -41.09 -23.20 -23.21
C CYS H 134 -40.39 -22.67 -21.97
N LEU H 135 -40.06 -21.38 -21.99
CA LEU H 135 -39.23 -20.77 -20.97
C LEU H 135 -40.00 -19.72 -20.18
N LEU H 136 -39.85 -19.76 -18.86
CA LEU H 136 -40.38 -18.74 -17.97
C LEU H 136 -39.21 -18.08 -17.25
N ASN H 137 -39.02 -16.79 -17.49
CA ASN H 137 -37.82 -16.08 -17.06
C ASN H 137 -38.15 -15.09 -15.95
N ASN H 138 -37.38 -15.18 -14.85
CA ASN H 138 -37.39 -14.18 -13.79
C ASN H 138 -38.79 -13.85 -13.28
N PHE H 139 -39.32 -14.69 -12.40
CA PHE H 139 -40.64 -14.47 -11.83
C PHE H 139 -40.62 -14.79 -10.34
N TYR H 140 -41.72 -14.48 -9.67
CA TYR H 140 -41.87 -14.77 -8.26
C TYR H 140 -43.35 -14.71 -7.90
N PRO H 141 -43.85 -15.63 -7.07
CA PRO H 141 -43.19 -16.77 -6.43
C PRO H 141 -42.98 -17.98 -7.37
N ARG H 142 -42.49 -19.10 -6.82
CA ARG H 142 -42.14 -20.23 -7.67
C ARG H 142 -43.40 -20.87 -8.26
N GLU H 143 -44.48 -20.94 -7.49
CA GLU H 143 -45.70 -21.59 -7.95
C GLU H 143 -46.10 -21.09 -9.33
N ALA H 144 -46.39 -22.03 -10.22
CA ALA H 144 -46.78 -21.70 -11.59
C ALA H 144 -47.16 -22.98 -12.32
N LYS H 145 -48.19 -22.91 -13.14
CA LYS H 145 -48.70 -24.06 -13.87
C LYS H 145 -48.51 -23.84 -15.36
N VAL H 146 -47.95 -24.83 -16.03
CA VAL H 146 -47.70 -24.78 -17.47
C VAL H 146 -48.47 -25.90 -18.14
N GLN H 147 -49.15 -25.58 -19.25
CA GLN H 147 -49.88 -26.56 -20.03
C GLN H 147 -49.41 -26.50 -21.47
N TRP H 148 -49.27 -27.66 -22.09
CA TRP H 148 -48.92 -27.76 -23.49
C TRP H 148 -50.17 -28.06 -24.31
N LYS H 149 -50.30 -27.39 -25.44
CA LYS H 149 -51.42 -27.62 -26.36
C LYS H 149 -50.90 -27.73 -27.77
N VAL H 150 -51.51 -28.63 -28.54
CA VAL H 150 -51.08 -28.94 -29.89
C VAL H 150 -52.33 -29.00 -30.76
N ASP H 151 -52.51 -28.00 -31.63
CA ASP H 151 -53.75 -27.85 -32.39
C ASP H 151 -54.95 -27.86 -31.45
N ASN H 152 -54.82 -27.15 -30.32
CA ASN H 152 -55.84 -27.00 -29.28
C ASN H 152 -55.93 -28.25 -28.42
N ALA H 153 -55.15 -29.29 -28.70
CA ALA H 153 -55.22 -30.54 -27.96
C ALA H 153 -54.31 -30.45 -26.72
N LEU H 154 -54.91 -30.61 -25.55
CA LEU H 154 -54.18 -30.51 -24.29
C LEU H 154 -53.33 -31.76 -24.07
N GLN H 155 -52.01 -31.59 -24.07
CA GLN H 155 -51.07 -32.70 -23.93
C GLN H 155 -50.59 -32.82 -22.49
N SER H 156 -50.73 -34.03 -21.94
CA SER H 156 -50.30 -34.34 -20.58
C SER H 156 -49.49 -35.62 -20.57
N GLY H 157 -48.42 -35.64 -19.78
CA GLY H 157 -47.59 -36.80 -19.56
C GLY H 157 -46.29 -36.80 -20.33
N ASN H 158 -46.25 -36.18 -21.50
CA ASN H 158 -45.04 -36.14 -22.33
C ASN H 158 -44.25 -34.84 -22.15
N SER H 159 -44.38 -34.22 -20.97
CA SER H 159 -43.74 -32.95 -20.68
C SER H 159 -42.86 -33.10 -19.45
N GLN H 160 -41.72 -32.41 -19.46
CA GLN H 160 -40.80 -32.36 -18.34
C GLN H 160 -40.45 -30.92 -18.05
N GLU H 161 -40.43 -30.55 -16.77
CA GLU H 161 -40.09 -29.19 -16.39
C GLU H 161 -39.05 -29.20 -15.29
N SER H 162 -38.20 -28.17 -15.31
CA SER H 162 -37.08 -28.04 -14.38
C SER H 162 -36.99 -26.58 -13.97
N VAL H 163 -36.65 -26.34 -12.71
CA VAL H 163 -36.69 -25.00 -12.11
C VAL H 163 -35.31 -24.68 -11.55
N THR H 164 -34.81 -23.49 -11.88
CA THR H 164 -33.57 -23.01 -11.29
C THR H 164 -33.81 -22.50 -9.88
N GLU H 165 -32.77 -22.56 -9.05
CA GLU H 165 -32.90 -22.01 -7.72
C GLU H 165 -32.87 -20.48 -7.79
N GLN H 166 -33.38 -19.86 -6.73
CA GLN H 166 -33.57 -18.41 -6.70
C GLN H 166 -32.26 -17.69 -6.99
N ASP H 167 -32.34 -16.69 -7.86
CA ASP H 167 -31.16 -15.94 -8.26
C ASP H 167 -30.63 -15.12 -7.08
N SER H 168 -29.31 -14.96 -7.04
CA SER H 168 -28.69 -14.29 -5.89
C SER H 168 -28.97 -12.79 -5.91
N LYS H 169 -28.91 -12.15 -7.07
CA LYS H 169 -28.97 -10.69 -7.10
C LYS H 169 -30.40 -10.15 -7.07
N ASP H 170 -31.30 -10.73 -7.87
CA ASP H 170 -32.65 -10.20 -7.98
C ASP H 170 -33.73 -11.11 -7.40
N SER H 171 -33.36 -12.29 -6.91
CA SER H 171 -34.28 -13.15 -6.16
C SER H 171 -35.46 -13.65 -7.00
N THR H 172 -35.20 -13.97 -8.28
CA THR H 172 -36.24 -14.43 -9.17
C THR H 172 -35.97 -15.87 -9.57
N TYR H 173 -36.98 -16.52 -10.11
CA TYR H 173 -36.87 -17.89 -10.57
C TYR H 173 -36.94 -17.95 -12.09
N SER H 174 -36.53 -19.09 -12.63
CA SER H 174 -36.71 -19.39 -14.04
C SER H 174 -37.12 -20.85 -14.15
N LEU H 175 -38.05 -21.15 -15.06
CA LEU H 175 -38.56 -22.50 -15.26
C LEU H 175 -38.45 -22.87 -16.72
N SER H 176 -38.09 -24.12 -16.97
CA SER H 176 -38.02 -24.67 -18.32
C SER H 176 -39.02 -25.81 -18.41
N SER H 177 -39.79 -25.84 -19.49
CA SER H 177 -40.70 -26.94 -19.76
C SER H 177 -40.43 -27.43 -21.17
N THR H 178 -39.97 -28.68 -21.29
CA THR H 178 -39.56 -29.27 -22.54
C THR H 178 -40.58 -30.34 -22.93
N LEU H 179 -41.09 -30.26 -24.14
CA LEU H 179 -42.03 -31.24 -24.69
C LEU H 179 -41.28 -32.06 -25.74
N THR H 180 -41.05 -33.33 -25.45
CA THR H 180 -40.31 -34.22 -26.33
C THR H 180 -41.29 -35.15 -27.03
N LEU H 181 -41.23 -35.17 -28.37
CA LEU H 181 -42.04 -36.05 -29.20
C LEU H 181 -41.15 -36.69 -30.26
N SER H 182 -41.70 -37.69 -30.94
CA SER H 182 -41.01 -38.33 -32.04
C SER H 182 -41.08 -37.46 -33.29
N LYS H 183 -40.25 -37.79 -34.28
CA LYS H 183 -40.20 -37.00 -35.52
C LYS H 183 -41.51 -37.15 -36.30
N ALA H 184 -41.97 -38.38 -36.49
CA ALA H 184 -43.24 -38.60 -37.17
C ALA H 184 -44.37 -37.85 -36.48
N ASP H 185 -44.39 -37.89 -35.14
CA ASP H 185 -45.48 -37.27 -34.39
C ASP H 185 -45.47 -35.74 -34.55
N TYR H 186 -44.27 -35.15 -34.59
CA TYR H 186 -44.18 -33.69 -34.63
C TYR H 186 -44.78 -33.13 -35.92
N GLU H 187 -44.46 -33.74 -37.07
CA GLU H 187 -44.94 -33.19 -38.33
C GLU H 187 -46.44 -33.30 -38.50
N LYS H 188 -47.13 -34.04 -37.63
CA LYS H 188 -48.55 -34.31 -37.80
C LYS H 188 -49.43 -33.36 -37.01
N HIS H 189 -48.91 -32.21 -36.60
CA HIS H 189 -49.71 -31.18 -35.98
C HIS H 189 -49.14 -29.82 -36.34
N LYS H 190 -49.99 -28.79 -36.26
CA LYS H 190 -49.68 -27.47 -36.80
C LYS H 190 -49.32 -26.47 -35.73
N VAL H 191 -50.24 -26.14 -34.82
CA VAL H 191 -50.04 -25.12 -33.80
C VAL H 191 -49.57 -25.79 -32.51
N TYR H 192 -48.40 -25.40 -32.03
CA TYR H 192 -47.88 -25.84 -30.74
C TYR H 192 -47.91 -24.66 -29.78
N ALA H 193 -48.69 -24.77 -28.71
CA ALA H 193 -48.95 -23.66 -27.80
C ALA H 193 -48.57 -24.00 -26.37
N CYS H 194 -48.00 -23.03 -25.68
CA CYS H 194 -47.61 -23.15 -24.28
C CYS H 194 -48.38 -22.14 -23.46
N GLU H 195 -49.25 -22.62 -22.56
CA GLU H 195 -50.08 -21.75 -21.73
C GLU H 195 -49.54 -21.70 -20.31
N VAL H 196 -49.38 -20.48 -19.79
CA VAL H 196 -48.83 -20.25 -18.47
C VAL H 196 -49.90 -19.67 -17.57
N THR H 197 -50.03 -20.24 -16.37
CA THR H 197 -50.87 -19.71 -15.31
C THR H 197 -49.97 -19.29 -14.16
N HIS H 198 -49.99 -18.01 -13.82
CA HIS H 198 -49.17 -17.51 -12.73
C HIS H 198 -49.90 -16.38 -12.03
N GLN H 199 -49.52 -16.17 -10.76
CA GLN H 199 -50.20 -15.16 -9.95
C GLN H 199 -50.07 -13.77 -10.54
N GLY H 200 -48.91 -13.44 -11.09
CA GLY H 200 -48.67 -12.14 -11.67
C GLY H 200 -49.27 -11.98 -13.06
N LEU H 201 -50.24 -12.83 -13.40
CA LEU H 201 -50.95 -12.77 -14.66
C LEU H 201 -52.44 -12.66 -14.36
N SER H 202 -53.06 -11.57 -14.83
CA SER H 202 -54.51 -11.42 -14.66
C SER H 202 -55.26 -12.53 -15.40
N SER H 203 -54.72 -12.99 -16.53
CA SER H 203 -55.34 -14.00 -17.35
C SER H 203 -54.24 -14.91 -17.88
N PRO H 204 -54.47 -16.23 -17.90
CA PRO H 204 -53.42 -17.16 -18.35
C PRO H 204 -52.87 -16.76 -19.71
N VAL H 205 -51.54 -16.74 -19.81
CA VAL H 205 -50.85 -16.30 -21.03
C VAL H 205 -50.54 -17.50 -21.91
N THR H 206 -50.62 -17.28 -23.22
CA THR H 206 -50.39 -18.33 -24.21
C THR H 206 -49.31 -17.86 -25.19
N LYS H 207 -48.34 -18.74 -25.46
CA LYS H 207 -47.30 -18.51 -26.46
C LYS H 207 -47.32 -19.65 -27.45
N SER H 208 -47.52 -19.33 -28.74
CA SER H 208 -47.67 -20.33 -29.78
C SER H 208 -46.76 -20.02 -30.96
N PHE H 209 -46.57 -21.04 -31.79
CA PHE H 209 -45.89 -20.88 -33.07
C PHE H 209 -46.49 -21.87 -34.06
N ASN H 210 -46.41 -21.53 -35.34
CA ASN H 210 -46.86 -22.40 -36.42
C ASN H 210 -45.65 -23.13 -36.98
N ARG H 211 -45.76 -24.45 -37.06
CA ARG H 211 -44.63 -25.31 -37.39
C ARG H 211 -43.91 -24.87 -38.67
N GLY H 212 -42.59 -24.74 -38.58
CA GLY H 212 -41.78 -24.41 -39.74
C GLY H 212 -41.94 -22.99 -40.25
N GLU H 213 -42.18 -22.03 -39.35
CA GLU H 213 -42.33 -20.63 -39.72
C GLU H 213 -41.26 -19.79 -39.03
N CYS H 214 -40.79 -18.76 -39.73
CA CYS H 214 -39.73 -17.89 -39.21
C CYS H 214 -40.32 -16.75 -38.39
#